data_1LSL
# 
_entry.id   1LSL 
# 
_audit_conform.dict_name       mmcif_pdbx.dic 
_audit_conform.dict_version    5.397 
_audit_conform.dict_location   http://mmcif.pdb.org/dictionaries/ascii/mmcif_pdbx.dic 
# 
loop_
_database_2.database_id 
_database_2.database_code 
_database_2.pdbx_database_accession 
_database_2.pdbx_DOI 
PDB   1LSL         pdb_00001lsl 10.2210/pdb1lsl/pdb 
RCSB  RCSB016244   ?            ?                   
WWPDB D_1000016244 ?            ?                   
# 
loop_
_pdbx_audit_revision_history.ordinal 
_pdbx_audit_revision_history.data_content_type 
_pdbx_audit_revision_history.major_revision 
_pdbx_audit_revision_history.minor_revision 
_pdbx_audit_revision_history.revision_date 
1 'Structure model' 1 0 2002-12-18 
2 'Structure model' 1 1 2008-04-28 
3 'Structure model' 1 2 2011-07-13 
4 'Structure model' 1 3 2020-07-29 
5 'Structure model' 1 4 2024-10-30 
# 
loop_
_pdbx_audit_revision_details.ordinal 
_pdbx_audit_revision_details.revision_ordinal 
_pdbx_audit_revision_details.data_content_type 
_pdbx_audit_revision_details.provider 
_pdbx_audit_revision_details.type 
_pdbx_audit_revision_details.description 
_pdbx_audit_revision_details.details 
1 1 'Structure model' repository 'Initial release' ?                          ? 
2 4 'Structure model' repository Remediation       'Carbohydrate remediation' ? 
# 
loop_
_pdbx_audit_revision_group.ordinal 
_pdbx_audit_revision_group.revision_ordinal 
_pdbx_audit_revision_group.data_content_type 
_pdbx_audit_revision_group.group 
1 2 'Structure model' 'Version format compliance' 
2 3 'Structure model' 'Version format compliance' 
3 4 'Structure model' Advisory                    
4 4 'Structure model' 'Data collection'           
5 4 'Structure model' 'Derived calculations'      
6 4 'Structure model' 'Structure summary'         
7 5 'Structure model' 'Data collection'           
8 5 'Structure model' 'Database references'       
9 5 'Structure model' 'Structure summary'         
# 
loop_
_pdbx_audit_revision_category.ordinal 
_pdbx_audit_revision_category.revision_ordinal 
_pdbx_audit_revision_category.data_content_type 
_pdbx_audit_revision_category.category 
1  4 'Structure model' chem_comp                 
2  4 'Structure model' database_PDB_caveat       
3  4 'Structure model' entity                    
4  4 'Structure model' pdbx_chem_comp_identifier 
5  4 'Structure model' pdbx_entity_nonpoly       
6  4 'Structure model' struct_conn               
7  4 'Structure model' struct_site               
8  4 'Structure model' struct_site_gen           
9  5 'Structure model' chem_comp                 
10 5 'Structure model' chem_comp_atom            
11 5 'Structure model' chem_comp_bond            
12 5 'Structure model' database_2                
13 5 'Structure model' pdbx_entry_details        
14 5 'Structure model' pdbx_modification_feature 
# 
loop_
_pdbx_audit_revision_item.ordinal 
_pdbx_audit_revision_item.revision_ordinal 
_pdbx_audit_revision_item.data_content_type 
_pdbx_audit_revision_item.item 
1 4 'Structure model' '_chem_comp.name'                     
2 4 'Structure model' '_chem_comp.type'                     
3 4 'Structure model' '_entity.pdbx_description'            
4 4 'Structure model' '_pdbx_entity_nonpoly.name'           
5 4 'Structure model' '_struct_conn.pdbx_leaving_atom_flag' 
6 4 'Structure model' '_struct_conn.pdbx_role'              
7 5 'Structure model' '_chem_comp.pdbx_synonyms'            
8 5 'Structure model' '_database_2.pdbx_DOI'                
9 5 'Structure model' '_database_2.pdbx_database_accession' 
# 
_database_PDB_caveat.id     1 
_database_PDB_caveat.text   'FUC A 1489 HAS WRONG CHIRALITY AT ATOM C1' 
# 
_pdbx_database_status.status_code                     REL 
_pdbx_database_status.entry_id                        1LSL 
_pdbx_database_status.recvd_initial_deposition_date   2002-05-17 
_pdbx_database_status.deposit_site                    RCSB 
_pdbx_database_status.process_site                    RCSB 
_pdbx_database_status.status_code_sf                  REL 
_pdbx_database_status.SG_entry                        . 
_pdbx_database_status.pdb_format_compatible           Y 
_pdbx_database_status.status_code_mr                  ? 
_pdbx_database_status.status_code_cs                  ? 
_pdbx_database_status.status_code_nmr_data            ? 
_pdbx_database_status.methods_development_category    ? 
# 
loop_
_audit_author.name 
_audit_author.pdbx_ordinal 
'Tan, K.'        1 
'Duquette, M.'   2 
'Liu, J.'        3 
'Dong, Y.'       4 
'Zhang, R.'      5 
'Joachimiak, A.' 6 
'Lawler, J.'     7 
'Wang, J.-H.'    8 
# 
_citation.id                        primary 
_citation.title                     
;Crystal structure of the TSP-1 type 1 repeats: a novel  
layered fold and its biological implication.
;
_citation.journal_abbrev            'J.Cell Biol.' 
_citation.journal_volume            159 
_citation.page_first                373 
_citation.page_last                 382 
_citation.year                      2002 
_citation.journal_id_ASTM           JCLBA3 
_citation.country                   US 
_citation.journal_id_ISSN           0021-9525 
_citation.journal_id_CSD            2019 
_citation.book_publisher            ? 
_citation.pdbx_database_id_PubMed   12391027 
_citation.pdbx_database_id_DOI      10.1083/jcb.200206062 
# 
loop_
_citation_author.citation_id 
_citation_author.name 
_citation_author.ordinal 
_citation_author.identifier_ORCID 
primary 'Tan, K.'        1 ? 
primary 'Duquette, M.'   2 ? 
primary 'Liu, J.H.'      3 ? 
primary 'Dong, Y.'       4 ? 
primary 'Zhang, R.'      5 ? 
primary 'Joachimiak, A.' 6 ? 
primary 'Lawler, J.'     7 ? 
primary 'Wang, J.H.'     8 ? 
# 
loop_
_entity.id 
_entity.type 
_entity.src_method 
_entity.pdbx_description 
_entity.formula_weight 
_entity.pdbx_number_of_molecules 
_entity.pdbx_ec 
_entity.pdbx_mutation 
_entity.pdbx_fragment 
_entity.details 
1 polymer     man 'Thrombospondin 1'   12176.628 1   ? ? 'TSP Type 1 Repeats 2 and 3 (residues 434-546)' ? 
2 non-polymer man beta-L-fucopyranose  164.156   1   ? ? ?                                               ? 
3 non-polymer man alpha-L-fucopyranose 164.156   1   ? ? ?                                               ? 
4 water       nat water                18.015    154 ? ? ?                                               ? 
# 
_entity_poly.entity_id                      1 
_entity_poly.type                           'polypeptide(L)' 
_entity_poly.nstd_linkage                   no 
_entity_poly.nstd_monomer                   no 
_entity_poly.pdbx_seq_one_letter_code       
;QDGGWSHWSPWSSCSVTCGDGVITRIRLCNSPSPQMNGKPCEGEARETKACKKDACPINGGWGPWSPWDICSVTCGGGVQ
KRSRLCNNPTPQFGGKDCVGDVTENQICNKQDC
;
_entity_poly.pdbx_seq_one_letter_code_can   
;QDGGWSHWSPWSSCSVTCGDGVITRIRLCNSPSPQMNGKPCEGEARETKACKKDACPINGGWGPWSPWDICSVTCGGGVQ
KRSRLCNNPTPQFGGKDCVGDVTENQICNKQDC
;
_entity_poly.pdbx_strand_id                 A 
_entity_poly.pdbx_target_identifier         ? 
# 
loop_
_pdbx_entity_nonpoly.entity_id 
_pdbx_entity_nonpoly.name 
_pdbx_entity_nonpoly.comp_id 
2 beta-L-fucopyranose  FUL 
3 alpha-L-fucopyranose FUC 
4 water                HOH 
# 
loop_
_entity_poly_seq.entity_id 
_entity_poly_seq.num 
_entity_poly_seq.mon_id 
_entity_poly_seq.hetero 
1 1   GLN n 
1 2   ASP n 
1 3   GLY n 
1 4   GLY n 
1 5   TRP n 
1 6   SER n 
1 7   HIS n 
1 8   TRP n 
1 9   SER n 
1 10  PRO n 
1 11  TRP n 
1 12  SER n 
1 13  SER n 
1 14  CYS n 
1 15  SER n 
1 16  VAL n 
1 17  THR n 
1 18  CYS n 
1 19  GLY n 
1 20  ASP n 
1 21  GLY n 
1 22  VAL n 
1 23  ILE n 
1 24  THR n 
1 25  ARG n 
1 26  ILE n 
1 27  ARG n 
1 28  LEU n 
1 29  CYS n 
1 30  ASN n 
1 31  SER n 
1 32  PRO n 
1 33  SER n 
1 34  PRO n 
1 35  GLN n 
1 36  MET n 
1 37  ASN n 
1 38  GLY n 
1 39  LYS n 
1 40  PRO n 
1 41  CYS n 
1 42  GLU n 
1 43  GLY n 
1 44  GLU n 
1 45  ALA n 
1 46  ARG n 
1 47  GLU n 
1 48  THR n 
1 49  LYS n 
1 50  ALA n 
1 51  CYS n 
1 52  LYS n 
1 53  LYS n 
1 54  ASP n 
1 55  ALA n 
1 56  CYS n 
1 57  PRO n 
1 58  ILE n 
1 59  ASN n 
1 60  GLY n 
1 61  GLY n 
1 62  TRP n 
1 63  GLY n 
1 64  PRO n 
1 65  TRP n 
1 66  SER n 
1 67  PRO n 
1 68  TRP n 
1 69  ASP n 
1 70  ILE n 
1 71  CYS n 
1 72  SER n 
1 73  VAL n 
1 74  THR n 
1 75  CYS n 
1 76  GLY n 
1 77  GLY n 
1 78  GLY n 
1 79  VAL n 
1 80  GLN n 
1 81  LYS n 
1 82  ARG n 
1 83  SER n 
1 84  ARG n 
1 85  LEU n 
1 86  CYS n 
1 87  ASN n 
1 88  ASN n 
1 89  PRO n 
1 90  THR n 
1 91  PRO n 
1 92  GLN n 
1 93  PHE n 
1 94  GLY n 
1 95  GLY n 
1 96  LYS n 
1 97  ASP n 
1 98  CYS n 
1 99  VAL n 
1 100 GLY n 
1 101 ASP n 
1 102 VAL n 
1 103 THR n 
1 104 GLU n 
1 105 ASN n 
1 106 GLN n 
1 107 ILE n 
1 108 CYS n 
1 109 ASN n 
1 110 LYS n 
1 111 GLN n 
1 112 ASP n 
1 113 CYS n 
# 
_entity_src_gen.entity_id                          1 
_entity_src_gen.pdbx_src_id                        1 
_entity_src_gen.pdbx_alt_source_flag               sample 
_entity_src_gen.pdbx_seq_type                      ? 
_entity_src_gen.pdbx_beg_seq_num                   ? 
_entity_src_gen.pdbx_end_seq_num                   ? 
_entity_src_gen.gene_src_common_name               human 
_entity_src_gen.gene_src_genus                     Homo 
_entity_src_gen.pdbx_gene_src_gene                 THBS1 
_entity_src_gen.gene_src_species                   ? 
_entity_src_gen.gene_src_strain                    ? 
_entity_src_gen.gene_src_tissue                    ? 
_entity_src_gen.gene_src_tissue_fraction           ? 
_entity_src_gen.gene_src_details                   ? 
_entity_src_gen.pdbx_gene_src_fragment             ? 
_entity_src_gen.pdbx_gene_src_scientific_name      'Homo sapiens' 
_entity_src_gen.pdbx_gene_src_ncbi_taxonomy_id     9606 
_entity_src_gen.pdbx_gene_src_variant              ? 
_entity_src_gen.pdbx_gene_src_cell_line            ? 
_entity_src_gen.pdbx_gene_src_atcc                 ? 
_entity_src_gen.pdbx_gene_src_organ                ? 
_entity_src_gen.pdbx_gene_src_organelle            ? 
_entity_src_gen.pdbx_gene_src_cell                 ? 
_entity_src_gen.pdbx_gene_src_cellular_location    ? 
_entity_src_gen.host_org_common_name               'fruit flies' 
_entity_src_gen.pdbx_host_org_scientific_name      Drosophila 
_entity_src_gen.pdbx_host_org_ncbi_taxonomy_id     7215 
_entity_src_gen.host_org_genus                     Drosophila 
_entity_src_gen.pdbx_host_org_gene                 ? 
_entity_src_gen.pdbx_host_org_organ                ? 
_entity_src_gen.host_org_species                   ? 
_entity_src_gen.pdbx_host_org_tissue               ? 
_entity_src_gen.pdbx_host_org_tissue_fraction      ? 
_entity_src_gen.pdbx_host_org_strain               ? 
_entity_src_gen.pdbx_host_org_variant              ? 
_entity_src_gen.pdbx_host_org_cell_line            ? 
_entity_src_gen.pdbx_host_org_atcc                 ? 
_entity_src_gen.pdbx_host_org_culture_collection   ? 
_entity_src_gen.pdbx_host_org_cell                 'S2 cells' 
_entity_src_gen.pdbx_host_org_organelle            ? 
_entity_src_gen.pdbx_host_org_cellular_location    ? 
_entity_src_gen.pdbx_host_org_vector_type          eukaryotic 
_entity_src_gen.pdbx_host_org_vector               ? 
_entity_src_gen.host_org_details                   ? 
_entity_src_gen.expression_system_id               ? 
_entity_src_gen.plasmid_name                       'PMT-BIP-V5-HIS A' 
_entity_src_gen.plasmid_details                    ? 
_entity_src_gen.pdbx_description                   ? 
# 
loop_
_chem_comp.id 
_chem_comp.type 
_chem_comp.mon_nstd_flag 
_chem_comp.name 
_chem_comp.pdbx_synonyms 
_chem_comp.formula 
_chem_comp.formula_weight 
ALA 'L-peptide linking'           y ALANINE              ? 'C3 H7 N O2'     89.093  
ARG 'L-peptide linking'           y ARGININE             ? 'C6 H15 N4 O2 1' 175.209 
ASN 'L-peptide linking'           y ASPARAGINE           ? 'C4 H8 N2 O3'    132.118 
ASP 'L-peptide linking'           y 'ASPARTIC ACID'      ? 'C4 H7 N O4'     133.103 
CYS 'L-peptide linking'           y CYSTEINE             ? 'C3 H7 N O2 S'   121.158 
FUC 'L-saccharide, alpha linking' . alpha-L-fucopyranose 'alpha-L-fucose; 6-deoxy-alpha-L-galactopyranose; L-fucose; fucose' 
'C6 H12 O5'      164.156 
FUL 'L-saccharide, beta linking'  . beta-L-fucopyranose  
'beta-L-fucose; 6-deoxy-beta-L-galactopyranose; L-fucose; fucose; 6-DEOXY-BETA-L-GALACTOSE' 'C6 H12 O5'      164.156 
GLN 'L-peptide linking'           y GLUTAMINE            ? 'C5 H10 N2 O3'   146.144 
GLU 'L-peptide linking'           y 'GLUTAMIC ACID'      ? 'C5 H9 N O4'     147.129 
GLY 'peptide linking'             y GLYCINE              ? 'C2 H5 N O2'     75.067  
HIS 'L-peptide linking'           y HISTIDINE            ? 'C6 H10 N3 O2 1' 156.162 
HOH non-polymer                   . WATER                ? 'H2 O'           18.015  
ILE 'L-peptide linking'           y ISOLEUCINE           ? 'C6 H13 N O2'    131.173 
LEU 'L-peptide linking'           y LEUCINE              ? 'C6 H13 N O2'    131.173 
LYS 'L-peptide linking'           y LYSINE               ? 'C6 H15 N2 O2 1' 147.195 
MET 'L-peptide linking'           y METHIONINE           ? 'C5 H11 N O2 S'  149.211 
PHE 'L-peptide linking'           y PHENYLALANINE        ? 'C9 H11 N O2'    165.189 
PRO 'L-peptide linking'           y PROLINE              ? 'C5 H9 N O2'     115.130 
SER 'L-peptide linking'           y SERINE               ? 'C3 H7 N O3'     105.093 
THR 'L-peptide linking'           y THREONINE            ? 'C4 H9 N O3'     119.119 
TRP 'L-peptide linking'           y TRYPTOPHAN           ? 'C11 H12 N2 O2'  204.225 
VAL 'L-peptide linking'           y VALINE               ? 'C5 H11 N O2'    117.146 
# 
loop_
_pdbx_chem_comp_identifier.comp_id 
_pdbx_chem_comp_identifier.type 
_pdbx_chem_comp_identifier.program 
_pdbx_chem_comp_identifier.program_version 
_pdbx_chem_comp_identifier.identifier 
FUC 'CONDENSED IUPAC CARBOHYDRATE SYMBOL' GMML     1.0 LFucpa           
FUC 'COMMON NAME'                         GMML     1.0 a-L-fucopyranose 
FUC 'IUPAC CARBOHYDRATE SYMBOL'           PDB-CARE 1.0 a-L-Fucp         
FUC 'SNFG CARBOHYDRATE SYMBOL'            GMML     1.0 Fuc              
FUL 'CONDENSED IUPAC CARBOHYDRATE SYMBOL' GMML     1.0 LFucpb           
FUL 'COMMON NAME'                         GMML     1.0 b-L-fucopyranose 
FUL 'IUPAC CARBOHYDRATE SYMBOL'           PDB-CARE 1.0 b-L-Fucp         
FUL 'SNFG CARBOHYDRATE SYMBOL'            GMML     1.0 Fuc              
# 
loop_
_pdbx_poly_seq_scheme.asym_id 
_pdbx_poly_seq_scheme.entity_id 
_pdbx_poly_seq_scheme.seq_id 
_pdbx_poly_seq_scheme.mon_id 
_pdbx_poly_seq_scheme.ndb_seq_num 
_pdbx_poly_seq_scheme.pdb_seq_num 
_pdbx_poly_seq_scheme.auth_seq_num 
_pdbx_poly_seq_scheme.pdb_mon_id 
_pdbx_poly_seq_scheme.auth_mon_id 
_pdbx_poly_seq_scheme.pdb_strand_id 
_pdbx_poly_seq_scheme.pdb_ins_code 
_pdbx_poly_seq_scheme.hetero 
A 1 1   GLN 1   416 416 GLN GLN A . n 
A 1 2   ASP 2   417 417 ASP ASP A . n 
A 1 3   GLY 3   418 418 GLY GLY A . n 
A 1 4   GLY 4   419 419 GLY GLY A . n 
A 1 5   TRP 5   420 420 TRP TRP A . n 
A 1 6   SER 6   421 421 SER SER A . n 
A 1 7   HIS 7   422 422 HIS HIS A . n 
A 1 8   TRP 8   423 423 TRP TRP A . n 
A 1 9   SER 9   424 424 SER SER A . n 
A 1 10  PRO 10  425 425 PRO PRO A . n 
A 1 11  TRP 11  426 426 TRP TRP A . n 
A 1 12  SER 12  427 427 SER SER A . n 
A 1 13  SER 13  428 428 SER SER A . n 
A 1 14  CYS 14  429 429 CYS CYS A . n 
A 1 15  SER 15  430 430 SER SER A . n 
A 1 16  VAL 16  431 431 VAL VAL A . n 
A 1 17  THR 17  432 432 THR THR A . n 
A 1 18  CYS 18  433 433 CYS CYS A . n 
A 1 19  GLY 19  434 434 GLY GLY A . n 
A 1 20  ASP 20  435 435 ASP ASP A . n 
A 1 21  GLY 21  436 436 GLY GLY A . n 
A 1 22  VAL 22  437 437 VAL VAL A . n 
A 1 23  ILE 23  438 438 ILE ILE A . n 
A 1 24  THR 24  439 439 THR THR A . n 
A 1 25  ARG 25  440 440 ARG ARG A . n 
A 1 26  ILE 26  441 441 ILE ILE A . n 
A 1 27  ARG 27  442 442 ARG ARG A . n 
A 1 28  LEU 28  443 443 LEU LEU A . n 
A 1 29  CYS 29  444 444 CYS CYS A . n 
A 1 30  ASN 30  445 445 ASN ASN A . n 
A 1 31  SER 31  446 446 SER SER A . n 
A 1 32  PRO 32  447 447 PRO PRO A . n 
A 1 33  SER 33  448 448 SER SER A . n 
A 1 34  PRO 34  449 449 PRO PRO A . n 
A 1 35  GLN 35  450 450 GLN GLN A . n 
A 1 36  MET 36  451 451 MET MET A . n 
A 1 37  ASN 37  452 452 ASN ASN A . n 
A 1 38  GLY 38  453 453 GLY GLY A . n 
A 1 39  LYS 39  454 454 LYS LYS A . n 
A 1 40  PRO 40  455 455 PRO PRO A . n 
A 1 41  CYS 41  456 456 CYS CYS A . n 
A 1 42  GLU 42  457 457 GLU GLU A . n 
A 1 43  GLY 43  458 458 GLY GLY A . n 
A 1 44  GLU 44  459 459 GLU GLU A . n 
A 1 45  ALA 45  460 460 ALA ALA A . n 
A 1 46  ARG 46  461 461 ARG ARG A . n 
A 1 47  GLU 47  462 462 GLU GLU A . n 
A 1 48  THR 48  463 463 THR THR A . n 
A 1 49  LYS 49  464 464 LYS LYS A . n 
A 1 50  ALA 50  465 465 ALA ALA A . n 
A 1 51  CYS 51  466 466 CYS CYS A . n 
A 1 52  LYS 52  467 467 LYS LYS A . n 
A 1 53  LYS 53  468 468 LYS LYS A . n 
A 1 54  ASP 54  469 469 ASP ASP A . n 
A 1 55  ALA 55  470 470 ALA ALA A . n 
A 1 56  CYS 56  471 471 CYS CYS A . n 
A 1 57  PRO 57  472 472 PRO PRO A . n 
A 1 58  ILE 58  473 473 ILE ILE A . n 
A 1 59  ASN 59  474 474 ASN ASN A . n 
A 1 60  GLY 60  475 475 GLY GLY A . n 
A 1 61  GLY 61  476 476 GLY GLY A . n 
A 1 62  TRP 62  477 477 TRP TRP A . n 
A 1 63  GLY 63  478 478 GLY GLY A . n 
A 1 64  PRO 64  479 479 PRO PRO A . n 
A 1 65  TRP 65  480 480 TRP TRP A . n 
A 1 66  SER 66  481 481 SER SER A . n 
A 1 67  PRO 67  482 482 PRO PRO A . n 
A 1 68  TRP 68  483 483 TRP TRP A . n 
A 1 69  ASP 69  484 484 ASP ASP A . n 
A 1 70  ILE 70  485 485 ILE ILE A . n 
A 1 71  CYS 71  486 486 CYS CYS A . n 
A 1 72  SER 72  487 487 SER SER A . n 
A 1 73  VAL 73  488 488 VAL VAL A . n 
A 1 74  THR 74  489 489 THR THR A . n 
A 1 75  CYS 75  490 490 CYS CYS A . n 
A 1 76  GLY 76  491 491 GLY GLY A . n 
A 1 77  GLY 77  492 492 GLY GLY A . n 
A 1 78  GLY 78  493 493 GLY GLY A . n 
A 1 79  VAL 79  494 494 VAL VAL A . n 
A 1 80  GLN 80  495 495 GLN GLN A . n 
A 1 81  LYS 81  496 496 LYS LYS A . n 
A 1 82  ARG 82  497 497 ARG ARG A . n 
A 1 83  SER 83  498 498 SER SER A . n 
A 1 84  ARG 84  499 499 ARG ARG A . n 
A 1 85  LEU 85  500 500 LEU LEU A . n 
A 1 86  CYS 86  501 501 CYS CYS A . n 
A 1 87  ASN 87  502 502 ASN ASN A . n 
A 1 88  ASN 88  503 503 ASN ASN A . n 
A 1 89  PRO 89  504 504 PRO PRO A . n 
A 1 90  THR 90  505 505 THR THR A . n 
A 1 91  PRO 91  506 506 PRO PRO A . n 
A 1 92  GLN 92  507 507 GLN GLN A . n 
A 1 93  PHE 93  508 508 PHE PHE A . n 
A 1 94  GLY 94  509 509 GLY GLY A . n 
A 1 95  GLY 95  510 510 GLY GLY A . n 
A 1 96  LYS 96  511 511 LYS LYS A . n 
A 1 97  ASP 97  512 512 ASP ASP A . n 
A 1 98  CYS 98  513 513 CYS CYS A . n 
A 1 99  VAL 99  514 514 VAL VAL A . n 
A 1 100 GLY 100 515 515 GLY GLY A . n 
A 1 101 ASP 101 516 516 ASP ASP A . n 
A 1 102 VAL 102 517 517 VAL VAL A . n 
A 1 103 THR 103 518 518 THR THR A . n 
A 1 104 GLU 104 519 519 GLU GLU A . n 
A 1 105 ASN 105 520 520 ASN ASN A . n 
A 1 106 GLN 106 521 521 GLN GLN A . n 
A 1 107 ILE 107 522 522 ILE ILE A . n 
A 1 108 CYS 108 523 523 CYS CYS A . n 
A 1 109 ASN 109 524 524 ASN ASN A . n 
A 1 110 LYS 110 525 525 LYS LYS A . n 
A 1 111 GLN 111 526 526 GLN GLN A . n 
A 1 112 ASP 112 527 527 ASP ASP A . n 
A 1 113 CYS 113 528 528 CYS CYS A . n 
# 
loop_
_pdbx_nonpoly_scheme.asym_id 
_pdbx_nonpoly_scheme.entity_id 
_pdbx_nonpoly_scheme.mon_id 
_pdbx_nonpoly_scheme.ndb_seq_num 
_pdbx_nonpoly_scheme.pdb_seq_num 
_pdbx_nonpoly_scheme.auth_seq_num 
_pdbx_nonpoly_scheme.pdb_mon_id 
_pdbx_nonpoly_scheme.auth_mon_id 
_pdbx_nonpoly_scheme.pdb_strand_id 
_pdbx_nonpoly_scheme.pdb_ins_code 
B 2 FUL 1   1432 1432 FUL FUC A . 
C 3 FUC 1   1489 1489 FUC FUC A . 
D 4 HOH 1   1001 1001 HOH HOH A . 
D 4 HOH 2   1002 1002 HOH HOH A . 
D 4 HOH 3   1003 1003 HOH HOH A . 
D 4 HOH 4   1004 1004 HOH HOH A . 
D 4 HOH 5   1005 1005 HOH HOH A . 
D 4 HOH 6   1006 1006 HOH HOH A . 
D 4 HOH 7   1007 1007 HOH HOH A . 
D 4 HOH 8   1008 1008 HOH HOH A . 
D 4 HOH 9   1009 1009 HOH HOH A . 
D 4 HOH 10  1010 1010 HOH HOH A . 
D 4 HOH 11  1011 1011 HOH HOH A . 
D 4 HOH 12  1012 1012 HOH HOH A . 
D 4 HOH 13  1013 1013 HOH HOH A . 
D 4 HOH 14  1014 1014 HOH HOH A . 
D 4 HOH 15  1015 1015 HOH HOH A . 
D 4 HOH 16  1016 1016 HOH HOH A . 
D 4 HOH 17  1017 1017 HOH HOH A . 
D 4 HOH 18  1018 1018 HOH HOH A . 
D 4 HOH 19  1019 1019 HOH HOH A . 
D 4 HOH 20  1020 1020 HOH HOH A . 
D 4 HOH 21  1021 1021 HOH HOH A . 
D 4 HOH 22  1022 1022 HOH HOH A . 
D 4 HOH 23  1023 1023 HOH HOH A . 
D 4 HOH 24  1024 1024 HOH HOH A . 
D 4 HOH 25  1025 1025 HOH HOH A . 
D 4 HOH 26  1026 1026 HOH HOH A . 
D 4 HOH 27  1027 1027 HOH HOH A . 
D 4 HOH 28  1028 1028 HOH HOH A . 
D 4 HOH 29  1029 1029 HOH HOH A . 
D 4 HOH 30  1030 1030 HOH HOH A . 
D 4 HOH 31  1031 1031 HOH HOH A . 
D 4 HOH 32  1032 1032 HOH HOH A . 
D 4 HOH 33  1033 1033 HOH HOH A . 
D 4 HOH 34  1034 1034 HOH HOH A . 
D 4 HOH 35  1035 1035 HOH HOH A . 
D 4 HOH 36  1036 1036 HOH HOH A . 
D 4 HOH 37  1037 1037 HOH HOH A . 
D 4 HOH 38  1038 1038 HOH HOH A . 
D 4 HOH 39  1039 1039 HOH HOH A . 
D 4 HOH 40  1040 1040 HOH HOH A . 
D 4 HOH 41  1041 1041 HOH HOH A . 
D 4 HOH 42  1042 1042 HOH HOH A . 
D 4 HOH 43  1043 1043 HOH HOH A . 
D 4 HOH 44  1044 1044 HOH HOH A . 
D 4 HOH 45  1045 1045 HOH HOH A . 
D 4 HOH 46  1046 1046 HOH HOH A . 
D 4 HOH 47  1047 1047 HOH HOH A . 
D 4 HOH 48  1048 1048 HOH HOH A . 
D 4 HOH 49  1049 1049 HOH HOH A . 
D 4 HOH 50  1050 1050 HOH HOH A . 
D 4 HOH 51  1051 1051 HOH HOH A . 
D 4 HOH 52  1052 1052 HOH HOH A . 
D 4 HOH 53  1053 1053 HOH HOH A . 
D 4 HOH 54  1054 1054 HOH HOH A . 
D 4 HOH 55  1055 1055 HOH HOH A . 
D 4 HOH 56  1056 1056 HOH HOH A . 
D 4 HOH 57  1057 1057 HOH HOH A . 
D 4 HOH 58  1058 1058 HOH HOH A . 
D 4 HOH 59  1059 1059 HOH HOH A . 
D 4 HOH 60  1060 1060 HOH HOH A . 
D 4 HOH 61  1061 1061 HOH HOH A . 
D 4 HOH 62  1062 1062 HOH HOH A . 
D 4 HOH 63  1063 1063 HOH HOH A . 
D 4 HOH 64  1064 1064 HOH HOH A . 
D 4 HOH 65  1065 1065 HOH HOH A . 
D 4 HOH 66  1066 1066 HOH HOH A . 
D 4 HOH 67  1067 1067 HOH HOH A . 
D 4 HOH 68  1068 1068 HOH HOH A . 
D 4 HOH 69  1069 1069 HOH HOH A . 
D 4 HOH 70  1070 1070 HOH HOH A . 
D 4 HOH 71  1071 1071 HOH HOH A . 
D 4 HOH 72  1072 1072 HOH HOH A . 
D 4 HOH 73  1073 1073 HOH HOH A . 
D 4 HOH 74  1074 1074 HOH HOH A . 
D 4 HOH 75  1075 1075 HOH HOH A . 
D 4 HOH 76  1076 1076 HOH HOH A . 
D 4 HOH 77  1077 1077 HOH HOH A . 
D 4 HOH 78  1078 1078 HOH HOH A . 
D 4 HOH 79  1079 1079 HOH HOH A . 
D 4 HOH 80  1080 1080 HOH HOH A . 
D 4 HOH 81  1081 1081 HOH HOH A . 
D 4 HOH 82  1082 1082 HOH HOH A . 
D 4 HOH 83  1083 1083 HOH HOH A . 
D 4 HOH 84  1084 1084 HOH HOH A . 
D 4 HOH 85  1085 1085 HOH HOH A . 
D 4 HOH 86  1086 1086 HOH HOH A . 
D 4 HOH 87  1087 1087 HOH HOH A . 
D 4 HOH 88  1088 1088 HOH HOH A . 
D 4 HOH 89  1089 1089 HOH HOH A . 
D 4 HOH 90  1090 1090 HOH HOH A . 
D 4 HOH 91  1091 1091 HOH HOH A . 
D 4 HOH 92  1092 1092 HOH HOH A . 
D 4 HOH 93  1093 1093 HOH HOH A . 
D 4 HOH 94  1094 1094 HOH HOH A . 
D 4 HOH 95  1095 1095 HOH HOH A . 
D 4 HOH 96  1096 1096 HOH HOH A . 
D 4 HOH 97  1097 1097 HOH HOH A . 
D 4 HOH 98  1098 1098 HOH HOH A . 
D 4 HOH 99  1099 1099 HOH HOH A . 
D 4 HOH 100 1100 1100 HOH HOH A . 
D 4 HOH 101 1101 1101 HOH HOH A . 
D 4 HOH 102 1102 1102 HOH HOH A . 
D 4 HOH 103 1103 1103 HOH HOH A . 
D 4 HOH 104 1104 1104 HOH HOH A . 
D 4 HOH 105 1105 1105 HOH HOH A . 
D 4 HOH 106 1106 1106 HOH HOH A . 
D 4 HOH 107 1107 1107 HOH HOH A . 
D 4 HOH 108 1108 1108 HOH HOH A . 
D 4 HOH 109 1109 1109 HOH HOH A . 
D 4 HOH 110 1110 1110 HOH HOH A . 
D 4 HOH 111 1111 1111 HOH HOH A . 
D 4 HOH 112 1112 1112 HOH HOH A . 
D 4 HOH 113 1113 1113 HOH HOH A . 
D 4 HOH 114 1114 1114 HOH HOH A . 
D 4 HOH 115 1115 1115 HOH HOH A . 
D 4 HOH 116 1116 1116 HOH HOH A . 
D 4 HOH 117 1117 1117 HOH HOH A . 
D 4 HOH 118 1118 1118 HOH HOH A . 
D 4 HOH 119 1119 1119 HOH HOH A . 
D 4 HOH 120 1120 1120 HOH HOH A . 
D 4 HOH 121 1121 1121 HOH HOH A . 
D 4 HOH 122 1122 1122 HOH HOH A . 
D 4 HOH 123 1123 1123 HOH HOH A . 
D 4 HOH 124 1124 1124 HOH HOH A . 
D 4 HOH 125 1125 1125 HOH HOH A . 
D 4 HOH 126 1126 1126 HOH HOH A . 
D 4 HOH 127 1127 1127 HOH HOH A . 
D 4 HOH 128 1128 1128 HOH HOH A . 
D 4 HOH 129 1129 1129 HOH HOH A . 
D 4 HOH 130 1130 1130 HOH HOH A . 
D 4 HOH 131 1131 1131 HOH HOH A . 
D 4 HOH 132 1132 1132 HOH HOH A . 
D 4 HOH 133 1133 1133 HOH HOH A . 
D 4 HOH 134 1134 1134 HOH HOH A . 
D 4 HOH 135 1135 1135 HOH HOH A . 
D 4 HOH 136 1136 1136 HOH HOH A . 
D 4 HOH 137 1137 1137 HOH HOH A . 
D 4 HOH 138 1138 1138 HOH HOH A . 
D 4 HOH 139 1139 1139 HOH HOH A . 
D 4 HOH 140 1140 1140 HOH HOH A . 
D 4 HOH 141 1141 1141 HOH HOH A . 
D 4 HOH 142 1142 1142 HOH HOH A . 
D 4 HOH 143 1143 1143 HOH HOH A . 
D 4 HOH 144 1144 1144 HOH HOH A . 
D 4 HOH 145 1145 1145 HOH HOH A . 
D 4 HOH 146 1146 1146 HOH HOH A . 
D 4 HOH 147 1147 1147 HOH HOH A . 
D 4 HOH 148 1148 1148 HOH HOH A . 
D 4 HOH 149 1149 1149 HOH HOH A . 
D 4 HOH 150 1150 1150 HOH HOH A . 
D 4 HOH 151 1151 1151 HOH HOH A . 
D 4 HOH 152 1152 1152 HOH HOH A . 
D 4 HOH 153 1153 1153 HOH HOH A . 
D 4 HOH 154 1154 1154 HOH HOH A . 
# 
loop_
_software.name 
_software.classification 
_software.version 
_software.citation_id 
_software.pdbx_ordinal 
HKL-2000 'data collection' .     ? 1 
HKL-2000 'data reduction'  .     ? 2 
MLPHARE  phasing           .     ? 3 
X-PLOR   refinement        3.851 ? 4 
HKL-2000 'data scaling'    .     ? 5 
# 
_cell.entry_id           1LSL 
_cell.length_a           67.63 
_cell.length_b           84.41 
_cell.length_c           37.17 
_cell.angle_alpha        90 
_cell.angle_beta         108.67 
_cell.angle_gamma        90 
_cell.pdbx_unique_axis   ? 
_cell.Z_PDB              4 
# 
_symmetry.entry_id                         1LSL 
_symmetry.space_group_name_H-M             'C 1 2 1' 
_symmetry.pdbx_full_space_group_name_H-M   ? 
_symmetry.Int_Tables_number                5 
_symmetry.cell_setting                     ? 
# 
_exptl.entry_id          1LSL 
_exptl.method            'X-RAY DIFFRACTION' 
_exptl.crystals_number   2 
# 
_exptl_crystal.id                    1 
_exptl_crystal.density_meas          ? 
_exptl_crystal.density_percent_sol   65.2 
_exptl_crystal.density_Matthews      3.56 
_exptl_crystal.description           ? 
# 
_exptl_crystal_grow.crystal_id      1 
_exptl_crystal_grow.method          'VAPOR DIFFUSION, HANGING DROP' 
_exptl_crystal_grow.temp            298 
_exptl_crystal_grow.temp_details    ? 
_exptl_crystal_grow.pH              5.5 
_exptl_crystal_grow.pdbx_details    
'0.5 M sodium potassium tartrate and 0.1 M sodium acetate, pH 5.5, VAPOR DIFFUSION, HANGING DROP, temperature 298K' 
_exptl_crystal_grow.pdbx_pH_range   ? 
# 
loop_
_diffrn.id 
_diffrn.ambient_temp 
_diffrn.ambient_temp_details 
_diffrn.crystal_id 
1 100 ? 1 
2 100 ? 1 
# 
loop_
_diffrn_detector.diffrn_id 
_diffrn_detector.detector 
_diffrn_detector.type 
_diffrn_detector.pdbx_collection_date 
_diffrn_detector.details 
1 CCD 'ADSC QUANTUM 4' 2000-12-17 ? 
2 CCD 'ADSC QUANTUM 4' 2000-12-17 ? 
# 
loop_
_diffrn_radiation.diffrn_id 
_diffrn_radiation.wavelength_id 
_diffrn_radiation.pdbx_monochromatic_or_laue_m_l 
_diffrn_radiation.monochromator 
_diffrn_radiation.pdbx_diffrn_protocol 
_diffrn_radiation.pdbx_scattering_type 
1 1 M Graphite MAD                 x-ray 
2 1 M Graphite 'SINGLE WAVELENGTH' x-ray 
# 
loop_
_diffrn_radiation_wavelength.id 
_diffrn_radiation_wavelength.wavelength 
_diffrn_radiation_wavelength.wt 
1 1.00803 1.0 
2 1.00808 1.0 
3 1.0596  1.0 
4 1.10000 1.0 
# 
loop_
_diffrn_source.diffrn_id 
_diffrn_source.source 
_diffrn_source.type 
_diffrn_source.pdbx_synchrotron_site 
_diffrn_source.pdbx_synchrotron_beamline 
_diffrn_source.pdbx_wavelength 
_diffrn_source.pdbx_wavelength_list 
1 SYNCHROTRON 'APS BEAMLINE 19-ID' APS 19-ID ? '1.00803, 1.00808, 1.0596' 
2 SYNCHROTRON 'APS BEAMLINE 19-ID' APS 19-ID ? 1.10000                    
# 
_reflns.entry_id                     1LSL 
_reflns.observed_criterion_sigma_F   ? 
_reflns.observed_criterion_sigma_I   0 
_reflns.d_resolution_high            1.9 
_reflns.d_resolution_low             20 
_reflns.number_all                   ? 
_reflns.number_obs                   15123 
_reflns.percent_possible_obs         99.8 
_reflns.pdbx_Rmerge_I_obs            0.075 
_reflns.pdbx_Rsym_value              ? 
_reflns.pdbx_netI_over_sigmaI        14.6 
_reflns.B_iso_Wilson_estimate        26.4 
_reflns.pdbx_redundancy              ? 
_reflns.R_free_details               ? 
_reflns.limit_h_max                  ? 
_reflns.limit_h_min                  ? 
_reflns.limit_k_max                  ? 
_reflns.limit_k_min                  ? 
_reflns.limit_l_max                  ? 
_reflns.limit_l_min                  ? 
_reflns.observed_criterion_F_max     ? 
_reflns.observed_criterion_F_min     ? 
_reflns.pdbx_diffrn_id               1,2 
_reflns.pdbx_ordinal                 1 
# 
_reflns_shell.d_res_high             1.90 
_reflns_shell.d_res_low              1.97 
_reflns_shell.percent_possible_all   99.7 
_reflns_shell.Rmerge_I_obs           0.469 
_reflns_shell.pdbx_Rsym_value        ? 
_reflns_shell.meanI_over_sigI_obs    3.8 
_reflns_shell.pdbx_redundancy        ? 
_reflns_shell.percent_possible_obs   ? 
_reflns_shell.number_unique_all      ? 
_reflns_shell.pdbx_diffrn_id         ? 
_reflns_shell.pdbx_ordinal           1 
# 
_refine.entry_id                                 1LSL 
_refine.ls_d_res_high                            1.90 
_refine.ls_d_res_low                             20.0 
_refine.pdbx_ls_sigma_F                          0 
_refine.pdbx_ls_sigma_I                          ? 
_refine.ls_number_reflns_all                     15123 
_refine.ls_number_reflns_obs                     15123 
_refine.ls_number_reflns_R_free                  1533 
_refine.ls_percent_reflns_obs                    99.8 
_refine.ls_R_factor_all                          0.235 
_refine.ls_R_factor_obs                          0.235 
_refine.ls_R_factor_R_work                       0.238 
_refine.ls_R_factor_R_free                       0.282 
_refine.ls_redundancy_reflns_obs                 ? 
_refine.pdbx_data_cutoff_high_absF               ? 
_refine.pdbx_data_cutoff_low_absF                ? 
_refine.ls_number_parameters                     ? 
_refine.ls_number_restraints                     ? 
_refine.ls_percent_reflns_R_free                 10 
_refine.ls_R_factor_R_free_error                 ? 
_refine.ls_R_factor_R_free_error_details         ? 
_refine.pdbx_method_to_determine_struct          MAD 
_refine.pdbx_starting_model                      ? 
_refine.pdbx_ls_cross_valid_method               ? 
_refine.pdbx_R_Free_selection_details            Random 
_refine.pdbx_stereochem_target_val_spec_case     ? 
_refine.pdbx_stereochemistry_target_values       'Engh & Huber' 
_refine.solvent_model_details                    ? 
_refine.solvent_model_param_bsol                 ? 
_refine.solvent_model_param_ksol                 ? 
_refine.occupancy_max                            ? 
_refine.occupancy_min                            ? 
_refine.pdbx_isotropic_thermal_model             ? 
_refine.B_iso_mean                               42.28 
_refine.aniso_B[1][1]                            ? 
_refine.aniso_B[1][2]                            ? 
_refine.aniso_B[1][3]                            ? 
_refine.aniso_B[2][2]                            ? 
_refine.aniso_B[2][3]                            ? 
_refine.aniso_B[3][3]                            ? 
_refine.details                                  ? 
_refine.B_iso_min                                ? 
_refine.B_iso_max                                ? 
_refine.correlation_coeff_Fo_to_Fc               ? 
_refine.correlation_coeff_Fo_to_Fc_free          ? 
_refine.pdbx_solvent_vdw_probe_radii             ? 
_refine.pdbx_solvent_ion_probe_radii             ? 
_refine.pdbx_solvent_shrinkage_radii             ? 
_refine.overall_SU_R_Cruickshank_DPI             ? 
_refine.overall_SU_R_free                        ? 
_refine.overall_SU_B                             ? 
_refine.overall_SU_ML                            ? 
_refine.pdbx_overall_ESU_R                       ? 
_refine.pdbx_overall_ESU_R_Free                  ? 
_refine.pdbx_data_cutoff_high_rms_absF           ? 
_refine.pdbx_refine_id                           'X-RAY DIFFRACTION' 
_refine.pdbx_diffrn_id                           1 
_refine.pdbx_TLS_residual_ADP_flag               ? 
_refine.pdbx_overall_phase_error                 ? 
_refine.pdbx_overall_SU_R_free_Cruickshank_DPI   ? 
_refine.pdbx_overall_SU_R_Blow_DPI               ? 
_refine.pdbx_overall_SU_R_free_Blow_DPI          ? 
# 
_refine_analyze.entry_id                        1LSL 
_refine_analyze.Luzzati_coordinate_error_obs    0.321 
_refine_analyze.Luzzati_sigma_a_obs             0.321 
_refine_analyze.Luzzati_d_res_low_obs           3 
_refine_analyze.Luzzati_coordinate_error_free   0.345 
_refine_analyze.Luzzati_sigma_a_free            0.345 
_refine_analyze.Luzzati_d_res_low_free          ? 
_refine_analyze.number_disordered_residues      ? 
_refine_analyze.occupancy_sum_non_hydrogen      ? 
_refine_analyze.occupancy_sum_hydrogen          ? 
_refine_analyze.pdbx_Luzzati_d_res_high_obs     ? 
_refine_analyze.pdbx_refine_id                  'X-RAY DIFFRACTION' 
# 
_refine_hist.pdbx_refine_id                   'X-RAY DIFFRACTION' 
_refine_hist.cycle_id                         LAST 
_refine_hist.pdbx_number_atoms_protein        844 
_refine_hist.pdbx_number_atoms_nucleic_acid   0 
_refine_hist.pdbx_number_atoms_ligand         20 
_refine_hist.number_atoms_solvent             154 
_refine_hist.number_atoms_total               1018 
_refine_hist.d_res_high                       1.90 
_refine_hist.d_res_low                        20.0 
# 
loop_
_refine_ls_restr.type 
_refine_ls_restr.dev_ideal 
_refine_ls_restr.dev_ideal_target 
_refine_ls_restr.weight 
_refine_ls_restr.number 
_refine_ls_restr.pdbx_refine_id 
_refine_ls_restr.pdbx_restraint_function 
x_bond_d           0.008  ? ? ? 'X-RAY DIFFRACTION' ? 
x_angle_deg        1.631  ? ? ? 'X-RAY DIFFRACTION' ? 
x_dihedral_angle_d 27.854 ? ? ? 'X-RAY DIFFRACTION' ? 
x_improper_angle_d 0.825  ? ? ? 'X-RAY DIFFRACTION' ? 
# 
_refine_ls_shell.pdbx_total_number_of_bins_used   8 
_refine_ls_shell.d_res_high                       1.90 
_refine_ls_shell.d_res_low                        1.99 
_refine_ls_shell.number_reflns_R_work             1545 
_refine_ls_shell.R_factor_R_work                  0.439 
_refine_ls_shell.percent_reflns_obs               ? 
_refine_ls_shell.R_factor_R_free                  0.457 
_refine_ls_shell.R_factor_R_free_error            ? 
_refine_ls_shell.percent_reflns_R_free            ? 
_refine_ls_shell.number_reflns_R_free             168 
_refine_ls_shell.number_reflns_obs                1545 
_refine_ls_shell.redundancy_reflns_obs            ? 
_refine_ls_shell.number_reflns_all                ? 
_refine_ls_shell.pdbx_refine_id                   'X-RAY DIFFRACTION' 
_refine_ls_shell.R_factor_all                     ? 
# 
_struct.entry_id                  1LSL 
_struct.title                     'Crystal Structure of the Thrombospondin-1 Type 1 Repeats' 
_struct.pdbx_model_details        ? 
_struct.pdbx_CASP_flag            ? 
_struct.pdbx_model_type_details   ? 
# 
_struct_keywords.entry_id        1LSL 
_struct_keywords.pdbx_keywords   'CELL ADHESION' 
_struct_keywords.text            'TSP-1, TSR, CELL ADHESION' 
# 
loop_
_struct_asym.id 
_struct_asym.pdbx_blank_PDB_chainid_flag 
_struct_asym.pdbx_modified 
_struct_asym.entity_id 
_struct_asym.details 
A N N 1 ? 
B N N 2 ? 
C N N 3 ? 
D N N 4 ? 
# 
_struct_ref.id                         1 
_struct_ref.db_name                    UNP 
_struct_ref.db_code                    TSP1_HUMAN 
_struct_ref.entity_id                  1 
_struct_ref.pdbx_seq_one_letter_code   
;QDGGWSHWSPWSSCSVTCGDGVITRIRLCNSPSPQMNGKPCEGEARETKACKKDACPINGGWGPWSPWDICSVTCGGGVQ
KRSRLCNNPTPQFGGKDCVGDVTENQICNKQDC
;
_struct_ref.pdbx_align_begin           434 
_struct_ref.pdbx_db_accession          P07996 
_struct_ref.pdbx_db_isoform            ? 
# 
_struct_ref_seq.align_id                      1 
_struct_ref_seq.ref_id                        1 
_struct_ref_seq.pdbx_PDB_id_code              1LSL 
_struct_ref_seq.pdbx_strand_id                A 
_struct_ref_seq.seq_align_beg                 1 
_struct_ref_seq.pdbx_seq_align_beg_ins_code   ? 
_struct_ref_seq.seq_align_end                 113 
_struct_ref_seq.pdbx_seq_align_end_ins_code   ? 
_struct_ref_seq.pdbx_db_accession             P07996 
_struct_ref_seq.db_align_beg                  434 
_struct_ref_seq.pdbx_db_align_beg_ins_code    ? 
_struct_ref_seq.db_align_end                  546 
_struct_ref_seq.pdbx_db_align_end_ins_code    ? 
_struct_ref_seq.pdbx_auth_seq_align_beg       416 
_struct_ref_seq.pdbx_auth_seq_align_end       528 
# 
_pdbx_struct_assembly.id                   1 
_pdbx_struct_assembly.details              author_defined_assembly 
_pdbx_struct_assembly.method_details       ? 
_pdbx_struct_assembly.oligomeric_details   monomeric 
_pdbx_struct_assembly.oligomeric_count     1 
# 
_pdbx_struct_assembly_gen.assembly_id       1 
_pdbx_struct_assembly_gen.oper_expression   1 
_pdbx_struct_assembly_gen.asym_id_list      A,B,C,D 
# 
_pdbx_struct_oper_list.id                   1 
_pdbx_struct_oper_list.type                 'identity operation' 
_pdbx_struct_oper_list.name                 1_555 
_pdbx_struct_oper_list.symmetry_operation   x,y,z 
_pdbx_struct_oper_list.matrix[1][1]         1.0000000000 
_pdbx_struct_oper_list.matrix[1][2]         0.0000000000 
_pdbx_struct_oper_list.matrix[1][3]         0.0000000000 
_pdbx_struct_oper_list.vector[1]            0.0000000000 
_pdbx_struct_oper_list.matrix[2][1]         0.0000000000 
_pdbx_struct_oper_list.matrix[2][2]         1.0000000000 
_pdbx_struct_oper_list.matrix[2][3]         0.0000000000 
_pdbx_struct_oper_list.vector[2]            0.0000000000 
_pdbx_struct_oper_list.matrix[3][1]         0.0000000000 
_pdbx_struct_oper_list.matrix[3][2]         0.0000000000 
_pdbx_struct_oper_list.matrix[3][3]         1.0000000000 
_pdbx_struct_oper_list.vector[3]            0.0000000000 
# 
_struct_biol.id                    1 
_struct_biol.pdbx_parent_biol_id   ? 
_struct_biol.details               ? 
# 
loop_
_struct_conn.id 
_struct_conn.conn_type_id 
_struct_conn.pdbx_leaving_atom_flag 
_struct_conn.pdbx_PDB_id 
_struct_conn.ptnr1_label_asym_id 
_struct_conn.ptnr1_label_comp_id 
_struct_conn.ptnr1_label_seq_id 
_struct_conn.ptnr1_label_atom_id 
_struct_conn.pdbx_ptnr1_label_alt_id 
_struct_conn.pdbx_ptnr1_PDB_ins_code 
_struct_conn.pdbx_ptnr1_standard_comp_id 
_struct_conn.ptnr1_symmetry 
_struct_conn.ptnr2_label_asym_id 
_struct_conn.ptnr2_label_comp_id 
_struct_conn.ptnr2_label_seq_id 
_struct_conn.ptnr2_label_atom_id 
_struct_conn.pdbx_ptnr2_label_alt_id 
_struct_conn.pdbx_ptnr2_PDB_ins_code 
_struct_conn.ptnr1_auth_asym_id 
_struct_conn.ptnr1_auth_comp_id 
_struct_conn.ptnr1_auth_seq_id 
_struct_conn.ptnr2_auth_asym_id 
_struct_conn.ptnr2_auth_comp_id 
_struct_conn.ptnr2_auth_seq_id 
_struct_conn.ptnr2_symmetry 
_struct_conn.pdbx_ptnr3_label_atom_id 
_struct_conn.pdbx_ptnr3_label_seq_id 
_struct_conn.pdbx_ptnr3_label_comp_id 
_struct_conn.pdbx_ptnr3_label_asym_id 
_struct_conn.pdbx_ptnr3_label_alt_id 
_struct_conn.pdbx_ptnr3_PDB_ins_code 
_struct_conn.details 
_struct_conn.pdbx_dist_value 
_struct_conn.pdbx_value_order 
_struct_conn.pdbx_role 
disulf1 disulf ?   ? A CYS 14 SG  ? ? ? 1_555 A CYS 51  SG ? ? A CYS 429 A CYS 466  1_555 ? ? ? ? ? ? ? 2.041 ? ?               
disulf2 disulf ?   ? A CYS 18 SG  ? ? ? 1_555 A CYS 56  SG ? ? A CYS 433 A CYS 471  1_555 ? ? ? ? ? ? ? 2.038 ? ?               
disulf3 disulf ?   ? A CYS 29 SG  ? ? ? 1_555 A CYS 41  SG ? ? A CYS 444 A CYS 456  1_555 ? ? ? ? ? ? ? 2.036 ? ?               
disulf4 disulf ?   ? A CYS 71 SG  ? ? ? 1_555 A CYS 108 SG ? ? A CYS 486 A CYS 523  1_555 ? ? ? ? ? ? ? 2.029 ? ?               
disulf5 disulf ?   ? A CYS 75 SG  ? ? ? 1_555 A CYS 113 SG ? ? A CYS 490 A CYS 528  1_555 ? ? ? ? ? ? ? 2.035 ? ?               
disulf6 disulf ?   ? A CYS 86 SG  ? ? ? 1_555 A CYS 98  SG ? ? A CYS 501 A CYS 513  1_555 ? ? ? ? ? ? ? 2.046 ? ?               
covale1 covale one ? A THR 17 OG1 ? ? ? 1_555 B FUL .   C1 ? ? A THR 432 A FUL 1432 1_555 ? ? ? ? ? ? ? 1.397 ? ?               
covale2 covale one ? A THR 74 OG1 ? ? ? 1_555 C FUC .   C1 ? ? A THR 489 A FUC 1489 1_555 ? ? ? ? ? ? ? 1.408 ? O-Glycosylation 
# 
loop_
_struct_conn_type.id 
_struct_conn_type.criteria 
_struct_conn_type.reference 
disulf ? ? 
covale ? ? 
# 
loop_
_pdbx_modification_feature.ordinal 
_pdbx_modification_feature.label_comp_id 
_pdbx_modification_feature.label_asym_id 
_pdbx_modification_feature.label_seq_id 
_pdbx_modification_feature.label_alt_id 
_pdbx_modification_feature.modified_residue_label_comp_id 
_pdbx_modification_feature.modified_residue_label_asym_id 
_pdbx_modification_feature.modified_residue_label_seq_id 
_pdbx_modification_feature.modified_residue_label_alt_id 
_pdbx_modification_feature.auth_comp_id 
_pdbx_modification_feature.auth_asym_id 
_pdbx_modification_feature.auth_seq_id 
_pdbx_modification_feature.PDB_ins_code 
_pdbx_modification_feature.symmetry 
_pdbx_modification_feature.modified_residue_auth_comp_id 
_pdbx_modification_feature.modified_residue_auth_asym_id 
_pdbx_modification_feature.modified_residue_auth_seq_id 
_pdbx_modification_feature.modified_residue_PDB_ins_code 
_pdbx_modification_feature.modified_residue_symmetry 
_pdbx_modification_feature.comp_id_linking_atom 
_pdbx_modification_feature.modified_residue_id_linking_atom 
_pdbx_modification_feature.modified_residue_id 
_pdbx_modification_feature.ref_pcm_id 
_pdbx_modification_feature.ref_comp_id 
_pdbx_modification_feature.type 
_pdbx_modification_feature.category 
1 FUL B .  ? THR A 17  ? FUL A 1432 ? 1_555 THR A 432 ? 1_555 C1 OG1 THR 3 FUL None            Carbohydrate       
2 FUC C .  ? THR A 74  ? FUC A 1489 ? 1_555 THR A 489 ? 1_555 C1 OG1 THR 2 FUC O-Glycosylation Carbohydrate       
3 CYS A 14 ? CYS A 51  ? CYS A 429  ? 1_555 CYS A 466 ? 1_555 SG SG  .   . .   None            'Disulfide bridge' 
4 CYS A 18 ? CYS A 56  ? CYS A 433  ? 1_555 CYS A 471 ? 1_555 SG SG  .   . .   None            'Disulfide bridge' 
5 CYS A 29 ? CYS A 41  ? CYS A 444  ? 1_555 CYS A 456 ? 1_555 SG SG  .   . .   None            'Disulfide bridge' 
6 CYS A 71 ? CYS A 108 ? CYS A 486  ? 1_555 CYS A 523 ? 1_555 SG SG  .   . .   None            'Disulfide bridge' 
7 CYS A 75 ? CYS A 113 ? CYS A 490  ? 1_555 CYS A 528 ? 1_555 SG SG  .   . .   None            'Disulfide bridge' 
8 CYS A 86 ? CYS A 98  ? CYS A 501  ? 1_555 CYS A 513 ? 1_555 SG SG  .   . .   None            'Disulfide bridge' 
# 
loop_
_struct_mon_prot_cis.pdbx_id 
_struct_mon_prot_cis.label_comp_id 
_struct_mon_prot_cis.label_seq_id 
_struct_mon_prot_cis.label_asym_id 
_struct_mon_prot_cis.label_alt_id 
_struct_mon_prot_cis.pdbx_PDB_ins_code 
_struct_mon_prot_cis.auth_comp_id 
_struct_mon_prot_cis.auth_seq_id 
_struct_mon_prot_cis.auth_asym_id 
_struct_mon_prot_cis.pdbx_label_comp_id_2 
_struct_mon_prot_cis.pdbx_label_seq_id_2 
_struct_mon_prot_cis.pdbx_label_asym_id_2 
_struct_mon_prot_cis.pdbx_PDB_ins_code_2 
_struct_mon_prot_cis.pdbx_auth_comp_id_2 
_struct_mon_prot_cis.pdbx_auth_seq_id_2 
_struct_mon_prot_cis.pdbx_auth_asym_id_2 
_struct_mon_prot_cis.pdbx_PDB_model_num 
_struct_mon_prot_cis.pdbx_omega_angle 
1 SER 31 A . ? SER 446 A PRO 32 A ? PRO 447 A 1 -0.07 
2 ASN 88 A . ? ASN 503 A PRO 89 A ? PRO 504 A 1 0.29  
# 
loop_
_struct_sheet.id 
_struct_sheet.type 
_struct_sheet.number_strands 
_struct_sheet.details 
A ? 2 ? 
B ? 2 ? 
# 
loop_
_struct_sheet_order.sheet_id 
_struct_sheet_order.range_id_1 
_struct_sheet_order.range_id_2 
_struct_sheet_order.offset 
_struct_sheet_order.sense 
A 1 2 ? anti-parallel 
B 1 2 ? anti-parallel 
# 
loop_
_struct_sheet_range.sheet_id 
_struct_sheet_range.id 
_struct_sheet_range.beg_label_comp_id 
_struct_sheet_range.beg_label_asym_id 
_struct_sheet_range.beg_label_seq_id 
_struct_sheet_range.pdbx_beg_PDB_ins_code 
_struct_sheet_range.end_label_comp_id 
_struct_sheet_range.end_label_asym_id 
_struct_sheet_range.end_label_seq_id 
_struct_sheet_range.pdbx_end_PDB_ins_code 
_struct_sheet_range.beg_auth_comp_id 
_struct_sheet_range.beg_auth_asym_id 
_struct_sheet_range.beg_auth_seq_id 
_struct_sheet_range.end_auth_comp_id 
_struct_sheet_range.end_auth_asym_id 
_struct_sheet_range.end_auth_seq_id 
A 1 ASP A 20  ? ILE A 26  ? ASP A 435 ILE A 441 
A 2 ARG A 46  ? LYS A 52  ? ARG A 461 LYS A 467 
B 1 GLY A 78  ? SER A 83  ? GLY A 493 SER A 498 
B 2 THR A 103 ? CYS A 108 ? THR A 518 CYS A 523 
# 
loop_
_pdbx_struct_sheet_hbond.sheet_id 
_pdbx_struct_sheet_hbond.range_id_1 
_pdbx_struct_sheet_hbond.range_id_2 
_pdbx_struct_sheet_hbond.range_1_label_atom_id 
_pdbx_struct_sheet_hbond.range_1_label_comp_id 
_pdbx_struct_sheet_hbond.range_1_label_asym_id 
_pdbx_struct_sheet_hbond.range_1_label_seq_id 
_pdbx_struct_sheet_hbond.range_1_PDB_ins_code 
_pdbx_struct_sheet_hbond.range_1_auth_atom_id 
_pdbx_struct_sheet_hbond.range_1_auth_comp_id 
_pdbx_struct_sheet_hbond.range_1_auth_asym_id 
_pdbx_struct_sheet_hbond.range_1_auth_seq_id 
_pdbx_struct_sheet_hbond.range_2_label_atom_id 
_pdbx_struct_sheet_hbond.range_2_label_comp_id 
_pdbx_struct_sheet_hbond.range_2_label_asym_id 
_pdbx_struct_sheet_hbond.range_2_label_seq_id 
_pdbx_struct_sheet_hbond.range_2_PDB_ins_code 
_pdbx_struct_sheet_hbond.range_2_auth_atom_id 
_pdbx_struct_sheet_hbond.range_2_auth_comp_id 
_pdbx_struct_sheet_hbond.range_2_auth_asym_id 
_pdbx_struct_sheet_hbond.range_2_auth_seq_id 
A 1 2 N ILE A 23 ? N ILE A 438 O LYS A 49  ? O LYS A 464 
B 1 2 N ARG A 82 ? N ARG A 497 O GLU A 104 ? O GLU A 519 
# 
_pdbx_entry_details.entry_id                   1LSL 
_pdbx_entry_details.compound_details           ? 
_pdbx_entry_details.source_details             ? 
_pdbx_entry_details.nonpolymer_details         ? 
_pdbx_entry_details.sequence_details           ? 
_pdbx_entry_details.has_ligand_of_interest     ? 
_pdbx_entry_details.has_protein_modification   Y 
# 
loop_
_pdbx_validate_torsion.id 
_pdbx_validate_torsion.PDB_model_num 
_pdbx_validate_torsion.auth_comp_id 
_pdbx_validate_torsion.auth_asym_id 
_pdbx_validate_torsion.auth_seq_id 
_pdbx_validate_torsion.PDB_ins_code 
_pdbx_validate_torsion.label_alt_id 
_pdbx_validate_torsion.phi 
_pdbx_validate_torsion.psi 
1 1 CYS A 490 ? ? -169.58 -65.86 
2 1 ASN A 502 ? ? -145.07 17.97  
3 1 ASN A 524 ? ? 48.15   29.86  
4 1 ASP A 527 ? ? -30.99  105.12 
# 
_pdbx_validate_chiral.id              1 
_pdbx_validate_chiral.PDB_model_num   1 
_pdbx_validate_chiral.auth_atom_id    C1 
_pdbx_validate_chiral.label_alt_id    ? 
_pdbx_validate_chiral.auth_asym_id    A 
_pdbx_validate_chiral.auth_comp_id    FUC 
_pdbx_validate_chiral.auth_seq_id     1489 
_pdbx_validate_chiral.PDB_ins_code    ? 
_pdbx_validate_chiral.details         'WRONG HAND' 
_pdbx_validate_chiral.omega           . 
# 
loop_
_pdbx_struct_mod_residue.id 
_pdbx_struct_mod_residue.label_asym_id 
_pdbx_struct_mod_residue.label_comp_id 
_pdbx_struct_mod_residue.label_seq_id 
_pdbx_struct_mod_residue.auth_asym_id 
_pdbx_struct_mod_residue.auth_comp_id 
_pdbx_struct_mod_residue.auth_seq_id 
_pdbx_struct_mod_residue.PDB_ins_code 
_pdbx_struct_mod_residue.parent_comp_id 
_pdbx_struct_mod_residue.details 
1 A THR 17 A THR 432 ? THR 'GLYCOSYLATION SITE' 
2 A THR 74 A THR 489 ? THR 'GLYCOSYLATION SITE' 
# 
loop_
_chem_comp_atom.comp_id 
_chem_comp_atom.atom_id 
_chem_comp_atom.type_symbol 
_chem_comp_atom.pdbx_aromatic_flag 
_chem_comp_atom.pdbx_stereo_config 
_chem_comp_atom.pdbx_ordinal 
ALA N    N N N 1   
ALA CA   C N S 2   
ALA C    C N N 3   
ALA O    O N N 4   
ALA CB   C N N 5   
ALA OXT  O N N 6   
ALA H    H N N 7   
ALA H2   H N N 8   
ALA HA   H N N 9   
ALA HB1  H N N 10  
ALA HB2  H N N 11  
ALA HB3  H N N 12  
ALA HXT  H N N 13  
ARG N    N N N 14  
ARG CA   C N S 15  
ARG C    C N N 16  
ARG O    O N N 17  
ARG CB   C N N 18  
ARG CG   C N N 19  
ARG CD   C N N 20  
ARG NE   N N N 21  
ARG CZ   C N N 22  
ARG NH1  N N N 23  
ARG NH2  N N N 24  
ARG OXT  O N N 25  
ARG H    H N N 26  
ARG H2   H N N 27  
ARG HA   H N N 28  
ARG HB2  H N N 29  
ARG HB3  H N N 30  
ARG HG2  H N N 31  
ARG HG3  H N N 32  
ARG HD2  H N N 33  
ARG HD3  H N N 34  
ARG HE   H N N 35  
ARG HH11 H N N 36  
ARG HH12 H N N 37  
ARG HH21 H N N 38  
ARG HH22 H N N 39  
ARG HXT  H N N 40  
ASN N    N N N 41  
ASN CA   C N S 42  
ASN C    C N N 43  
ASN O    O N N 44  
ASN CB   C N N 45  
ASN CG   C N N 46  
ASN OD1  O N N 47  
ASN ND2  N N N 48  
ASN OXT  O N N 49  
ASN H    H N N 50  
ASN H2   H N N 51  
ASN HA   H N N 52  
ASN HB2  H N N 53  
ASN HB3  H N N 54  
ASN HD21 H N N 55  
ASN HD22 H N N 56  
ASN HXT  H N N 57  
ASP N    N N N 58  
ASP CA   C N S 59  
ASP C    C N N 60  
ASP O    O N N 61  
ASP CB   C N N 62  
ASP CG   C N N 63  
ASP OD1  O N N 64  
ASP OD2  O N N 65  
ASP OXT  O N N 66  
ASP H    H N N 67  
ASP H2   H N N 68  
ASP HA   H N N 69  
ASP HB2  H N N 70  
ASP HB3  H N N 71  
ASP HD2  H N N 72  
ASP HXT  H N N 73  
CYS N    N N N 74  
CYS CA   C N R 75  
CYS C    C N N 76  
CYS O    O N N 77  
CYS CB   C N N 78  
CYS SG   S N N 79  
CYS OXT  O N N 80  
CYS H    H N N 81  
CYS H2   H N N 82  
CYS HA   H N N 83  
CYS HB2  H N N 84  
CYS HB3  H N N 85  
CYS HG   H N N 86  
CYS HXT  H N N 87  
FUC C1   C N R 88  
FUC C2   C N S 89  
FUC C3   C N R 90  
FUC C4   C N S 91  
FUC C5   C N S 92  
FUC C6   C N N 93  
FUC O1   O N N 94  
FUC O2   O N N 95  
FUC O3   O N N 96  
FUC O4   O N N 97  
FUC O5   O N N 98  
FUC H1   H N N 99  
FUC H2   H N N 100 
FUC H3   H N N 101 
FUC H4   H N N 102 
FUC H5   H N N 103 
FUC H61  H N N 104 
FUC H62  H N N 105 
FUC H63  H N N 106 
FUC HO1  H N N 107 
FUC HO2  H N N 108 
FUC HO3  H N N 109 
FUC HO4  H N N 110 
FUL C1   C N S 111 
FUL C2   C N S 112 
FUL O2   O N N 113 
FUL C3   C N R 114 
FUL O3   O N N 115 
FUL C4   C N S 116 
FUL O4   O N N 117 
FUL C5   C N S 118 
FUL C6   C N N 119 
FUL O5   O N N 120 
FUL O1   O N N 121 
FUL H1   H N N 122 
FUL H2   H N N 123 
FUL HO2  H N N 124 
FUL H3   H N N 125 
FUL HO3  H N N 126 
FUL H4   H N N 127 
FUL HO4  H N N 128 
FUL H5   H N N 129 
FUL H61  H N N 130 
FUL H62  H N N 131 
FUL H63  H N N 132 
FUL HO1  H N N 133 
GLN N    N N N 134 
GLN CA   C N S 135 
GLN C    C N N 136 
GLN O    O N N 137 
GLN CB   C N N 138 
GLN CG   C N N 139 
GLN CD   C N N 140 
GLN OE1  O N N 141 
GLN NE2  N N N 142 
GLN OXT  O N N 143 
GLN H    H N N 144 
GLN H2   H N N 145 
GLN HA   H N N 146 
GLN HB2  H N N 147 
GLN HB3  H N N 148 
GLN HG2  H N N 149 
GLN HG3  H N N 150 
GLN HE21 H N N 151 
GLN HE22 H N N 152 
GLN HXT  H N N 153 
GLU N    N N N 154 
GLU CA   C N S 155 
GLU C    C N N 156 
GLU O    O N N 157 
GLU CB   C N N 158 
GLU CG   C N N 159 
GLU CD   C N N 160 
GLU OE1  O N N 161 
GLU OE2  O N N 162 
GLU OXT  O N N 163 
GLU H    H N N 164 
GLU H2   H N N 165 
GLU HA   H N N 166 
GLU HB2  H N N 167 
GLU HB3  H N N 168 
GLU HG2  H N N 169 
GLU HG3  H N N 170 
GLU HE2  H N N 171 
GLU HXT  H N N 172 
GLY N    N N N 173 
GLY CA   C N N 174 
GLY C    C N N 175 
GLY O    O N N 176 
GLY OXT  O N N 177 
GLY H    H N N 178 
GLY H2   H N N 179 
GLY HA2  H N N 180 
GLY HA3  H N N 181 
GLY HXT  H N N 182 
HIS N    N N N 183 
HIS CA   C N S 184 
HIS C    C N N 185 
HIS O    O N N 186 
HIS CB   C N N 187 
HIS CG   C Y N 188 
HIS ND1  N Y N 189 
HIS CD2  C Y N 190 
HIS CE1  C Y N 191 
HIS NE2  N Y N 192 
HIS OXT  O N N 193 
HIS H    H N N 194 
HIS H2   H N N 195 
HIS HA   H N N 196 
HIS HB2  H N N 197 
HIS HB3  H N N 198 
HIS HD1  H N N 199 
HIS HD2  H N N 200 
HIS HE1  H N N 201 
HIS HE2  H N N 202 
HIS HXT  H N N 203 
HOH O    O N N 204 
HOH H1   H N N 205 
HOH H2   H N N 206 
ILE N    N N N 207 
ILE CA   C N S 208 
ILE C    C N N 209 
ILE O    O N N 210 
ILE CB   C N S 211 
ILE CG1  C N N 212 
ILE CG2  C N N 213 
ILE CD1  C N N 214 
ILE OXT  O N N 215 
ILE H    H N N 216 
ILE H2   H N N 217 
ILE HA   H N N 218 
ILE HB   H N N 219 
ILE HG12 H N N 220 
ILE HG13 H N N 221 
ILE HG21 H N N 222 
ILE HG22 H N N 223 
ILE HG23 H N N 224 
ILE HD11 H N N 225 
ILE HD12 H N N 226 
ILE HD13 H N N 227 
ILE HXT  H N N 228 
LEU N    N N N 229 
LEU CA   C N S 230 
LEU C    C N N 231 
LEU O    O N N 232 
LEU CB   C N N 233 
LEU CG   C N N 234 
LEU CD1  C N N 235 
LEU CD2  C N N 236 
LEU OXT  O N N 237 
LEU H    H N N 238 
LEU H2   H N N 239 
LEU HA   H N N 240 
LEU HB2  H N N 241 
LEU HB3  H N N 242 
LEU HG   H N N 243 
LEU HD11 H N N 244 
LEU HD12 H N N 245 
LEU HD13 H N N 246 
LEU HD21 H N N 247 
LEU HD22 H N N 248 
LEU HD23 H N N 249 
LEU HXT  H N N 250 
LYS N    N N N 251 
LYS CA   C N S 252 
LYS C    C N N 253 
LYS O    O N N 254 
LYS CB   C N N 255 
LYS CG   C N N 256 
LYS CD   C N N 257 
LYS CE   C N N 258 
LYS NZ   N N N 259 
LYS OXT  O N N 260 
LYS H    H N N 261 
LYS H2   H N N 262 
LYS HA   H N N 263 
LYS HB2  H N N 264 
LYS HB3  H N N 265 
LYS HG2  H N N 266 
LYS HG3  H N N 267 
LYS HD2  H N N 268 
LYS HD3  H N N 269 
LYS HE2  H N N 270 
LYS HE3  H N N 271 
LYS HZ1  H N N 272 
LYS HZ2  H N N 273 
LYS HZ3  H N N 274 
LYS HXT  H N N 275 
MET N    N N N 276 
MET CA   C N S 277 
MET C    C N N 278 
MET O    O N N 279 
MET CB   C N N 280 
MET CG   C N N 281 
MET SD   S N N 282 
MET CE   C N N 283 
MET OXT  O N N 284 
MET H    H N N 285 
MET H2   H N N 286 
MET HA   H N N 287 
MET HB2  H N N 288 
MET HB3  H N N 289 
MET HG2  H N N 290 
MET HG3  H N N 291 
MET HE1  H N N 292 
MET HE2  H N N 293 
MET HE3  H N N 294 
MET HXT  H N N 295 
PHE N    N N N 296 
PHE CA   C N S 297 
PHE C    C N N 298 
PHE O    O N N 299 
PHE CB   C N N 300 
PHE CG   C Y N 301 
PHE CD1  C Y N 302 
PHE CD2  C Y N 303 
PHE CE1  C Y N 304 
PHE CE2  C Y N 305 
PHE CZ   C Y N 306 
PHE OXT  O N N 307 
PHE H    H N N 308 
PHE H2   H N N 309 
PHE HA   H N N 310 
PHE HB2  H N N 311 
PHE HB3  H N N 312 
PHE HD1  H N N 313 
PHE HD2  H N N 314 
PHE HE1  H N N 315 
PHE HE2  H N N 316 
PHE HZ   H N N 317 
PHE HXT  H N N 318 
PRO N    N N N 319 
PRO CA   C N S 320 
PRO C    C N N 321 
PRO O    O N N 322 
PRO CB   C N N 323 
PRO CG   C N N 324 
PRO CD   C N N 325 
PRO OXT  O N N 326 
PRO H    H N N 327 
PRO HA   H N N 328 
PRO HB2  H N N 329 
PRO HB3  H N N 330 
PRO HG2  H N N 331 
PRO HG3  H N N 332 
PRO HD2  H N N 333 
PRO HD3  H N N 334 
PRO HXT  H N N 335 
SER N    N N N 336 
SER CA   C N S 337 
SER C    C N N 338 
SER O    O N N 339 
SER CB   C N N 340 
SER OG   O N N 341 
SER OXT  O N N 342 
SER H    H N N 343 
SER H2   H N N 344 
SER HA   H N N 345 
SER HB2  H N N 346 
SER HB3  H N N 347 
SER HG   H N N 348 
SER HXT  H N N 349 
THR N    N N N 350 
THR CA   C N S 351 
THR C    C N N 352 
THR O    O N N 353 
THR CB   C N R 354 
THR OG1  O N N 355 
THR CG2  C N N 356 
THR OXT  O N N 357 
THR H    H N N 358 
THR H2   H N N 359 
THR HA   H N N 360 
THR HB   H N N 361 
THR HG1  H N N 362 
THR HG21 H N N 363 
THR HG22 H N N 364 
THR HG23 H N N 365 
THR HXT  H N N 366 
TRP N    N N N 367 
TRP CA   C N S 368 
TRP C    C N N 369 
TRP O    O N N 370 
TRP CB   C N N 371 
TRP CG   C Y N 372 
TRP CD1  C Y N 373 
TRP CD2  C Y N 374 
TRP NE1  N Y N 375 
TRP CE2  C Y N 376 
TRP CE3  C Y N 377 
TRP CZ2  C Y N 378 
TRP CZ3  C Y N 379 
TRP CH2  C Y N 380 
TRP OXT  O N N 381 
TRP H    H N N 382 
TRP H2   H N N 383 
TRP HA   H N N 384 
TRP HB2  H N N 385 
TRP HB3  H N N 386 
TRP HD1  H N N 387 
TRP HE1  H N N 388 
TRP HE3  H N N 389 
TRP HZ2  H N N 390 
TRP HZ3  H N N 391 
TRP HH2  H N N 392 
TRP HXT  H N N 393 
VAL N    N N N 394 
VAL CA   C N S 395 
VAL C    C N N 396 
VAL O    O N N 397 
VAL CB   C N N 398 
VAL CG1  C N N 399 
VAL CG2  C N N 400 
VAL OXT  O N N 401 
VAL H    H N N 402 
VAL H2   H N N 403 
VAL HA   H N N 404 
VAL HB   H N N 405 
VAL HG11 H N N 406 
VAL HG12 H N N 407 
VAL HG13 H N N 408 
VAL HG21 H N N 409 
VAL HG22 H N N 410 
VAL HG23 H N N 411 
VAL HXT  H N N 412 
# 
loop_
_chem_comp_bond.comp_id 
_chem_comp_bond.atom_id_1 
_chem_comp_bond.atom_id_2 
_chem_comp_bond.value_order 
_chem_comp_bond.pdbx_aromatic_flag 
_chem_comp_bond.pdbx_stereo_config 
_chem_comp_bond.pdbx_ordinal 
ALA N   CA   sing N N 1   
ALA N   H    sing N N 2   
ALA N   H2   sing N N 3   
ALA CA  C    sing N N 4   
ALA CA  CB   sing N N 5   
ALA CA  HA   sing N N 6   
ALA C   O    doub N N 7   
ALA C   OXT  sing N N 8   
ALA CB  HB1  sing N N 9   
ALA CB  HB2  sing N N 10  
ALA CB  HB3  sing N N 11  
ALA OXT HXT  sing N N 12  
ARG N   CA   sing N N 13  
ARG N   H    sing N N 14  
ARG N   H2   sing N N 15  
ARG CA  C    sing N N 16  
ARG CA  CB   sing N N 17  
ARG CA  HA   sing N N 18  
ARG C   O    doub N N 19  
ARG C   OXT  sing N N 20  
ARG CB  CG   sing N N 21  
ARG CB  HB2  sing N N 22  
ARG CB  HB3  sing N N 23  
ARG CG  CD   sing N N 24  
ARG CG  HG2  sing N N 25  
ARG CG  HG3  sing N N 26  
ARG CD  NE   sing N N 27  
ARG CD  HD2  sing N N 28  
ARG CD  HD3  sing N N 29  
ARG NE  CZ   sing N N 30  
ARG NE  HE   sing N N 31  
ARG CZ  NH1  sing N N 32  
ARG CZ  NH2  doub N N 33  
ARG NH1 HH11 sing N N 34  
ARG NH1 HH12 sing N N 35  
ARG NH2 HH21 sing N N 36  
ARG NH2 HH22 sing N N 37  
ARG OXT HXT  sing N N 38  
ASN N   CA   sing N N 39  
ASN N   H    sing N N 40  
ASN N   H2   sing N N 41  
ASN CA  C    sing N N 42  
ASN CA  CB   sing N N 43  
ASN CA  HA   sing N N 44  
ASN C   O    doub N N 45  
ASN C   OXT  sing N N 46  
ASN CB  CG   sing N N 47  
ASN CB  HB2  sing N N 48  
ASN CB  HB3  sing N N 49  
ASN CG  OD1  doub N N 50  
ASN CG  ND2  sing N N 51  
ASN ND2 HD21 sing N N 52  
ASN ND2 HD22 sing N N 53  
ASN OXT HXT  sing N N 54  
ASP N   CA   sing N N 55  
ASP N   H    sing N N 56  
ASP N   H2   sing N N 57  
ASP CA  C    sing N N 58  
ASP CA  CB   sing N N 59  
ASP CA  HA   sing N N 60  
ASP C   O    doub N N 61  
ASP C   OXT  sing N N 62  
ASP CB  CG   sing N N 63  
ASP CB  HB2  sing N N 64  
ASP CB  HB3  sing N N 65  
ASP CG  OD1  doub N N 66  
ASP CG  OD2  sing N N 67  
ASP OD2 HD2  sing N N 68  
ASP OXT HXT  sing N N 69  
CYS N   CA   sing N N 70  
CYS N   H    sing N N 71  
CYS N   H2   sing N N 72  
CYS CA  C    sing N N 73  
CYS CA  CB   sing N N 74  
CYS CA  HA   sing N N 75  
CYS C   O    doub N N 76  
CYS C   OXT  sing N N 77  
CYS CB  SG   sing N N 78  
CYS CB  HB2  sing N N 79  
CYS CB  HB3  sing N N 80  
CYS SG  HG   sing N N 81  
CYS OXT HXT  sing N N 82  
FUC C1  C2   sing N N 83  
FUC C1  O1   sing N N 84  
FUC C1  O5   sing N N 85  
FUC C1  H1   sing N N 86  
FUC C2  C3   sing N N 87  
FUC C2  O2   sing N N 88  
FUC C2  H2   sing N N 89  
FUC C3  C4   sing N N 90  
FUC C3  O3   sing N N 91  
FUC C3  H3   sing N N 92  
FUC C4  C5   sing N N 93  
FUC C4  O4   sing N N 94  
FUC C4  H4   sing N N 95  
FUC C5  C6   sing N N 96  
FUC C5  O5   sing N N 97  
FUC C5  H5   sing N N 98  
FUC C6  H61  sing N N 99  
FUC C6  H62  sing N N 100 
FUC C6  H63  sing N N 101 
FUC O1  HO1  sing N N 102 
FUC O2  HO2  sing N N 103 
FUC O3  HO3  sing N N 104 
FUC O4  HO4  sing N N 105 
FUL C1  C2   sing N N 106 
FUL C1  O5   sing N N 107 
FUL C1  O1   sing N N 108 
FUL C1  H1   sing N N 109 
FUL C2  O2   sing N N 110 
FUL C2  C3   sing N N 111 
FUL C2  H2   sing N N 112 
FUL O2  HO2  sing N N 113 
FUL C3  O3   sing N N 114 
FUL C3  C4   sing N N 115 
FUL C3  H3   sing N N 116 
FUL O3  HO3  sing N N 117 
FUL C4  O4   sing N N 118 
FUL C4  C5   sing N N 119 
FUL C4  H4   sing N N 120 
FUL O4  HO4  sing N N 121 
FUL C5  C6   sing N N 122 
FUL C5  O5   sing N N 123 
FUL C5  H5   sing N N 124 
FUL C6  H61  sing N N 125 
FUL C6  H62  sing N N 126 
FUL C6  H63  sing N N 127 
FUL O1  HO1  sing N N 128 
GLN N   CA   sing N N 129 
GLN N   H    sing N N 130 
GLN N   H2   sing N N 131 
GLN CA  C    sing N N 132 
GLN CA  CB   sing N N 133 
GLN CA  HA   sing N N 134 
GLN C   O    doub N N 135 
GLN C   OXT  sing N N 136 
GLN CB  CG   sing N N 137 
GLN CB  HB2  sing N N 138 
GLN CB  HB3  sing N N 139 
GLN CG  CD   sing N N 140 
GLN CG  HG2  sing N N 141 
GLN CG  HG3  sing N N 142 
GLN CD  OE1  doub N N 143 
GLN CD  NE2  sing N N 144 
GLN NE2 HE21 sing N N 145 
GLN NE2 HE22 sing N N 146 
GLN OXT HXT  sing N N 147 
GLU N   CA   sing N N 148 
GLU N   H    sing N N 149 
GLU N   H2   sing N N 150 
GLU CA  C    sing N N 151 
GLU CA  CB   sing N N 152 
GLU CA  HA   sing N N 153 
GLU C   O    doub N N 154 
GLU C   OXT  sing N N 155 
GLU CB  CG   sing N N 156 
GLU CB  HB2  sing N N 157 
GLU CB  HB3  sing N N 158 
GLU CG  CD   sing N N 159 
GLU CG  HG2  sing N N 160 
GLU CG  HG3  sing N N 161 
GLU CD  OE1  doub N N 162 
GLU CD  OE2  sing N N 163 
GLU OE2 HE2  sing N N 164 
GLU OXT HXT  sing N N 165 
GLY N   CA   sing N N 166 
GLY N   H    sing N N 167 
GLY N   H2   sing N N 168 
GLY CA  C    sing N N 169 
GLY CA  HA2  sing N N 170 
GLY CA  HA3  sing N N 171 
GLY C   O    doub N N 172 
GLY C   OXT  sing N N 173 
GLY OXT HXT  sing N N 174 
HIS N   CA   sing N N 175 
HIS N   H    sing N N 176 
HIS N   H2   sing N N 177 
HIS CA  C    sing N N 178 
HIS CA  CB   sing N N 179 
HIS CA  HA   sing N N 180 
HIS C   O    doub N N 181 
HIS C   OXT  sing N N 182 
HIS CB  CG   sing N N 183 
HIS CB  HB2  sing N N 184 
HIS CB  HB3  sing N N 185 
HIS CG  ND1  sing Y N 186 
HIS CG  CD2  doub Y N 187 
HIS ND1 CE1  doub Y N 188 
HIS ND1 HD1  sing N N 189 
HIS CD2 NE2  sing Y N 190 
HIS CD2 HD2  sing N N 191 
HIS CE1 NE2  sing Y N 192 
HIS CE1 HE1  sing N N 193 
HIS NE2 HE2  sing N N 194 
HIS OXT HXT  sing N N 195 
HOH O   H1   sing N N 196 
HOH O   H2   sing N N 197 
ILE N   CA   sing N N 198 
ILE N   H    sing N N 199 
ILE N   H2   sing N N 200 
ILE CA  C    sing N N 201 
ILE CA  CB   sing N N 202 
ILE CA  HA   sing N N 203 
ILE C   O    doub N N 204 
ILE C   OXT  sing N N 205 
ILE CB  CG1  sing N N 206 
ILE CB  CG2  sing N N 207 
ILE CB  HB   sing N N 208 
ILE CG1 CD1  sing N N 209 
ILE CG1 HG12 sing N N 210 
ILE CG1 HG13 sing N N 211 
ILE CG2 HG21 sing N N 212 
ILE CG2 HG22 sing N N 213 
ILE CG2 HG23 sing N N 214 
ILE CD1 HD11 sing N N 215 
ILE CD1 HD12 sing N N 216 
ILE CD1 HD13 sing N N 217 
ILE OXT HXT  sing N N 218 
LEU N   CA   sing N N 219 
LEU N   H    sing N N 220 
LEU N   H2   sing N N 221 
LEU CA  C    sing N N 222 
LEU CA  CB   sing N N 223 
LEU CA  HA   sing N N 224 
LEU C   O    doub N N 225 
LEU C   OXT  sing N N 226 
LEU CB  CG   sing N N 227 
LEU CB  HB2  sing N N 228 
LEU CB  HB3  sing N N 229 
LEU CG  CD1  sing N N 230 
LEU CG  CD2  sing N N 231 
LEU CG  HG   sing N N 232 
LEU CD1 HD11 sing N N 233 
LEU CD1 HD12 sing N N 234 
LEU CD1 HD13 sing N N 235 
LEU CD2 HD21 sing N N 236 
LEU CD2 HD22 sing N N 237 
LEU CD2 HD23 sing N N 238 
LEU OXT HXT  sing N N 239 
LYS N   CA   sing N N 240 
LYS N   H    sing N N 241 
LYS N   H2   sing N N 242 
LYS CA  C    sing N N 243 
LYS CA  CB   sing N N 244 
LYS CA  HA   sing N N 245 
LYS C   O    doub N N 246 
LYS C   OXT  sing N N 247 
LYS CB  CG   sing N N 248 
LYS CB  HB2  sing N N 249 
LYS CB  HB3  sing N N 250 
LYS CG  CD   sing N N 251 
LYS CG  HG2  sing N N 252 
LYS CG  HG3  sing N N 253 
LYS CD  CE   sing N N 254 
LYS CD  HD2  sing N N 255 
LYS CD  HD3  sing N N 256 
LYS CE  NZ   sing N N 257 
LYS CE  HE2  sing N N 258 
LYS CE  HE3  sing N N 259 
LYS NZ  HZ1  sing N N 260 
LYS NZ  HZ2  sing N N 261 
LYS NZ  HZ3  sing N N 262 
LYS OXT HXT  sing N N 263 
MET N   CA   sing N N 264 
MET N   H    sing N N 265 
MET N   H2   sing N N 266 
MET CA  C    sing N N 267 
MET CA  CB   sing N N 268 
MET CA  HA   sing N N 269 
MET C   O    doub N N 270 
MET C   OXT  sing N N 271 
MET CB  CG   sing N N 272 
MET CB  HB2  sing N N 273 
MET CB  HB3  sing N N 274 
MET CG  SD   sing N N 275 
MET CG  HG2  sing N N 276 
MET CG  HG3  sing N N 277 
MET SD  CE   sing N N 278 
MET CE  HE1  sing N N 279 
MET CE  HE2  sing N N 280 
MET CE  HE3  sing N N 281 
MET OXT HXT  sing N N 282 
PHE N   CA   sing N N 283 
PHE N   H    sing N N 284 
PHE N   H2   sing N N 285 
PHE CA  C    sing N N 286 
PHE CA  CB   sing N N 287 
PHE CA  HA   sing N N 288 
PHE C   O    doub N N 289 
PHE C   OXT  sing N N 290 
PHE CB  CG   sing N N 291 
PHE CB  HB2  sing N N 292 
PHE CB  HB3  sing N N 293 
PHE CG  CD1  doub Y N 294 
PHE CG  CD2  sing Y N 295 
PHE CD1 CE1  sing Y N 296 
PHE CD1 HD1  sing N N 297 
PHE CD2 CE2  doub Y N 298 
PHE CD2 HD2  sing N N 299 
PHE CE1 CZ   doub Y N 300 
PHE CE1 HE1  sing N N 301 
PHE CE2 CZ   sing Y N 302 
PHE CE2 HE2  sing N N 303 
PHE CZ  HZ   sing N N 304 
PHE OXT HXT  sing N N 305 
PRO N   CA   sing N N 306 
PRO N   CD   sing N N 307 
PRO N   H    sing N N 308 
PRO CA  C    sing N N 309 
PRO CA  CB   sing N N 310 
PRO CA  HA   sing N N 311 
PRO C   O    doub N N 312 
PRO C   OXT  sing N N 313 
PRO CB  CG   sing N N 314 
PRO CB  HB2  sing N N 315 
PRO CB  HB3  sing N N 316 
PRO CG  CD   sing N N 317 
PRO CG  HG2  sing N N 318 
PRO CG  HG3  sing N N 319 
PRO CD  HD2  sing N N 320 
PRO CD  HD3  sing N N 321 
PRO OXT HXT  sing N N 322 
SER N   CA   sing N N 323 
SER N   H    sing N N 324 
SER N   H2   sing N N 325 
SER CA  C    sing N N 326 
SER CA  CB   sing N N 327 
SER CA  HA   sing N N 328 
SER C   O    doub N N 329 
SER C   OXT  sing N N 330 
SER CB  OG   sing N N 331 
SER CB  HB2  sing N N 332 
SER CB  HB3  sing N N 333 
SER OG  HG   sing N N 334 
SER OXT HXT  sing N N 335 
THR N   CA   sing N N 336 
THR N   H    sing N N 337 
THR N   H2   sing N N 338 
THR CA  C    sing N N 339 
THR CA  CB   sing N N 340 
THR CA  HA   sing N N 341 
THR C   O    doub N N 342 
THR C   OXT  sing N N 343 
THR CB  OG1  sing N N 344 
THR CB  CG2  sing N N 345 
THR CB  HB   sing N N 346 
THR OG1 HG1  sing N N 347 
THR CG2 HG21 sing N N 348 
THR CG2 HG22 sing N N 349 
THR CG2 HG23 sing N N 350 
THR OXT HXT  sing N N 351 
TRP N   CA   sing N N 352 
TRP N   H    sing N N 353 
TRP N   H2   sing N N 354 
TRP CA  C    sing N N 355 
TRP CA  CB   sing N N 356 
TRP CA  HA   sing N N 357 
TRP C   O    doub N N 358 
TRP C   OXT  sing N N 359 
TRP CB  CG   sing N N 360 
TRP CB  HB2  sing N N 361 
TRP CB  HB3  sing N N 362 
TRP CG  CD1  doub Y N 363 
TRP CG  CD2  sing Y N 364 
TRP CD1 NE1  sing Y N 365 
TRP CD1 HD1  sing N N 366 
TRP CD2 CE2  doub Y N 367 
TRP CD2 CE3  sing Y N 368 
TRP NE1 CE2  sing Y N 369 
TRP NE1 HE1  sing N N 370 
TRP CE2 CZ2  sing Y N 371 
TRP CE3 CZ3  doub Y N 372 
TRP CE3 HE3  sing N N 373 
TRP CZ2 CH2  doub Y N 374 
TRP CZ2 HZ2  sing N N 375 
TRP CZ3 CH2  sing Y N 376 
TRP CZ3 HZ3  sing N N 377 
TRP CH2 HH2  sing N N 378 
TRP OXT HXT  sing N N 379 
VAL N   CA   sing N N 380 
VAL N   H    sing N N 381 
VAL N   H2   sing N N 382 
VAL CA  C    sing N N 383 
VAL CA  CB   sing N N 384 
VAL CA  HA   sing N N 385 
VAL C   O    doub N N 386 
VAL C   OXT  sing N N 387 
VAL CB  CG1  sing N N 388 
VAL CB  CG2  sing N N 389 
VAL CB  HB   sing N N 390 
VAL CG1 HG11 sing N N 391 
VAL CG1 HG12 sing N N 392 
VAL CG1 HG13 sing N N 393 
VAL CG2 HG21 sing N N 394 
VAL CG2 HG22 sing N N 395 
VAL CG2 HG23 sing N N 396 
VAL OXT HXT  sing N N 397 
# 
_atom_sites.entry_id                    1LSL 
_atom_sites.fract_transf_matrix[1][1]   -0.01380434 
_atom_sites.fract_transf_matrix[1][2]   0.00723217 
_atom_sites.fract_transf_matrix[1][3]   -0.00084961 
_atom_sites.fract_transf_matrix[2][1]   -0.00080865 
_atom_sites.fract_transf_matrix[2][2]   -0.00015513 
_atom_sites.fract_transf_matrix[2][3]   0.01181835 
_atom_sites.fract_transf_matrix[3][1]   0.00437715 
_atom_sites.fract_transf_matrix[3][2]   0.02805069 
_atom_sites.fract_transf_matrix[3][3]   0.00066771 
_atom_sites.fract_transf_vector[1]      0.522299 
_atom_sites.fract_transf_vector[2]      0.798020 
_atom_sites.fract_transf_vector[3]      0.050801 
# 
loop_
_atom_type.symbol 
C 
N 
O 
S 
# 
loop_
_atom_site.group_PDB 
_atom_site.id 
_atom_site.type_symbol 
_atom_site.label_atom_id 
_atom_site.label_alt_id 
_atom_site.label_comp_id 
_atom_site.label_asym_id 
_atom_site.label_entity_id 
_atom_site.label_seq_id 
_atom_site.pdbx_PDB_ins_code 
_atom_site.Cartn_x 
_atom_site.Cartn_y 
_atom_site.Cartn_z 
_atom_site.occupancy 
_atom_site.B_iso_or_equiv 
_atom_site.pdbx_formal_charge 
_atom_site.auth_seq_id 
_atom_site.auth_comp_id 
_atom_site.auth_asym_id 
_atom_site.auth_atom_id 
_atom_site.pdbx_PDB_model_num 
ATOM   1    N N   . GLN A 1 1   ? 24.403  -19.144 -39.572 1.00 47.73  ? 416  GLN A N   1 
ATOM   2    C CA  . GLN A 1 1   ? 24.682  -18.198 -38.456 1.00 47.08  ? 416  GLN A CA  1 
ATOM   3    C C   . GLN A 1 1   ? 23.742  -18.391 -37.267 1.00 41.56  ? 416  GLN A C   1 
ATOM   4    O O   . GLN A 1 1   ? 22.583  -17.960 -37.293 1.00 37.46  ? 416  GLN A O   1 
ATOM   5    C CB  . GLN A 1 1   ? 24.584  -16.746 -38.942 1.00 52.74  ? 416  GLN A CB  1 
ATOM   6    C CG  . GLN A 1 1   ? 24.905  -15.713 -37.866 1.00 59.88  ? 416  GLN A CG  1 
ATOM   7    C CD  . GLN A 1 1   ? 26.316  -15.864 -37.304 1.00 68.82  ? 416  GLN A CD  1 
ATOM   8    O OE1 . GLN A 1 1   ? 27.146  -14.955 -37.424 1.00 74.12  ? 416  GLN A OE1 1 
ATOM   9    N NE2 . GLN A 1 1   ? 26.593  -17.012 -36.688 1.00 71.79  ? 416  GLN A NE2 1 
ATOM   10   N N   . ASP A 1 2   ? 24.262  -19.051 -36.232 1.00 36.85  ? 417  ASP A N   1 
ATOM   11   C CA  . ASP A 1 2   ? 23.518  -19.307 -35.002 1.00 34.23  ? 417  ASP A CA  1 
ATOM   12   C C   . ASP A 1 2   ? 23.368  -17.982 -34.260 1.00 32.66  ? 417  ASP A C   1 
ATOM   13   O O   . ASP A 1 2   ? 24.187  -17.079 -34.435 1.00 34.39  ? 417  ASP A O   1 
ATOM   14   C CB  . ASP A 1 2   ? 24.282  -20.287 -34.113 1.00 34.20  ? 417  ASP A CB  1 
ATOM   15   C CG  . ASP A 1 2   ? 24.086  -21.731 -34.531 1.00 41.40  ? 417  ASP A CG  1 
ATOM   16   O OD1 . ASP A 1 2   ? 23.179  -21.991 -35.362 1.00 39.43  ? 417  ASP A OD1 1 
ATOM   17   O OD2 . ASP A 1 2   ? 24.839  -22.604 -34.027 1.00 41.87  ? 417  ASP A OD2 1 
ATOM   18   N N   . GLY A 1 3   ? 22.330  -17.864 -33.437 1.00 27.51  ? 418  GLY A N   1 
ATOM   19   C CA  . GLY A 1 3   ? 22.130  -16.638 -32.690 1.00 23.55  ? 418  GLY A CA  1 
ATOM   20   C C   . GLY A 1 3   ? 23.046  -16.546 -31.475 1.00 24.28  ? 418  GLY A C   1 
ATOM   21   O O   . GLY A 1 3   ? 23.452  -17.566 -30.911 1.00 22.96  ? 418  GLY A O   1 
ATOM   22   N N   . GLY A 1 4   ? 23.384  -15.314 -31.092 1.00 22.44  ? 419  GLY A N   1 
ATOM   23   C CA  . GLY A 1 4   ? 24.225  -15.067 -29.934 1.00 19.81  ? 419  GLY A CA  1 
ATOM   24   C C   . GLY A 1 4   ? 23.620  -13.963 -29.067 1.00 23.81  ? 419  GLY A C   1 
ATOM   25   O O   . GLY A 1 4   ? 23.130  -12.952 -29.577 1.00 23.00  ? 419  GLY A O   1 
ATOM   26   N N   . TRP A 1 5   ? 23.644  -14.152 -27.750 1.00 25.15  ? 420  TRP A N   1 
ATOM   27   C CA  . TRP A 1 5   ? 23.093  -13.173 -26.815 1.00 23.11  ? 420  TRP A CA  1 
ATOM   28   C C   . TRP A 1 5   ? 23.957  -11.928 -26.728 1.00 23.88  ? 420  TRP A C   1 
ATOM   29   O O   . TRP A 1 5   ? 25.185  -12.003 -26.785 1.00 24.13  ? 420  TRP A O   1 
ATOM   30   C CB  . TRP A 1 5   ? 23.005  -13.767 -25.407 1.00 20.19  ? 420  TRP A CB  1 
ATOM   31   C CG  . TRP A 1 5   ? 21.904  -14.757 -25.206 1.00 23.41  ? 420  TRP A CG  1 
ATOM   32   C CD1 . TRP A 1 5   ? 22.039  -16.074 -24.871 1.00 23.99  ? 420  TRP A CD1 1 
ATOM   33   C CD2 . TRP A 1 5   ? 20.496  -14.503 -25.274 1.00 25.84  ? 420  TRP A CD2 1 
ATOM   34   N NE1 . TRP A 1 5   ? 20.802  -16.655 -24.722 1.00 25.59  ? 420  TRP A NE1 1 
ATOM   35   C CE2 . TRP A 1 5   ? 19.839  -15.712 -24.963 1.00 23.72  ? 420  TRP A CE2 1 
ATOM   36   C CE3 . TRP A 1 5   ? 19.725  -13.370 -25.563 1.00 21.79  ? 420  TRP A CE3 1 
ATOM   37   C CZ2 . TRP A 1 5   ? 18.456  -15.821 -24.938 1.00 23.15  ? 420  TRP A CZ2 1 
ATOM   38   C CZ3 . TRP A 1 5   ? 18.347  -13.477 -25.536 1.00 25.58  ? 420  TRP A CZ3 1 
ATOM   39   C CH2 . TRP A 1 5   ? 17.727  -14.696 -25.228 1.00 27.90  ? 420  TRP A CH2 1 
ATOM   40   N N   . SER A 1 6   ? 23.310  -10.782 -26.584 1.00 22.90  ? 421  SER A N   1 
ATOM   41   C CA  . SER A 1 6   ? 24.023  -9.526  -26.420 1.00 19.94  ? 421  SER A CA  1 
ATOM   42   C C   . SER A 1 6   ? 24.433  -9.534  -24.954 1.00 19.55  ? 421  SER A C   1 
ATOM   43   O O   . SER A 1 6   ? 24.070  -10.441 -24.205 1.00 21.85  ? 421  SER A O   1 
ATOM   44   C CB  . SER A 1 6   ? 23.082  -8.350  -26.643 1.00 21.67  ? 421  SER A CB  1 
ATOM   45   O OG  . SER A 1 6   ? 22.152  -8.274  -25.570 1.00 24.29  ? 421  SER A OG  1 
ATOM   46   N N   . HIS A 1 7   ? 25.199  -8.536  -24.538 1.00 19.91  ? 422  HIS A N   1 
ATOM   47   C CA  . HIS A 1 7   ? 25.577  -8.449  -23.144 1.00 18.59  ? 422  HIS A CA  1 
ATOM   48   C C   . HIS A 1 7   ? 24.310  -8.052  -22.397 1.00 21.55  ? 422  HIS A C   1 
ATOM   49   O O   . HIS A 1 7   ? 23.375  -7.492  -22.986 1.00 21.64  ? 422  HIS A O   1 
ATOM   50   C CB  . HIS A 1 7   ? 26.620  -7.367  -22.948 1.00 19.77  ? 422  HIS A CB  1 
ATOM   51   C CG  . HIS A 1 7   ? 28.015  -7.835  -23.178 1.00 22.51  ? 422  HIS A CG  1 
ATOM   52   N ND1 . HIS A 1 7   ? 28.581  -7.897  -24.428 1.00 25.85  ? 422  HIS A ND1 1 
ATOM   53   C CD2 . HIS A 1 7   ? 28.968  -8.244  -22.307 1.00 24.40  ? 422  HIS A CD2 1 
ATOM   54   C CE1 . HIS A 1 7   ? 29.826  -8.324  -24.323 1.00 26.29  ? 422  HIS A CE1 1 
ATOM   55   N NE2 . HIS A 1 7   ? 30.084  -8.542  -23.047 1.00 22.75  ? 422  HIS A NE2 1 
ATOM   56   N N   . TRP A 1 8   ? 24.274  -8.331  -21.104 1.00 22.35  ? 423  TRP A N   1 
ATOM   57   C CA  . TRP A 1 8   ? 23.112  -7.969  -20.314 1.00 24.28  ? 423  TRP A CA  1 
ATOM   58   C C   . TRP A 1 8   ? 23.026  -6.452  -20.209 1.00 24.25  ? 423  TRP A C   1 
ATOM   59   O O   . TRP A 1 8   ? 24.041  -5.757  -20.259 1.00 25.11  ? 423  TRP A O   1 
ATOM   60   C CB  . TRP A 1 8   ? 23.229  -8.538  -18.909 1.00 23.81  ? 423  TRP A CB  1 
ATOM   61   C CG  . TRP A 1 8   ? 22.889  -9.974  -18.800 1.00 24.61  ? 423  TRP A CG  1 
ATOM   62   C CD1 . TRP A 1 8   ? 23.752  -10.999 -18.549 1.00 23.67  ? 423  TRP A CD1 1 
ATOM   63   C CD2 . TRP A 1 8   ? 21.587  -10.558 -18.906 1.00 25.47  ? 423  TRP A CD2 1 
ATOM   64   N NE1 . TRP A 1 8   ? 23.070  -12.189 -18.491 1.00 23.91  ? 423  TRP A NE1 1 
ATOM   65   C CE2 . TRP A 1 8   ? 21.738  -11.949 -18.705 1.00 24.20  ? 423  TRP A CE2 1 
ATOM   66   C CE3 . TRP A 1 8   ? 20.306  -10.044 -19.149 1.00 26.43  ? 423  TRP A CE3 1 
ATOM   67   C CZ2 . TRP A 1 8   ? 20.655  -12.837 -18.741 1.00 26.24  ? 423  TRP A CZ2 1 
ATOM   68   C CZ3 . TRP A 1 8   ? 19.223  -10.927 -19.184 1.00 27.45  ? 423  TRP A CZ3 1 
ATOM   69   C CH2 . TRP A 1 8   ? 19.409  -12.310 -18.980 1.00 24.73  ? 423  TRP A CH2 1 
ATOM   70   N N   . SER A 1 9   ? 21.805  -5.948  -20.071 1.00 26.44  ? 424  SER A N   1 
ATOM   71   C CA  . SER A 1 9   ? 21.576  -4.519  -19.893 1.00 25.26  ? 424  SER A CA  1 
ATOM   72   C C   . SER A 1 9   ? 21.840  -4.260  -18.422 1.00 27.09  ? 424  SER A C   1 
ATOM   73   O O   . SER A 1 9   ? 21.935  -5.207  -17.631 1.00 29.74  ? 424  SER A O   1 
ATOM   74   C CB  . SER A 1 9   ? 20.119  -4.173  -20.150 1.00 25.55  ? 424  SER A CB  1 
ATOM   75   O OG  . SER A 1 9   ? 19.343  -4.461  -18.988 1.00 24.90  ? 424  SER A OG  1 
ATOM   76   N N   . PRO A 1 10  ? 22.010  -2.983  -18.035 1.00 28.05  ? 425  PRO A N   1 
ATOM   77   C CA  . PRO A 1 10  ? 22.239  -2.743  -16.602 1.00 27.52  ? 425  PRO A CA  1 
ATOM   78   C C   . PRO A 1 10  ? 20.939  -3.151  -15.865 1.00 26.41  ? 425  PRO A C   1 
ATOM   79   O O   . PRO A 1 10  ? 19.867  -3.223  -16.480 1.00 25.40  ? 425  PRO A O   1 
ATOM   80   C CB  . PRO A 1 10  ? 22.508  -1.232  -16.519 1.00 24.35  ? 425  PRO A CB  1 
ATOM   81   C CG  . PRO A 1 10  ? 22.828  -0.805  -17.921 1.00 22.96  ? 425  PRO A CG  1 
ATOM   82   C CD  . PRO A 1 10  ? 22.056  -1.738  -18.822 1.00 23.12  ? 425  PRO A CD  1 
ATOM   83   N N   . TRP A 1 11  ? 21.034  -3.441  -14.571 1.00 30.55  ? 426  TRP A N   1 
ATOM   84   C CA  . TRP A 1 11  ? 19.855  -3.824  -13.782 1.00 31.49  ? 426  TRP A CA  1 
ATOM   85   C C   . TRP A 1 11  ? 18.986  -2.594  -13.560 1.00 31.75  ? 426  TRP A C   1 
ATOM   86   O O   . TRP A 1 11  ? 19.497  -1.508  -13.295 1.00 31.23  ? 426  TRP A O   1 
ATOM   87   C CB  . TRP A 1 11  ? 20.259  -4.355  -12.401 1.00 31.02  ? 426  TRP A CB  1 
ATOM   88   C CG  . TRP A 1 11  ? 20.744  -5.766  -12.366 1.00 26.58  ? 426  TRP A CG  1 
ATOM   89   C CD1 . TRP A 1 11  ? 22.039  -6.178  -12.285 1.00 26.28  ? 426  TRP A CD1 1 
ATOM   90   C CD2 . TRP A 1 11  ? 19.942  -6.953  -12.331 1.00 28.05  ? 426  TRP A CD2 1 
ATOM   91   N NE1 . TRP A 1 11  ? 22.098  -7.546  -12.198 1.00 29.03  ? 426  TRP A NE1 1 
ATOM   92   C CE2 . TRP A 1 11  ? 20.823  -8.047  -12.226 1.00 28.42  ? 426  TRP A CE2 1 
ATOM   93   C CE3 . TRP A 1 11  ? 18.564  -7.196  -12.382 1.00 28.83  ? 426  TRP A CE3 1 
ATOM   94   C CZ2 . TRP A 1 11  ? 20.370  -9.372  -12.165 1.00 27.95  ? 426  TRP A CZ2 1 
ATOM   95   C CZ3 . TRP A 1 11  ? 18.115  -8.516  -12.324 1.00 28.87  ? 426  TRP A CZ3 1 
ATOM   96   C CH2 . TRP A 1 11  ? 19.017  -9.584  -12.215 1.00 27.11  ? 426  TRP A CH2 1 
ATOM   97   N N   . SER A 1 12  ? 17.675  -2.755  -13.682 1.00 34.09  ? 427  SER A N   1 
ATOM   98   C CA  . SER A 1 12  ? 16.775  -1.639  -13.441 1.00 33.21  ? 427  SER A CA  1 
ATOM   99   C C   . SER A 1 12  ? 16.775  -1.397  -11.931 1.00 33.62  ? 427  SER A C   1 
ATOM   100  O O   . SER A 1 12  ? 17.383  -2.154  -11.172 1.00 32.89  ? 427  SER A O   1 
ATOM   101  C CB  . SER A 1 12  ? 15.366  -1.983  -13.908 1.00 30.66  ? 427  SER A CB  1 
ATOM   102  O OG  . SER A 1 12  ? 14.734  -2.849  -12.985 1.00 34.31  ? 427  SER A OG  1 
ATOM   103  N N   . SER A 1 13  ? 16.118  -0.333  -11.494 1.00 34.99  ? 428  SER A N   1 
ATOM   104  C CA  . SER A 1 13  ? 16.043  -0.040  -10.071 1.00 35.08  ? 428  SER A CA  1 
ATOM   105  C C   . SER A 1 13  ? 14.885  -0.857  -9.508  1.00 33.39  ? 428  SER A C   1 
ATOM   106  O O   . SER A 1 13  ? 14.089  -1.426  -10.262 1.00 32.61  ? 428  SER A O   1 
ATOM   107  C CB  . SER A 1 13  ? 15.794  1.450   -9.854  1.00 34.83  ? 428  SER A CB  1 
ATOM   108  O OG  . SER A 1 13  ? 14.688  1.881   -10.628 1.00 43.43  ? 428  SER A OG  1 
ATOM   109  N N   . CYS A 1 14  ? 14.790  -0.919  -8.186  1.00 35.54  ? 429  CYS A N   1 
ATOM   110  C CA  . CYS A 1 14  ? 13.722  -1.673  -7.537  1.00 35.17  ? 429  CYS A CA  1 
ATOM   111  C C   . CYS A 1 14  ? 12.342  -1.219  -8.022  1.00 33.90  ? 429  CYS A C   1 
ATOM   112  O O   . CYS A 1 14  ? 12.108  -0.026  -8.197  1.00 36.99  ? 429  CYS A O   1 
ATOM   113  C CB  . CYS A 1 14  ? 13.834  -1.509  -6.022  1.00 38.46  ? 429  CYS A CB  1 
ATOM   114  S SG  . CYS A 1 14  ? 12.962  -2.780  -5.049  1.00 49.96  ? 429  CYS A SG  1 
ATOM   115  N N   . SER A 1 15  ? 11.437  -2.172  -8.248  1.00 32.14  ? 430  SER A N   1 
ATOM   116  C CA  . SER A 1 15  ? 10.082  -1.869  -8.712  1.00 30.01  ? 430  SER A CA  1 
ATOM   117  C C   . SER A 1 15  ? 9.262   -1.127  -7.658  1.00 31.37  ? 430  SER A C   1 
ATOM   118  O O   . SER A 1 15  ? 8.192   -0.585  -7.953  1.00 33.57  ? 430  SER A O   1 
ATOM   119  C CB  . SER A 1 15  ? 9.347   -3.154  -9.096  1.00 29.71  ? 430  SER A CB  1 
ATOM   120  O OG  . SER A 1 15  ? 9.313   -4.063  -8.005  1.00 33.84  ? 430  SER A OG  1 
ATOM   121  N N   . VAL A 1 16  ? 9.756   -1.114  -6.426  1.00 30.15  ? 431  VAL A N   1 
ATOM   122  C CA  . VAL A 1 16  ? 9.066   -0.431  -5.341  1.00 30.33  ? 431  VAL A CA  1 
ATOM   123  C C   . VAL A 1 16  ? 10.053  0.378   -4.511  1.00 31.84  ? 431  VAL A C   1 
ATOM   124  O O   . VAL A 1 16  ? 11.266  0.142   -4.549  1.00 31.57  ? 431  VAL A O   1 
ATOM   125  C CB  . VAL A 1 16  ? 8.331   -1.430  -4.406  1.00 28.31  ? 431  VAL A CB  1 
ATOM   126  C CG1 . VAL A 1 16  ? 7.271   -2.187  -5.185  1.00 27.32  ? 431  VAL A CG1 1 
ATOM   127  C CG2 . VAL A 1 16  ? 9.327   -2.384  -3.768  1.00 22.05  ? 431  VAL A CG2 1 
ATOM   128  N N   . THR A 1 17  ? 9.523   1.337   -3.760  1.00 31.98  ? 432  THR A N   1 
ATOM   129  C CA  . THR A 1 17  ? 10.353  2.177   -2.924  1.00 34.23  ? 432  THR A CA  1 
ATOM   130  C C   . THR A 1 17  ? 10.284  1.695   -1.490  1.00 33.07  ? 432  THR A C   1 
ATOM   131  O O   . THR A 1 17  ? 11.042  2.145   -0.641  1.00 35.06  ? 432  THR A O   1 
ATOM   132  C CB  . THR A 1 17  ? 9.904   3.640   -2.986  1.00 39.46  ? 432  THR A CB  1 
ATOM   133  O OG1 . THR A 1 17  ? 8.475   3.701   -2.917  1.00 50.09  ? 432  THR A OG1 1 
ATOM   134  C CG2 . THR A 1 17  ? 10.371  4.289   -4.286  1.00 39.76  ? 432  THR A CG2 1 
ATOM   135  N N   . CYS A 1 18  ? 9.368   0.778   -1.217  1.00 30.31  ? 433  CYS A N   1 
ATOM   136  C CA  . CYS A 1 18  ? 9.235   0.234   0.124   1.00 30.76  ? 433  CYS A CA  1 
ATOM   137  C C   . CYS A 1 18  ? 8.658   -1.155  -0.027  1.00 29.09  ? 433  CYS A C   1 
ATOM   138  O O   . CYS A 1 18  ? 7.973   -1.441  -1.005  1.00 30.31  ? 433  CYS A O   1 
ATOM   139  C CB  . CYS A 1 18  ? 8.312   1.109   0.984   1.00 32.12  ? 433  CYS A CB  1 
ATOM   140  S SG  . CYS A 1 18  ? 6.637   1.373   0.312   1.00 41.12  ? 433  CYS A SG  1 
ATOM   141  N N   . GLY A 1 19  ? 8.940   -2.024  0.930   1.00 25.22  ? 434  GLY A N   1 
ATOM   142  C CA  . GLY A 1 19  ? 8.420   -3.369  0.834   1.00 27.20  ? 434  GLY A CA  1 
ATOM   143  C C   . GLY A 1 19  ? 9.227   -4.155  -0.173  1.00 31.37  ? 434  GLY A C   1 
ATOM   144  O O   . GLY A 1 19  ? 10.352  -3.779  -0.491  1.00 29.93  ? 434  GLY A O   1 
ATOM   145  N N   . ASP A 1 20  ? 8.640   -5.234  -0.690  1.00 36.94  ? 435  ASP A N   1 
ATOM   146  C CA  . ASP A 1 20  ? 9.304   -6.113  -1.654  1.00 37.32  ? 435  ASP A CA  1 
ATOM   147  C C   . ASP A 1 20  ? 8.909   -5.933  -3.130  1.00 35.08  ? 435  ASP A C   1 
ATOM   148  O O   . ASP A 1 20  ? 7.742   -5.761  -3.470  1.00 32.74  ? 435  ASP A O   1 
ATOM   149  C CB  . ASP A 1 20  ? 9.082   -7.574  -1.251  1.00 41.99  ? 435  ASP A CB  1 
ATOM   150  C CG  . ASP A 1 20  ? 9.480   -7.851  0.190   1.00 48.98  ? 435  ASP A CG  1 
ATOM   151  O OD1 . ASP A 1 20  ? 10.424  -7.201  0.691   1.00 50.99  ? 435  ASP A OD1 1 
ATOM   152  O OD2 . ASP A 1 20  ? 8.847   -8.723  0.826   1.00 55.22  ? 435  ASP A OD2 1 
ATOM   153  N N   . GLY A 1 21  ? 9.908   -5.981  -4.001  1.00 38.23  ? 436  GLY A N   1 
ATOM   154  C CA  . GLY A 1 21  ? 9.671   -5.846  -5.428  1.00 38.48  ? 436  GLY A CA  1 
ATOM   155  C C   . GLY A 1 21  ? 10.733  -6.630  -6.182  1.00 40.50  ? 436  GLY A C   1 
ATOM   156  O O   . GLY A 1 21  ? 11.266  -7.622  -5.657  1.00 37.07  ? 436  GLY A O   1 
ATOM   157  N N   . VAL A 1 22  ? 11.056  -6.193  -7.399  1.00 39.80  ? 437  VAL A N   1 
ATOM   158  C CA  . VAL A 1 22  ? 12.078  -6.872  -8.203  1.00 41.64  ? 437  VAL A CA  1 
ATOM   159  C C   . VAL A 1 22  ? 12.881  -5.954  -9.127  1.00 40.83  ? 437  VAL A C   1 
ATOM   160  O O   . VAL A 1 22  ? 12.376  -4.928  -9.592  1.00 40.86  ? 437  VAL A O   1 
ATOM   161  C CB  . VAL A 1 22  ? 11.469  -7.992  -9.103  1.00 39.94  ? 437  VAL A CB  1 
ATOM   162  C CG1 . VAL A 1 22  ? 10.818  -9.065  -8.249  1.00 41.84  ? 437  VAL A CG1 1 
ATOM   163  C CG2 . VAL A 1 22  ? 10.473  -7.400  -10.086 1.00 37.77  ? 437  VAL A CG2 1 
ATOM   164  N N   . ILE A 1 23  ? 14.139  -6.328  -9.369  1.00 43.54  ? 438  ILE A N   1 
ATOM   165  C CA  . ILE A 1 23  ? 15.006  -5.604  -10.303 1.00 40.79  ? 438  ILE A CA  1 
ATOM   166  C C   . ILE A 1 23  ? 15.096  -6.512  -11.528 1.00 39.69  ? 438  ILE A C   1 
ATOM   167  O O   . ILE A 1 23  ? 15.250  -7.725  -11.403 1.00 40.02  ? 438  ILE A O   1 
ATOM   168  C CB  . ILE A 1 23  ? 16.440  -5.366  -9.767  1.00 39.00  ? 438  ILE A CB  1 
ATOM   169  C CG1 . ILE A 1 23  ? 16.977  -6.618  -9.089  1.00 37.24  ? 438  ILE A CG1 1 
ATOM   170  C CG2 . ILE A 1 23  ? 16.454  -4.188  -8.821  1.00 39.00  ? 438  ILE A CG2 1 
ATOM   171  C CD1 . ILE A 1 23  ? 18.454  -6.545  -8.819  1.00 34.89  ? 438  ILE A CD1 1 
ATOM   172  N N   . THR A 1 24  ? 14.974  -5.921  -12.708 1.00 38.71  ? 439  THR A N   1 
ATOM   173  C CA  . THR A 1 24  ? 15.019  -6.672  -13.949 1.00 38.17  ? 439  THR A CA  1 
ATOM   174  C C   . THR A 1 24  ? 16.181  -6.221  -14.834 1.00 39.05  ? 439  THR A C   1 
ATOM   175  O O   . THR A 1 24  ? 16.725  -5.120  -14.668 1.00 37.11  ? 439  THR A O   1 
ATOM   176  C CB  . THR A 1 24  ? 13.695  -6.502  -14.715 1.00 36.93  ? 439  THR A CB  1 
ATOM   177  O OG1 . THR A 1 24  ? 12.611  -6.829  -13.840 1.00 41.39  ? 439  THR A OG1 1 
ATOM   178  C CG2 . THR A 1 24  ? 13.643  -7.404  -15.949 1.00 36.44  ? 439  THR A CG2 1 
ATOM   179  N N   . ARG A 1 25  ? 16.567  -7.093  -15.761 1.00 36.92  ? 440  ARG A N   1 
ATOM   180  C CA  . ARG A 1 25  ? 17.636  -6.803  -16.700 1.00 35.19  ? 440  ARG A CA  1 
ATOM   181  C C   . ARG A 1 25  ? 17.348  -7.632  -17.956 1.00 37.09  ? 440  ARG A C   1 
ATOM   182  O O   . ARG A 1 25  ? 16.797  -8.734  -17.858 1.00 36.25  ? 440  ARG A O   1 
ATOM   183  C CB  . ARG A 1 25  ? 18.989  -7.144  -16.066 1.00 34.13  ? 440  ARG A CB  1 
ATOM   184  C CG  . ARG A 1 25  ? 19.633  -8.391  -16.575 1.00 36.09  ? 440  ARG A CG  1 
ATOM   185  C CD  . ARG A 1 25  ? 20.350  -9.119  -15.478 1.00 32.32  ? 440  ARG A CD  1 
ATOM   186  N NE  . ARG A 1 25  ? 21.770  -8.814  -15.467 1.00 35.36  ? 440  ARG A NE  1 
ATOM   187  C CZ  . ARG A 1 25  ? 22.729  -9.721  -15.316 1.00 29.13  ? 440  ARG A CZ  1 
ATOM   188  N NH1 . ARG A 1 25  ? 22.418  -10.998 -15.163 1.00 31.04  ? 440  ARG A NH1 1 
ATOM   189  N NH2 . ARG A 1 25  ? 23.999  -9.347  -15.317 1.00 31.74  ? 440  ARG A NH2 1 
ATOM   190  N N   . ILE A 1 26  ? 17.690  -7.104  -19.132 1.00 35.26  ? 441  ILE A N   1 
ATOM   191  C CA  . ILE A 1 26  ? 17.413  -7.826  -20.376 1.00 33.53  ? 441  ILE A CA  1 
ATOM   192  C C   . ILE A 1 26  ? 18.584  -8.075  -21.344 1.00 30.01  ? 441  ILE A C   1 
ATOM   193  O O   . ILE A 1 26  ? 19.625  -7.426  -21.284 1.00 25.73  ? 441  ILE A O   1 
ATOM   194  C CB  . ILE A 1 26  ? 16.264  -7.143  -21.177 1.00 35.27  ? 441  ILE A CB  1 
ATOM   195  C CG1 . ILE A 1 26  ? 16.594  -5.674  -21.416 1.00 31.79  ? 441  ILE A CG1 1 
ATOM   196  C CG2 . ILE A 1 26  ? 14.934  -7.304  -20.445 1.00 36.42  ? 441  ILE A CG2 1 
ATOM   197  C CD1 . ILE A 1 26  ? 16.615  -5.309  -22.878 1.00 36.92  ? 441  ILE A CD1 1 
ATOM   198  N N   . ARG A 1 27  ? 18.352  -9.030  -22.240 1.00 27.45  ? 442  ARG A N   1 
ATOM   199  C CA  . ARG A 1 27  ? 19.286  -9.479  -23.258 1.00 29.22  ? 442  ARG A CA  1 
ATOM   200  C C   . ARG A 1 27  ? 18.509  -9.470  -24.557 1.00 28.59  ? 442  ARG A C   1 
ATOM   201  O O   . ARG A 1 27  ? 17.284  -9.556  -24.549 1.00 27.78  ? 442  ARG A O   1 
ATOM   202  C CB  . ARG A 1 27  ? 19.616  -10.939 -23.056 1.00 34.12  ? 442  ARG A CB  1 
ATOM   203  C CG  . ARG A 1 27  ? 20.855  -11.324 -22.368 1.00 36.99  ? 442  ARG A CG  1 
ATOM   204  C CD  . ARG A 1 27  ? 20.613  -12.771 -22.034 1.00 34.00  ? 442  ARG A CD  1 
ATOM   205  N NE  . ARG A 1 27  ? 21.819  -13.541 -21.797 1.00 42.00  ? 442  ARG A NE  1 
ATOM   206  C CZ  . ARG A 1 27  ? 21.805  -14.835 -21.504 1.00 39.88  ? 442  ARG A CZ  1 
ATOM   207  N NH1 . ARG A 1 27  ? 20.647  -15.489 -21.419 1.00 33.59  ? 442  ARG A NH1 1 
ATOM   208  N NH2 . ARG A 1 27  ? 22.948  -15.470 -21.302 1.00 47.78  ? 442  ARG A NH2 1 
ATOM   209  N N   . LEU A 1 28  ? 19.238  -9.446  -25.666 1.00 28.26  ? 443  LEU A N   1 
ATOM   210  C CA  . LEU A 1 28  ? 18.637  -9.500  -26.992 1.00 25.96  ? 443  LEU A CA  1 
ATOM   211  C C   . LEU A 1 28  ? 19.393  -10.564 -27.771 1.00 26.12  ? 443  LEU A C   1 
ATOM   212  O O   . LEU A 1 28  ? 20.602  -10.692 -27.617 1.00 27.39  ? 443  LEU A O   1 
ATOM   213  C CB  . LEU A 1 28  ? 18.788  -8.165  -27.707 1.00 26.10  ? 443  LEU A CB  1 
ATOM   214  C CG  . LEU A 1 28  ? 18.138  -6.940  -27.082 1.00 28.91  ? 443  LEU A CG  1 
ATOM   215  C CD1 . LEU A 1 28  ? 18.477  -5.729  -27.930 1.00 27.81  ? 443  LEU A CD1 1 
ATOM   216  C CD2 . LEU A 1 28  ? 16.626  -7.141  -26.984 1.00 30.25  ? 443  LEU A CD2 1 
ATOM   217  N N   . CYS A 1 29  ? 18.698  -11.354 -28.581 1.00 27.58  ? 444  CYS A N   1 
ATOM   218  C CA  . CYS A 1 29  ? 19.386  -12.362 -29.387 1.00 28.75  ? 444  CYS A CA  1 
ATOM   219  C C   . CYS A 1 29  ? 19.728  -11.624 -30.682 1.00 28.27  ? 444  CYS A C   1 
ATOM   220  O O   . CYS A 1 29  ? 19.078  -11.814 -31.717 1.00 30.75  ? 444  CYS A O   1 
ATOM   221  C CB  . CYS A 1 29  ? 18.465  -13.557 -29.669 1.00 33.59  ? 444  CYS A CB  1 
ATOM   222  S SG  . CYS A 1 29  ? 19.286  -14.971 -30.489 1.00 36.84  ? 444  CYS A SG  1 
ATOM   223  N N   . ASN A 1 30  ? 20.749  -10.772 -30.606 1.00 26.57  ? 445  ASN A N   1 
ATOM   224  C CA  . ASN A 1 30  ? 21.160  -9.943  -31.737 1.00 24.98  ? 445  ASN A CA  1 
ATOM   225  C C   . ASN A 1 30  ? 22.670  -9.843  -31.950 1.00 25.80  ? 445  ASN A C   1 
ATOM   226  O O   . ASN A 1 30  ? 23.127  -9.018  -32.746 1.00 26.79  ? 445  ASN A O   1 
ATOM   227  C CB  . ASN A 1 30  ? 20.591  -8.524  -31.548 1.00 26.22  ? 445  ASN A CB  1 
ATOM   228  C CG  . ASN A 1 30  ? 21.259  -7.759  -30.395 1.00 19.90  ? 445  ASN A CG  1 
ATOM   229  O OD1 . ASN A 1 30  ? 22.140  -8.271  -29.718 1.00 22.46  ? 445  ASN A OD1 1 
ATOM   230  N ND2 . ASN A 1 30  ? 20.831  -6.529  -30.179 1.00 24.93  ? 445  ASN A ND2 1 
ATOM   231  N N   . SER A 1 31  ? 23.441  -10.680 -31.255 1.00 25.15  ? 446  SER A N   1 
ATOM   232  C CA  . SER A 1 31  ? 24.902  -10.639 -31.350 1.00 25.22  ? 446  SER A CA  1 
ATOM   233  C C   . SER A 1 31  ? 25.604  -11.948 -31.739 1.00 23.53  ? 446  SER A C   1 
ATOM   234  O O   . SER A 1 31  ? 26.417  -12.467 -30.985 1.00 25.91  ? 446  SER A O   1 
ATOM   235  C CB  . SER A 1 31  ? 25.478  -10.142 -30.019 1.00 22.53  ? 446  SER A CB  1 
ATOM   236  O OG  . SER A 1 31  ? 24.838  -8.954  -29.606 1.00 22.04  ? 446  SER A OG  1 
ATOM   237  N N   . PRO A 1 32  ? 25.319  -12.487 -32.932 1.00 25.82  ? 447  PRO A N   1 
ATOM   238  C CA  . PRO A 1 32  ? 24.393  -11.970 -33.942 1.00 24.43  ? 447  PRO A CA  1 
ATOM   239  C C   . PRO A 1 32  ? 23.015  -12.599 -33.779 1.00 25.22  ? 447  PRO A C   1 
ATOM   240  O O   . PRO A 1 32  ? 22.853  -13.594 -33.076 1.00 25.19  ? 447  PRO A O   1 
ATOM   241  C CB  . PRO A 1 32  ? 25.037  -12.419 -35.238 1.00 20.80  ? 447  PRO A CB  1 
ATOM   242  C CG  . PRO A 1 32  ? 25.545  -13.800 -34.866 1.00 24.10  ? 447  PRO A CG  1 
ATOM   243  C CD  . PRO A 1 32  ? 25.962  -13.728 -33.399 1.00 20.89  ? 447  PRO A CD  1 
ATOM   244  N N   . SER A 1 33  ? 22.017  -12.020 -34.430 1.00 31.71  ? 448  SER A N   1 
ATOM   245  C CA  . SER A 1 33  ? 20.687  -12.597 -34.368 1.00 35.95  ? 448  SER A CA  1 
ATOM   246  C C   . SER A 1 33  ? 20.794  -13.826 -35.272 1.00 37.76  ? 448  SER A C   1 
ATOM   247  O O   . SER A 1 33  ? 21.680  -13.900 -36.129 1.00 35.03  ? 448  SER A O   1 
ATOM   248  C CB  . SER A 1 33  ? 19.633  -11.601 -34.881 1.00 38.37  ? 448  SER A CB  1 
ATOM   249  O OG  . SER A 1 33  ? 19.778  -11.362 -36.263 1.00 44.33  ? 448  SER A OG  1 
ATOM   250  N N   . PRO A 1 34  ? 19.909  -14.812 -35.090 1.00 40.16  ? 449  PRO A N   1 
ATOM   251  C CA  . PRO A 1 34  ? 20.020  -15.992 -35.951 1.00 44.67  ? 449  PRO A CA  1 
ATOM   252  C C   . PRO A 1 34  ? 19.568  -15.752 -37.392 1.00 52.30  ? 449  PRO A C   1 
ATOM   253  O O   . PRO A 1 34  ? 18.644  -14.973 -37.645 1.00 53.47  ? 449  PRO A O   1 
ATOM   254  C CB  . PRO A 1 34  ? 19.160  -17.029 -35.241 1.00 42.90  ? 449  PRO A CB  1 
ATOM   255  C CG  . PRO A 1 34  ? 18.141  -16.218 -34.488 1.00 37.70  ? 449  PRO A CG  1 
ATOM   256  C CD  . PRO A 1 34  ? 18.784  -14.906 -34.143 1.00 37.57  ? 449  PRO A CD  1 
ATOM   257  N N   . GLN A 1 35  ? 20.232  -16.412 -38.335 1.00 60.20  ? 450  GLN A N   1 
ATOM   258  C CA  . GLN A 1 35  ? 19.873  -16.291 -39.747 1.00 69.79  ? 450  GLN A CA  1 
ATOM   259  C C   . GLN A 1 35  ? 18.759  -17.304 -40.025 1.00 73.61  ? 450  GLN A C   1 
ATOM   260  O O   . GLN A 1 35  ? 18.181  -17.867 -39.094 1.00 75.67  ? 450  GLN A O   1 
ATOM   261  C CB  . GLN A 1 35  ? 21.081  -16.605 -40.629 1.00 72.24  ? 450  GLN A CB  1 
ATOM   262  C CG  . GLN A 1 35  ? 21.717  -17.948 -40.313 1.00 80.67  ? 450  GLN A CG  1 
ATOM   263  C CD  . GLN A 1 35  ? 22.502  -18.519 -41.480 1.00 85.93  ? 450  GLN A CD  1 
ATOM   264  O OE1 . GLN A 1 35  ? 22.832  -17.809 -42.434 1.00 89.01  ? 450  GLN A OE1 1 
ATOM   265  N NE2 . GLN A 1 35  ? 22.809  -19.813 -41.409 1.00 87.28  ? 450  GLN A NE2 1 
ATOM   266  N N   . MET A 1 36  ? 18.450  -17.535 -41.299 1.00 77.19  ? 451  MET A N   1 
ATOM   267  C CA  . MET A 1 36  ? 17.410  -18.501 -41.638 1.00 80.76  ? 451  MET A CA  1 
ATOM   268  C C   . MET A 1 36  ? 17.960  -19.910 -41.390 1.00 81.10  ? 451  MET A C   1 
ATOM   269  O O   . MET A 1 36  ? 18.993  -20.295 -41.952 1.00 82.66  ? 451  MET A O   1 
ATOM   270  C CB  . MET A 1 36  ? 16.983  -18.342 -43.105 1.00 85.59  ? 451  MET A CB  1 
ATOM   271  C CG  . MET A 1 36  ? 15.807  -17.384 -43.325 1.00 89.36  ? 451  MET A CG  1 
ATOM   272  S SD  . MET A 1 36  ? 14.292  -17.820 -42.419 1.00 96.06  ? 451  MET A SD  1 
ATOM   273  C CE  . MET A 1 36  ? 13.434  -18.859 -43.645 1.00 94.14  ? 451  MET A CE  1 
ATOM   274  N N   . ASN A 1 37  ? 17.266  -20.662 -40.537 1.00 79.22  ? 452  ASN A N   1 
ATOM   275  C CA  . ASN A 1 37  ? 17.642  -22.030 -40.164 1.00 75.71  ? 452  ASN A CA  1 
ATOM   276  C C   . ASN A 1 37  ? 18.864  -22.111 -39.240 1.00 69.09  ? 452  ASN A C   1 
ATOM   277  O O   . ASN A 1 37  ? 19.434  -23.187 -39.035 1.00 66.80  ? 452  ASN A O   1 
ATOM   278  C CB  . ASN A 1 37  ? 17.862  -22.902 -41.408 1.00 80.43  ? 452  ASN A CB  1 
ATOM   279  C CG  . ASN A 1 37  ? 16.962  -24.132 -41.421 1.00 84.78  ? 452  ASN A CG  1 
ATOM   280  O OD1 . ASN A 1 37  ? 15.896  -24.148 -40.789 1.00 86.14  ? 452  ASN A OD1 1 
ATOM   281  N ND2 . ASN A 1 37  ? 17.386  -25.170 -42.136 1.00 87.84  ? 452  ASN A ND2 1 
ATOM   282  N N   . GLY A 1 38  ? 19.257  -20.965 -38.694 1.00 61.87  ? 453  GLY A N   1 
ATOM   283  C CA  . GLY A 1 38  ? 20.367  -20.923 -37.763 1.00 50.13  ? 453  GLY A CA  1 
ATOM   284  C C   . GLY A 1 38  ? 19.723  -21.097 -36.402 1.00 43.54  ? 453  GLY A C   1 
ATOM   285  O O   . GLY A 1 38  ? 18.559  -20.738 -36.225 1.00 43.59  ? 453  GLY A O   1 
ATOM   286  N N   . LYS A 1 39  ? 20.457  -21.642 -35.440 1.00 39.56  ? 454  LYS A N   1 
ATOM   287  C CA  . LYS A 1 39  ? 19.910  -21.872 -34.106 1.00 35.61  ? 454  LYS A CA  1 
ATOM   288  C C   . LYS A 1 39  ? 19.600  -20.589 -33.346 1.00 37.80  ? 454  LYS A C   1 
ATOM   289  O O   . LYS A 1 39  ? 20.406  -19.653 -33.326 1.00 38.57  ? 454  LYS A O   1 
ATOM   290  C CB  . LYS A 1 39  ? 20.890  -22.692 -33.263 1.00 35.51  ? 454  LYS A CB  1 
ATOM   291  C CG  . LYS A 1 39  ? 20.820  -24.203 -33.439 1.00 35.32  ? 454  LYS A CG  1 
ATOM   292  C CD  . LYS A 1 39  ? 22.099  -24.845 -32.920 1.00 38.27  ? 454  LYS A CD  1 
ATOM   293  C CE  . LYS A 1 39  ? 21.862  -26.228 -32.354 1.00 41.40  ? 454  LYS A CE  1 
ATOM   294  N NZ  . LYS A 1 39  ? 22.330  -26.342 -30.941 1.00 44.57  ? 454  LYS A NZ  1 
ATOM   295  N N   . PRO A 1 40  ? 18.416  -20.520 -32.717 1.00 35.22  ? 455  PRO A N   1 
ATOM   296  C CA  . PRO A 1 40  ? 18.037  -19.332 -31.945 1.00 33.20  ? 455  PRO A CA  1 
ATOM   297  C C   . PRO A 1 40  ? 18.813  -19.387 -30.629 1.00 32.65  ? 455  PRO A C   1 
ATOM   298  O O   . PRO A 1 40  ? 19.318  -20.440 -30.264 1.00 33.99  ? 455  PRO A O   1 
ATOM   299  C CB  . PRO A 1 40  ? 16.532  -19.505 -31.729 1.00 33.97  ? 455  PRO A CB  1 
ATOM   300  C CG  . PRO A 1 40  ? 16.125  -20.681 -32.608 1.00 30.56  ? 455  PRO A CG  1 
ATOM   301  C CD  . PRO A 1 40  ? 17.342  -21.523 -32.728 1.00 33.10  ? 455  PRO A CD  1 
ATOM   302  N N   . CYS A 1 41  ? 18.917  -18.270 -29.920 1.00 34.43  ? 456  CYS A N   1 
ATOM   303  C CA  . CYS A 1 41  ? 19.645  -18.248 -28.649 1.00 36.95  ? 456  CYS A CA  1 
ATOM   304  C C   . CYS A 1 41  ? 18.976  -19.140 -27.607 1.00 39.57  ? 456  CYS A C   1 
ATOM   305  O O   . CYS A 1 41  ? 17.753  -19.238 -27.548 1.00 43.54  ? 456  CYS A O   1 
ATOM   306  C CB  . CYS A 1 41  ? 19.711  -16.827 -28.090 1.00 38.60  ? 456  CYS A CB  1 
ATOM   307  S SG  . CYS A 1 41  ? 20.625  -15.639 -29.109 1.00 33.00  ? 456  CYS A SG  1 
ATOM   308  N N   . GLU A 1 42  ? 19.775  -19.777 -26.768 1.00 41.83  ? 457  GLU A N   1 
ATOM   309  C CA  . GLU A 1 42  ? 19.223  -20.642 -25.741 1.00 46.92  ? 457  GLU A CA  1 
ATOM   310  C C   . GLU A 1 42  ? 19.273  -19.946 -24.385 1.00 45.89  ? 457  GLU A C   1 
ATOM   311  O O   . GLU A 1 42  ? 20.309  -19.400 -23.996 1.00 46.80  ? 457  GLU A O   1 
ATOM   312  C CB  . GLU A 1 42  ? 20.015  -21.945 -25.679 1.00 53.33  ? 457  GLU A CB  1 
ATOM   313  C CG  . GLU A 1 42  ? 19.154  -23.180 -25.529 1.00 64.61  ? 457  GLU A CG  1 
ATOM   314  C CD  . GLU A 1 42  ? 19.282  -24.116 -26.714 1.00 68.98  ? 457  GLU A CD  1 
ATOM   315  O OE1 . GLU A 1 42  ? 19.809  -23.681 -27.760 1.00 70.76  ? 457  GLU A OE1 1 
ATOM   316  O OE2 . GLU A 1 42  ? 18.857  -25.284 -26.600 1.00 74.52  ? 457  GLU A OE2 1 
ATOM   317  N N   . GLY A 1 43  ? 18.156  -19.961 -23.667 1.00 44.28  ? 458  GLY A N   1 
ATOM   318  C CA  . GLY A 1 43  ? 18.136  -19.333 -22.360 1.00 41.97  ? 458  GLY A CA  1 
ATOM   319  C C   . GLY A 1 43  ? 17.092  -18.248 -22.212 1.00 41.48  ? 458  GLY A C   1 
ATOM   320  O O   . GLY A 1 43  ? 16.208  -18.106 -23.056 1.00 37.69  ? 458  GLY A O   1 
ATOM   321  N N   . GLU A 1 44  ? 17.206  -17.478 -21.135 1.00 44.68  ? 459  GLU A N   1 
ATOM   322  C CA  . GLU A 1 44  ? 16.259  -16.402 -20.848 1.00 47.97  ? 459  GLU A CA  1 
ATOM   323  C C   . GLU A 1 44  ? 16.715  -15.049 -21.388 1.00 44.66  ? 459  GLU A C   1 
ATOM   324  O O   . GLU A 1 44  ? 17.906  -14.725 -21.354 1.00 44.93  ? 459  GLU A O   1 
ATOM   325  C CB  . GLU A 1 44  ? 16.042  -16.296 -19.338 1.00 53.18  ? 459  GLU A CB  1 
ATOM   326  C CG  . GLU A 1 44  ? 15.340  -17.493 -18.730 1.00 60.60  ? 459  GLU A CG  1 
ATOM   327  C CD  . GLU A 1 44  ? 13.850  -17.464 -18.981 1.00 68.35  ? 459  GLU A CD  1 
ATOM   328  O OE1 . GLU A 1 44  ? 13.170  -16.592 -18.391 1.00 71.08  ? 459  GLU A OE1 1 
ATOM   329  O OE2 . GLU A 1 44  ? 13.361  -18.305 -19.769 1.00 72.29  ? 459  GLU A OE2 1 
ATOM   330  N N   . ALA A 1 45  ? 15.754  -14.270 -21.879 1.00 41.26  ? 460  ALA A N   1 
ATOM   331  C CA  . ALA A 1 45  ? 16.020  -12.946 -22.427 1.00 40.50  ? 460  ALA A CA  1 
ATOM   332  C C   . ALA A 1 45  ? 15.836  -11.860 -21.368 1.00 41.97  ? 460  ALA A C   1 
ATOM   333  O O   . ALA A 1 45  ? 16.221  -10.710 -21.568 1.00 41.93  ? 460  ALA A O   1 
ATOM   334  C CB  . ALA A 1 45  ? 15.103  -12.681 -23.605 1.00 36.27  ? 460  ALA A CB  1 
ATOM   335  N N   . ARG A 1 46  ? 15.229  -12.230 -20.246 1.00 44.71  ? 461  ARG A N   1 
ATOM   336  C CA  . ARG A 1 46  ? 15.006  -11.293 -19.150 1.00 45.02  ? 461  ARG A CA  1 
ATOM   337  C C   . ARG A 1 46  ? 15.375  -11.989 -17.861 1.00 42.45  ? 461  ARG A C   1 
ATOM   338  O O   . ARG A 1 46  ? 15.245  -13.203 -17.747 1.00 43.82  ? 461  ARG A O   1 
ATOM   339  C CB  . ARG A 1 46  ? 13.541  -10.862 -19.091 1.00 48.00  ? 461  ARG A CB  1 
ATOM   340  C CG  . ARG A 1 46  ? 13.066  -10.128 -20.326 1.00 56.25  ? 461  ARG A CG  1 
ATOM   341  C CD  . ARG A 1 46  ? 11.663  -9.595  -20.127 1.00 63.33  ? 461  ARG A CD  1 
ATOM   342  N NE  . ARG A 1 46  ? 11.526  -8.218  -20.595 1.00 68.52  ? 461  ARG A NE  1 
ATOM   343  C CZ  . ARG A 1 46  ? 11.087  -7.213  -19.842 1.00 71.37  ? 461  ARG A CZ  1 
ATOM   344  N NH1 . ARG A 1 46  ? 10.740  -7.429  -18.578 1.00 72.15  ? 461  ARG A NH1 1 
ATOM   345  N NH2 . ARG A 1 46  ? 10.998  -5.990  -20.350 1.00 73.65  ? 461  ARG A NH2 1 
ATOM   346  N N   . GLU A 1 47  ? 15.846  -11.225 -16.891 1.00 40.29  ? 462  GLU A N   1 
ATOM   347  C CA  . GLU A 1 47  ? 16.210  -11.804 -15.619 1.00 39.94  ? 462  GLU A CA  1 
ATOM   348  C C   . GLU A 1 47  ? 15.714  -10.917 -14.480 1.00 43.07  ? 462  GLU A C   1 
ATOM   349  O O   . GLU A 1 47  ? 16.265  -9.844  -14.218 1.00 43.29  ? 462  GLU A O   1 
ATOM   350  C CB  . GLU A 1 47  ? 17.717  -11.989 -15.549 1.00 39.56  ? 462  GLU A CB  1 
ATOM   351  C CG  . GLU A 1 47  ? 18.157  -12.821 -14.375 1.00 44.51  ? 462  GLU A CG  1 
ATOM   352  C CD  . GLU A 1 47  ? 19.659  -12.853 -14.222 1.00 48.65  ? 462  GLU A CD  1 
ATOM   353  O OE1 . GLU A 1 47  ? 20.145  -12.779 -13.072 1.00 56.25  ? 462  GLU A OE1 1 
ATOM   354  O OE2 . GLU A 1 47  ? 20.355  -12.953 -15.253 1.00 50.15  ? 462  GLU A OE2 1 
ATOM   355  N N   . THR A 1 48  ? 14.661  -11.381 -13.811 1.00 43.63  ? 463  THR A N   1 
ATOM   356  C CA  . THR A 1 48  ? 14.051  -10.663 -12.697 1.00 44.51  ? 463  THR A CA  1 
ATOM   357  C C   . THR A 1 48  ? 14.545  -11.159 -11.343 1.00 44.47  ? 463  THR A C   1 
ATOM   358  O O   . THR A 1 48  ? 14.287  -12.299 -10.973 1.00 47.49  ? 463  THR A O   1 
ATOM   359  C CB  . THR A 1 48  ? 12.522  -10.817 -12.719 1.00 43.10  ? 463  THR A CB  1 
ATOM   360  O OG1 . THR A 1 48  ? 11.973  -10.011 -13.765 1.00 46.58  ? 463  THR A OG1 1 
ATOM   361  C CG2 . THR A 1 48  ? 11.923  -10.389 -11.403 1.00 48.53  ? 463  THR A CG2 1 
ATOM   362  N N   . LYS A 1 49  ? 15.249  -10.299 -10.614 1.00 44.65  ? 464  LYS A N   1 
ATOM   363  C CA  . LYS A 1 49  ? 15.759  -10.629 -9.284  1.00 45.93  ? 464  LYS A CA  1 
ATOM   364  C C   . LYS A 1 49  ? 14.848  -9.943  -8.252  1.00 50.39  ? 464  LYS A C   1 
ATOM   365  O O   . LYS A 1 49  ? 13.910  -9.240  -8.626  1.00 51.20  ? 464  LYS A O   1 
ATOM   366  C CB  . LYS A 1 49  ? 17.190  -10.124 -9.138  1.00 42.96  ? 464  LYS A CB  1 
ATOM   367  C CG  . LYS A 1 49  ? 18.089  -11.025 -8.329  1.00 44.05  ? 464  LYS A CG  1 
ATOM   368  C CD  . LYS A 1 49  ? 19.241  -10.233 -7.729  1.00 45.95  ? 464  LYS A CD  1 
ATOM   369  C CE  . LYS A 1 49  ? 20.591  -10.732 -8.235  1.00 48.67  ? 464  LYS A CE  1 
ATOM   370  N NZ  . LYS A 1 49  ? 21.659  -9.687  -8.176  1.00 47.01  ? 464  LYS A NZ  1 
ATOM   371  N N   . ALA A 1 50  ? 15.107  -10.136 -6.961  1.00 52.73  ? 465  ALA A N   1 
ATOM   372  C CA  . ALA A 1 50  ? 14.254  -9.515  -5.945  1.00 51.14  ? 465  ALA A CA  1 
ATOM   373  C C   . ALA A 1 50  ? 14.989  -8.515  -5.066  1.00 50.69  ? 465  ALA A C   1 
ATOM   374  O O   . ALA A 1 50  ? 16.129  -8.750  -4.661  1.00 51.78  ? 465  ALA A O   1 
ATOM   375  C CB  . ALA A 1 50  ? 13.604  -10.587 -5.073  1.00 47.00  ? 465  ALA A CB  1 
ATOM   376  N N   . CYS A 1 51  ? 14.324  -7.396  -4.787  1.00 49.30  ? 466  CYS A N   1 
ATOM   377  C CA  . CYS A 1 51  ? 14.876  -6.351  -3.930  1.00 48.73  ? 466  CYS A CA  1 
ATOM   378  C C   . CYS A 1 51  ? 13.898  -6.138  -2.781  1.00 46.72  ? 466  CYS A C   1 
ATOM   379  O O   . CYS A 1 51  ? 12.681  -6.257  -2.951  1.00 42.70  ? 466  CYS A O   1 
ATOM   380  C CB  . CYS A 1 51  ? 15.061  -5.033  -4.696  1.00 49.22  ? 466  CYS A CB  1 
ATOM   381  S SG  . CYS A 1 51  ? 13.651  -4.565  -5.758  1.00 57.93  ? 466  CYS A SG  1 
ATOM   382  N N   . LYS A 1 52  ? 14.437  -5.834  -1.609  1.00 45.93  ? 467  LYS A N   1 
ATOM   383  C CA  . LYS A 1 52  ? 13.612  -5.608  -0.435  1.00 45.82  ? 467  LYS A CA  1 
ATOM   384  C C   . LYS A 1 52  ? 13.942  -4.262  0.190   1.00 43.25  ? 467  LYS A C   1 
ATOM   385  O O   . LYS A 1 52  ? 15.091  -3.999  0.551   1.00 44.28  ? 467  LYS A O   1 
ATOM   386  C CB  . LYS A 1 52  ? 13.831  -6.727  0.588   1.00 49.11  ? 467  LYS A CB  1 
ATOM   387  C CG  . LYS A 1 52  ? 13.197  -8.053  0.198   1.00 57.09  ? 467  LYS A CG  1 
ATOM   388  C CD  . LYS A 1 52  ? 13.100  -8.992  1.392   1.00 63.78  ? 467  LYS A CD  1 
ATOM   389  C CE  . LYS A 1 52  ? 12.939  -10.438 0.934   1.00 68.81  ? 467  LYS A CE  1 
ATOM   390  N NZ  . LYS A 1 52  ? 12.879  -11.391 2.077   1.00 69.42  ? 467  LYS A NZ  1 
ATOM   391  N N   . LYS A 1 53  ? 12.929  -3.411  0.302   1.00 39.89  ? 468  LYS A N   1 
ATOM   392  C CA  . LYS A 1 53  ? 13.092  -2.090  0.892   1.00 35.58  ? 468  LYS A CA  1 
ATOM   393  C C   . LYS A 1 53  ? 12.380  -2.061  2.231   1.00 32.29  ? 468  LYS A C   1 
ATOM   394  O O   . LYS A 1 53  ? 11.704  -3.016  2.608   1.00 30.17  ? 468  LYS A O   1 
ATOM   395  C CB  . LYS A 1 53  ? 12.506  -1.019  -0.028  1.00 35.54  ? 468  LYS A CB  1 
ATOM   396  C CG  . LYS A 1 53  ? 12.819  -1.234  -1.493  1.00 35.34  ? 468  LYS A CG  1 
ATOM   397  C CD  . LYS A 1 53  ? 14.253  -0.871  -1.785  1.00 37.83  ? 468  LYS A CD  1 
ATOM   398  C CE  . LYS A 1 53  ? 14.349  -0.087  -3.081  1.00 43.18  ? 468  LYS A CE  1 
ATOM   399  N NZ  . LYS A 1 53  ? 15.572  0.763   -3.148  1.00 46.38  ? 468  LYS A NZ  1 
ATOM   400  N N   . ASP A 1 54  ? 12.532  -0.963  2.951   1.00 32.25  ? 469  ASP A N   1 
ATOM   401  C CA  . ASP A 1 54  ? 11.889  -0.835  4.248   1.00 33.51  ? 469  ASP A CA  1 
ATOM   402  C C   . ASP A 1 54  ? 10.366  -0.885  4.136   1.00 27.83  ? 469  ASP A C   1 
ATOM   403  O O   . ASP A 1 54  ? 9.805   -0.614  3.078   1.00 25.12  ? 469  ASP A O   1 
ATOM   404  C CB  . ASP A 1 54  ? 12.359  0.451   4.922   1.00 38.41  ? 469  ASP A CB  1 
ATOM   405  C CG  . ASP A 1 54  ? 13.780  0.330   5.443   1.00 40.81  ? 469  ASP A CG  1 
ATOM   406  O OD1 . ASP A 1 54  ? 14.228  -0.814  5.667   1.00 42.74  ? 469  ASP A OD1 1 
ATOM   407  O OD2 . ASP A 1 54  ? 14.448  1.364   5.624   1.00 43.33  ? 469  ASP A OD2 1 
ATOM   408  N N   . ALA A 1 55  ? 9.707   -1.253  5.234   1.00 28.23  ? 470  ALA A N   1 
ATOM   409  C CA  . ALA A 1 55  ? 8.254   -1.368  5.261   1.00 24.34  ? 470  ALA A CA  1 
ATOM   410  C C   . ALA A 1 55  ? 7.581   -0.082  4.822   1.00 25.99  ? 470  ALA A C   1 
ATOM   411  O O   . ALA A 1 55  ? 8.055   1.016   5.126   1.00 24.81  ? 470  ALA A O   1 
ATOM   412  C CB  . ALA A 1 55  ? 7.780   -1.749  6.661   1.00 26.11  ? 470  ALA A CB  1 
ATOM   413  N N   . CYS A 1 56  ? 6.472   -0.230  4.102   1.00 22.18  ? 471  CYS A N   1 
ATOM   414  C CA  . CYS A 1 56  ? 5.708   0.904   3.619   1.00 25.53  ? 471  CYS A CA  1 
ATOM   415  C C   . CYS A 1 56  ? 4.908   1.535   4.760   1.00 25.02  ? 471  CYS A C   1 
ATOM   416  O O   . CYS A 1 56  ? 4.490   0.848   5.703   1.00 24.14  ? 471  CYS A O   1 
ATOM   417  C CB  . CYS A 1 56  ? 4.741   0.457   2.519   1.00 32.88  ? 471  CYS A CB  1 
ATOM   418  S SG  . CYS A 1 56  ? 5.539   -0.195  1.012   1.00 45.37  ? 471  CYS A SG  1 
ATOM   419  N N   . PRO A 1 57  ? 4.711   2.861   4.710   1.00 24.39  ? 472  PRO A N   1 
ATOM   420  C CA  . PRO A 1 57  ? 3.939   3.497   5.781   1.00 24.86  ? 472  PRO A CA  1 
ATOM   421  C C   . PRO A 1 57  ? 2.532   2.906   5.926   1.00 23.26  ? 472  PRO A C   1 
ATOM   422  O O   . PRO A 1 57  ? 1.901   2.514   4.946   1.00 24.32  ? 472  PRO A O   1 
ATOM   423  C CB  . PRO A 1 57  ? 3.905   4.978   5.389   1.00 25.74  ? 472  PRO A CB  1 
ATOM   424  C CG  . PRO A 1 57  ? 4.378   5.041   3.969   1.00 28.25  ? 472  PRO A CG  1 
ATOM   425  C CD  . PRO A 1 57  ? 5.221   3.835   3.728   1.00 23.51  ? 472  PRO A CD  1 
ATOM   426  N N   . ILE A 1 58  ? 2.057   2.818   7.160   1.00 22.31  ? 473  ILE A N   1 
ATOM   427  C CA  . ILE A 1 58  ? 0.719   2.316   7.429   1.00 20.14  ? 473  ILE A CA  1 
ATOM   428  C C   . ILE A 1 58  ? -0.075  3.521   7.956   1.00 20.97  ? 473  ILE A C   1 
ATOM   429  O O   . ILE A 1 58  ? 0.228   4.074   9.015   1.00 17.89  ? 473  ILE A O   1 
ATOM   430  C CB  . ILE A 1 58  ? 0.749   1.168   8.480   1.00 22.55  ? 473  ILE A CB  1 
ATOM   431  C CG1 . ILE A 1 58  ? 1.520   -0.029  7.916   1.00 21.84  ? 473  ILE A CG1 1 
ATOM   432  C CG2 . ILE A 1 58  ? -0.684  0.750   8.855   1.00 20.11  ? 473  ILE A CG2 1 
ATOM   433  C CD1 . ILE A 1 58  ? 2.056   -0.975  8.966   1.00 20.10  ? 473  ILE A CD1 1 
ATOM   434  N N   . ASN A 1 59  ? -1.070  3.950   7.189   1.00 20.66  ? 474  ASN A N   1 
ATOM   435  C CA  . ASN A 1 59  ? -1.875  5.092   7.580   1.00 20.07  ? 474  ASN A CA  1 
ATOM   436  C C   . ASN A 1 59  ? -2.897  4.679   8.608   1.00 19.74  ? 474  ASN A C   1 
ATOM   437  O O   . ASN A 1 59  ? -3.438  3.574   8.553   1.00 20.92  ? 474  ASN A O   1 
ATOM   438  C CB  . ASN A 1 59  ? -2.585  5.689   6.364   1.00 22.09  ? 474  ASN A CB  1 
ATOM   439  C CG  . ASN A 1 59  ? -1.620  6.297   5.371   1.00 24.96  ? 474  ASN A CG  1 
ATOM   440  O OD1 . ASN A 1 59  ? -0.679  6.986   5.754   1.00 22.44  ? 474  ASN A OD1 1 
ATOM   441  N ND2 . ASN A 1 59  ? -1.847  6.042   4.090   1.00 28.60  ? 474  ASN A ND2 1 
ATOM   442  N N   . GLY A 1 60  ? -3.161  5.567   9.552   1.00 18.01  ? 475  GLY A N   1 
ATOM   443  C CA  . GLY A 1 60  ? -4.131  5.247   10.568  1.00 17.12  ? 475  GLY A CA  1 
ATOM   444  C C   . GLY A 1 60  ? -5.519  5.091   9.993   1.00 20.40  ? 475  GLY A C   1 
ATOM   445  O O   . GLY A 1 60  ? -5.862  5.712   8.993   1.00 24.73  ? 475  GLY A O   1 
ATOM   446  N N   . GLY A 1 61  ? -6.313  4.229   10.618  1.00 19.59  ? 476  GLY A N   1 
ATOM   447  C CA  . GLY A 1 61  ? -7.681  4.017   10.197  1.00 16.37  ? 476  GLY A CA  1 
ATOM   448  C C   . GLY A 1 61  ? -8.510  3.985   11.468  1.00 16.99  ? 476  GLY A C   1 
ATOM   449  O O   . GLY A 1 61  ? -8.067  3.414   12.460  1.00 16.20  ? 476  GLY A O   1 
ATOM   450  N N   . TRP A 1 62  ? -9.696  4.593   11.448  1.00 19.05  ? 477  TRP A N   1 
ATOM   451  C CA  . TRP A 1 62  ? -10.588 4.625   12.616  1.00 20.09  ? 477  TRP A CA  1 
ATOM   452  C C   . TRP A 1 62  ? -11.231 3.271   12.912  1.00 22.27  ? 477  TRP A C   1 
ATOM   453  O O   . TRP A 1 62  ? -11.631 2.546   11.996  1.00 19.74  ? 477  TRP A O   1 
ATOM   454  C CB  . TRP A 1 62  ? -11.734 5.627   12.408  1.00 17.58  ? 477  TRP A CB  1 
ATOM   455  C CG  . TRP A 1 62  ? -11.337 7.065   12.470  1.00 19.17  ? 477  TRP A CG  1 
ATOM   456  C CD1 . TRP A 1 62  ? -11.458 7.991   11.475  1.00 18.71  ? 477  TRP A CD1 1 
ATOM   457  C CD2 . TRP A 1 62  ? -10.762 7.748   13.587  1.00 18.03  ? 477  TRP A CD2 1 
ATOM   458  N NE1 . TRP A 1 62  ? -10.993 9.209   11.903  1.00 18.69  ? 477  TRP A NE1 1 
ATOM   459  C CE2 . TRP A 1 62  ? -10.558 9.087   13.197  1.00 16.92  ? 477  TRP A CE2 1 
ATOM   460  C CE3 . TRP A 1 62  ? -10.398 7.357   14.884  1.00 20.79  ? 477  TRP A CE3 1 
ATOM   461  C CZ2 . TRP A 1 62  ? -10.008 10.040  14.051  1.00 16.95  ? 477  TRP A CZ2 1 
ATOM   462  C CZ3 . TRP A 1 62  ? -9.851  8.302   15.734  1.00 18.93  ? 477  TRP A CZ3 1 
ATOM   463  C CH2 . TRP A 1 62  ? -9.663  9.631   15.312  1.00 21.71  ? 477  TRP A CH2 1 
ATOM   464  N N   . GLY A 1 63  ? -11.326 2.938   14.195  1.00 23.78  ? 478  GLY A N   1 
ATOM   465  C CA  . GLY A 1 63  ? -11.991 1.714   14.588  1.00 23.89  ? 478  GLY A CA  1 
ATOM   466  C C   . GLY A 1 63  ? -13.465 2.091   14.692  1.00 27.28  ? 478  GLY A C   1 
ATOM   467  O O   . GLY A 1 63  ? -13.815 3.251   14.456  1.00 25.41  ? 478  GLY A O   1 
ATOM   468  N N   . PRO A 1 64  ? -14.362 1.149   15.046  1.00 28.14  ? 479  PRO A N   1 
ATOM   469  C CA  . PRO A 1 64  ? -15.795 1.463   15.155  1.00 25.27  ? 479  PRO A CA  1 
ATOM   470  C C   . PRO A 1 64  ? -16.108 2.435   16.293  1.00 24.83  ? 479  PRO A C   1 
ATOM   471  O O   . PRO A 1 64  ? -15.396 2.489   17.297  1.00 23.80  ? 479  PRO A O   1 
ATOM   472  C CB  . PRO A 1 64  ? -16.450 0.098   15.371  1.00 27.75  ? 479  PRO A CB  1 
ATOM   473  C CG  . PRO A 1 64  ? -15.368 -0.762  15.943  1.00 24.49  ? 479  PRO A CG  1 
ATOM   474  C CD  . PRO A 1 64  ? -14.071 -0.262  15.369  1.00 26.97  ? 479  PRO A CD  1 
ATOM   475  N N   . TRP A 1 65  ? -17.173 3.212   16.128  1.00 24.89  ? 480  TRP A N   1 
ATOM   476  C CA  . TRP A 1 65  ? -17.571 4.172   17.150  1.00 25.28  ? 480  TRP A CA  1 
ATOM   477  C C   . TRP A 1 65  ? -18.137 3.414   18.346  1.00 26.66  ? 480  TRP A C   1 
ATOM   478  O O   . TRP A 1 65  ? -18.787 2.383   18.175  1.00 29.39  ? 480  TRP A O   1 
ATOM   479  C CB  . TRP A 1 65  ? -18.672 5.081   16.619  1.00 25.26  ? 480  TRP A CB  1 
ATOM   480  C CG  . TRP A 1 65  ? -18.244 6.279   15.814  1.00 23.37  ? 480  TRP A CG  1 
ATOM   481  C CD1 . TRP A 1 65  ? -18.515 6.508   14.494  1.00 23.17  ? 480  TRP A CD1 1 
ATOM   482  C CD2 . TRP A 1 65  ? -17.609 7.472   16.299  1.00 19.75  ? 480  TRP A CD2 1 
ATOM   483  N NE1 . TRP A 1 65  ? -18.099 7.763   14.131  1.00 22.30  ? 480  TRP A NE1 1 
ATOM   484  C CE2 . TRP A 1 65  ? -17.540 8.378   15.220  1.00 18.63  ? 480  TRP A CE2 1 
ATOM   485  C CE3 . TRP A 1 65  ? -17.098 7.861   17.540  1.00 22.76  ? 480  TRP A CE3 1 
ATOM   486  C CZ2 . TRP A 1 65  ? -16.983 9.646   15.342  1.00 19.68  ? 480  TRP A CZ2 1 
ATOM   487  C CZ3 . TRP A 1 65  ? -16.545 9.127   17.661  1.00 21.87  ? 480  TRP A CZ3 1 
ATOM   488  C CH2 . TRP A 1 65  ? -16.492 10.004  16.568  1.00 22.31  ? 480  TRP A CH2 1 
ATOM   489  N N   . SER A 1 66  ? -17.886 3.908   19.552  1.00 28.40  ? 481  SER A N   1 
ATOM   490  C CA  . SER A 1 66  ? -18.450 3.273   20.744  1.00 30.28  ? 481  SER A CA  1 
ATOM   491  C C   . SER A 1 66  ? -19.946 3.586   20.734  1.00 32.79  ? 481  SER A C   1 
ATOM   492  O O   . SER A 1 66  ? -20.386 4.504   20.032  1.00 32.48  ? 481  SER A O   1 
ATOM   493  C CB  . SER A 1 66  ? -17.845 3.872   22.012  1.00 26.88  ? 481  SER A CB  1 
ATOM   494  O OG  . SER A 1 66  ? -18.409 5.148   22.287  1.00 26.96  ? 481  SER A OG  1 
ATOM   495  N N   . PRO A 1 67  ? -20.760 2.798   21.467  1.00 33.61  ? 482  PRO A N   1 
ATOM   496  C CA  . PRO A 1 67  ? -22.193 3.122   21.465  1.00 33.48  ? 482  PRO A CA  1 
ATOM   497  C C   . PRO A 1 67  ? -22.380 4.521   22.078  1.00 33.94  ? 482  PRO A C   1 
ATOM   498  O O   . PRO A 1 67  ? -21.557 4.959   22.887  1.00 32.42  ? 482  PRO A O   1 
ATOM   499  C CB  . PRO A 1 67  ? -22.815 2.022   22.331  1.00 32.12  ? 482  PRO A CB  1 
ATOM   500  C CG  . PRO A 1 67  ? -21.817 0.903   22.308  1.00 31.78  ? 482  PRO A CG  1 
ATOM   501  C CD  . PRO A 1 67  ? -20.471 1.587   22.253  1.00 32.12  ? 482  PRO A CD  1 
ATOM   502  N N   . TRP A 1 68  ? -23.440 5.222   21.679  1.00 34.90  ? 483  TRP A N   1 
ATOM   503  C CA  . TRP A 1 68  ? -23.716 6.561   22.204  1.00 37.20  ? 483  TRP A CA  1 
ATOM   504  C C   . TRP A 1 68  ? -23.972 6.519   23.709  1.00 41.02  ? 483  TRP A C   1 
ATOM   505  O O   . TRP A 1 68  ? -24.716 5.665   24.200  1.00 41.86  ? 483  TRP A O   1 
ATOM   506  C CB  . TRP A 1 68  ? -24.958 7.163   21.539  1.00 34.15  ? 483  TRP A CB  1 
ATOM   507  C CG  . TRP A 1 68  ? -24.730 7.855   20.232  1.00 27.15  ? 483  TRP A CG  1 
ATOM   508  C CD1 . TRP A 1 68  ? -25.198 7.460   19.013  1.00 25.80  ? 483  TRP A CD1 1 
ATOM   509  C CD2 . TRP A 1 68  ? -24.024 9.083   20.014  1.00 24.93  ? 483  TRP A CD2 1 
ATOM   510  N NE1 . TRP A 1 68  ? -24.830 8.364   18.048  1.00 28.17  ? 483  TRP A NE1 1 
ATOM   511  C CE2 . TRP A 1 68  ? -24.106 9.370   18.634  1.00 27.15  ? 483  TRP A CE2 1 
ATOM   512  C CE3 . TRP A 1 68  ? -23.330 9.968   20.847  1.00 22.90  ? 483  TRP A CE3 1 
ATOM   513  C CZ2 . TRP A 1 68  ? -23.521 10.510  18.067  1.00 22.53  ? 483  TRP A CZ2 1 
ATOM   514  C CZ3 . TRP A 1 68  ? -22.749 11.103  20.281  1.00 21.26  ? 483  TRP A CZ3 1 
ATOM   515  C CH2 . TRP A 1 68  ? -22.850 11.361  18.906  1.00 19.39  ? 483  TRP A CH2 1 
ATOM   516  N N   . ASP A 1 69  ? -23.356 7.442   24.440  1.00 43.72  ? 484  ASP A N   1 
ATOM   517  C CA  . ASP A 1 69  ? -23.576 7.529   25.875  1.00 47.45  ? 484  ASP A CA  1 
ATOM   518  C C   . ASP A 1 69  ? -25.062 7.828   26.037  1.00 50.54  ? 484  ASP A C   1 
ATOM   519  O O   . ASP A 1 69  ? -25.690 8.382   25.133  1.00 49.32  ? 484  ASP A O   1 
ATOM   520  C CB  . ASP A 1 69  ? -22.772 8.679   26.469  1.00 49.08  ? 484  ASP A CB  1 
ATOM   521  C CG  . ASP A 1 69  ? -21.421 8.246   26.953  1.00 49.94  ? 484  ASP A CG  1 
ATOM   522  O OD1 . ASP A 1 69  ? -20.983 7.137   26.583  1.00 56.11  ? 484  ASP A OD1 1 
ATOM   523  O OD2 . ASP A 1 69  ? -20.795 9.017   27.704  1.00 52.27  ? 484  ASP A OD2 1 
ATOM   524  N N   . ILE A 1 70  ? -25.638 7.468   27.176  1.00 54.76  ? 485  ILE A N   1 
ATOM   525  C CA  . ILE A 1 70  ? -27.052 7.738   27.357  1.00 56.57  ? 485  ILE A CA  1 
ATOM   526  C C   . ILE A 1 70  ? -27.253 9.241   27.558  1.00 58.80  ? 485  ILE A C   1 
ATOM   527  O O   . ILE A 1 70  ? -26.470 9.905   28.254  1.00 56.90  ? 485  ILE A O   1 
ATOM   528  C CB  . ILE A 1 70  ? -27.639 6.946   28.539  1.00 57.53  ? 485  ILE A CB  1 
ATOM   529  C CG1 . ILE A 1 70  ? -26.884 5.622   28.718  1.00 57.56  ? 485  ILE A CG1 1 
ATOM   530  C CG2 . ILE A 1 70  ? -29.122 6.686   28.280  1.00 58.16  ? 485  ILE A CG2 1 
ATOM   531  C CD1 . ILE A 1 70  ? -27.528 4.421   28.024  1.00 56.93  ? 485  ILE A CD1 1 
ATOM   532  N N   . CYS A 1 71  ? -28.300 9.768   26.926  1.00 60.18  ? 486  CYS A N   1 
ATOM   533  C CA  . CYS A 1 71  ? -28.613 11.190  26.987  1.00 61.61  ? 486  CYS A CA  1 
ATOM   534  C C   . CYS A 1 71  ? -28.614 11.758  28.397  1.00 61.39  ? 486  CYS A C   1 
ATOM   535  O O   . CYS A 1 71  ? -29.168 11.166  29.322  1.00 62.21  ? 486  CYS A O   1 
ATOM   536  C CB  . CYS A 1 71  ? -29.963 11.463  26.324  1.00 63.02  ? 486  CYS A CB  1 
ATOM   537  S SG  . CYS A 1 71  ? -30.145 13.182  25.752  1.00 65.09  ? 486  CYS A SG  1 
ATOM   538  N N   . SER A 1 72  ? -27.984 12.915  28.555  1.00 62.34  ? 487  SER A N   1 
ATOM   539  C CA  . SER A 1 72  ? -27.921 13.565  29.851  1.00 66.23  ? 487  SER A CA  1 
ATOM   540  C C   . SER A 1 72  ? -29.303 14.042  30.331  1.00 71.04  ? 487  SER A C   1 
ATOM   541  O O   . SER A 1 72  ? -29.426 14.546  31.449  1.00 71.93  ? 487  SER A O   1 
ATOM   542  C CB  . SER A 1 72  ? -26.948 14.750  29.793  1.00 62.32  ? 487  SER A CB  1 
ATOM   543  O OG  . SER A 1 72  ? -27.429 15.764  28.925  1.00 60.67  ? 487  SER A OG  1 
ATOM   544  N N   . VAL A 1 73  ? -30.338 13.869  29.497  1.00 74.65  ? 488  VAL A N   1 
ATOM   545  C CA  . VAL A 1 73  ? -31.703 14.308  29.836  1.00 76.65  ? 488  VAL A CA  1 
ATOM   546  C C   . VAL A 1 73  ? -32.835 13.569  29.084  1.00 78.54  ? 488  VAL A C   1 
ATOM   547  O O   . VAL A 1 73  ? -32.650 13.053  27.981  1.00 74.22  ? 488  VAL A O   1 
ATOM   548  C CB  . VAL A 1 73  ? -31.848 15.836  29.588  1.00 77.16  ? 488  VAL A CB  1 
ATOM   549  C CG1 . VAL A 1 73  ? -33.302 16.244  29.653  1.00 79.90  ? 488  VAL A CG1 1 
ATOM   550  C CG2 . VAL A 1 73  ? -31.037 16.625  30.617  1.00 78.96  ? 488  VAL A CG2 1 
ATOM   551  N N   . THR A 1 74  ? -34.023 13.551  29.700  1.00 82.81  ? 489  THR A N   1 
ATOM   552  C CA  . THR A 1 74  ? -35.204 12.877  29.151  1.00 87.77  ? 489  THR A CA  1 
ATOM   553  C C   . THR A 1 74  ? -36.308 13.813  28.641  1.00 89.98  ? 489  THR A C   1 
ATOM   554  O O   . THR A 1 74  ? -37.475 13.428  28.646  1.00 91.28  ? 489  THR A O   1 
ATOM   555  C CB  . THR A 1 74  ? -35.875 11.983  30.214  1.00 90.06  ? 489  THR A CB  1 
ATOM   556  O OG1 . THR A 1 74  ? -35.743 12.591  31.506  1.00 94.44  ? 489  THR A OG1 1 
ATOM   557  C CG2 . THR A 1 74  ? -35.259 10.586  30.209  1.00 88.10  ? 489  THR A CG2 1 
ATOM   558  N N   . CYS A 1 75  ? -35.965 15.016  28.190  1.00 91.65  ? 490  CYS A N   1 
ATOM   559  C CA  . CYS A 1 75  ? -36.994 15.950  27.714  1.00 92.14  ? 490  CYS A CA  1 
ATOM   560  C C   . CYS A 1 75  ? -36.536 17.202  26.992  1.00 91.07  ? 490  CYS A C   1 
ATOM   561  O O   . CYS A 1 75  ? -36.790 17.344  25.806  1.00 90.43  ? 490  CYS A O   1 
ATOM   562  C CB  . CYS A 1 75  ? -37.899 16.386  28.885  1.00 95.21  ? 490  CYS A CB  1 
ATOM   563  S SG  . CYS A 1 75  ? -37.016 17.215  30.266  1.00 100.00 ? 490  CYS A SG  1 
ATOM   564  N N   . GLY A 1 76  ? -35.849 18.097  27.696  1.00 89.51  ? 491  GLY A N   1 
ATOM   565  C CA  . GLY A 1 76  ? -35.437 19.343  27.083  1.00 90.40  ? 491  GLY A CA  1 
ATOM   566  C C   . GLY A 1 76  ? -34.144 19.476  26.289  1.00 90.68  ? 491  GLY A C   1 
ATOM   567  O O   . GLY A 1 76  ? -34.185 19.789  25.098  1.00 89.44  ? 491  GLY A O   1 
ATOM   568  N N   . GLY A 1 77  ? -33.004 19.295  26.942  1.00 89.37  ? 492  GLY A N   1 
ATOM   569  C CA  . GLY A 1 77  ? -31.740 19.441  26.237  1.00 85.01  ? 492  GLY A CA  1 
ATOM   570  C C   . GLY A 1 77  ? -30.671 18.489  26.732  1.00 81.81  ? 492  GLY A C   1 
ATOM   571  O O   . GLY A 1 77  ? -30.065 18.706  27.785  1.00 82.40  ? 492  GLY A O   1 
ATOM   572  N N   . GLY A 1 78  ? -30.447 17.430  25.968  1.00 77.61  ? 493  GLY A N   1 
ATOM   573  C CA  . GLY A 1 78  ? -29.433 16.464  26.342  1.00 71.82  ? 493  GLY A CA  1 
ATOM   574  C C   . GLY A 1 78  ? -28.179 16.548  25.488  1.00 66.95  ? 493  GLY A C   1 
ATOM   575  O O   . GLY A 1 78  ? -28.180 17.105  24.385  1.00 64.38  ? 493  GLY A O   1 
ATOM   576  N N   . VAL A 1 79  ? -27.104 15.996  26.024  1.00 63.36  ? 494  VAL A N   1 
ATOM   577  C CA  . VAL A 1 79  ? -25.825 15.948  25.339  1.00 57.91  ? 494  VAL A CA  1 
ATOM   578  C C   . VAL A 1 79  ? -25.271 14.548  25.593  1.00 53.37  ? 494  VAL A C   1 
ATOM   579  O O   . VAL A 1 79  ? -25.060 14.157  26.743  1.00 54.87  ? 494  VAL A O   1 
ATOM   580  C CB  . VAL A 1 79  ? -24.856 17.016  25.902  1.00 60.13  ? 494  VAL A CB  1 
ATOM   581  C CG1 . VAL A 1 79  ? -23.403 16.608  25.664  1.00 61.02  ? 494  VAL A CG1 1 
ATOM   582  C CG2 . VAL A 1 79  ? -25.143 18.351  25.252  1.00 61.53  ? 494  VAL A CG2 1 
ATOM   583  N N   . GLN A 1 80  ? -25.082 13.779  24.528  1.00 44.29  ? 495  GLN A N   1 
ATOM   584  C CA  . GLN A 1 80  ? -24.534 12.436  24.671  1.00 39.43  ? 495  GLN A CA  1 
ATOM   585  C C   . GLN A 1 80  ? -23.228 12.368  23.895  1.00 38.14  ? 495  GLN A C   1 
ATOM   586  O O   . GLN A 1 80  ? -23.085 13.016  22.857  1.00 35.09  ? 495  GLN A O   1 
ATOM   587  C CB  . GLN A 1 80  ? -25.518 11.388  24.156  1.00 32.75  ? 495  GLN A CB  1 
ATOM   588  C CG  . GLN A 1 80  ? -26.128 11.725  22.834  1.00 34.94  ? 495  GLN A CG  1 
ATOM   589  C CD  . GLN A 1 80  ? -27.004 10.612  22.324  1.00 38.26  ? 495  GLN A CD  1 
ATOM   590  O OE1 . GLN A 1 80  ? -27.217 9.617   23.016  1.00 41.14  ? 495  GLN A OE1 1 
ATOM   591  N NE2 . GLN A 1 80  ? -27.519 10.769  21.108  1.00 37.52  ? 495  GLN A NE2 1 
ATOM   592  N N   . LYS A 1 81  ? -22.280 11.596  24.419  1.00 38.47  ? 496  LYS A N   1 
ATOM   593  C CA  . LYS A 1 81  ? -20.960 11.435  23.812  1.00 37.78  ? 496  LYS A CA  1 
ATOM   594  C C   . LYS A 1 81  ? -20.779 10.100  23.079  1.00 37.38  ? 496  LYS A C   1 
ATOM   595  O O   . LYS A 1 81  ? -21.570 9.163   23.233  1.00 35.90  ? 496  LYS A O   1 
ATOM   596  C CB  . LYS A 1 81  ? -19.881 11.570  24.882  1.00 40.17  ? 496  LYS A CB  1 
ATOM   597  C CG  . LYS A 1 81  ? -18.916 12.690  24.641  1.00 43.64  ? 496  LYS A CG  1 
ATOM   598  C CD  . LYS A 1 81  ? -18.214 13.043  25.935  1.00 49.13  ? 496  LYS A CD  1 
ATOM   599  C CE  . LYS A 1 81  ? -18.683 14.387  26.469  1.00 52.20  ? 496  LYS A CE  1 
ATOM   600  N NZ  . LYS A 1 81  ? -18.039 15.529  25.759  1.00 56.43  ? 496  LYS A NZ  1 
ATOM   601  N N   . ARG A 1 82  ? -19.694 10.020  22.321  1.00 32.49  ? 497  ARG A N   1 
ATOM   602  C CA  . ARG A 1 82  ? -19.384 8.863   21.494  1.00 29.40  ? 497  ARG A CA  1 
ATOM   603  C C   . ARG A 1 82  ? -17.869 8.939   21.273  1.00 28.37  ? 497  ARG A C   1 
ATOM   604  O O   . ARG A 1 82  ? -17.354 10.024  21.013  1.00 28.11  ? 497  ARG A O   1 
ATOM   605  C CB  . ARG A 1 82  ? -20.133 9.073   20.187  1.00 31.09  ? 497  ARG A CB  1 
ATOM   606  C CG  . ARG A 1 82  ? -20.398 7.916   19.308  1.00 24.66  ? 497  ARG A CG  1 
ATOM   607  C CD  . ARG A 1 82  ? -20.747 8.485   17.952  1.00 19.24  ? 497  ARG A CD  1 
ATOM   608  N NE  . ARG A 1 82  ? -21.361 7.490   17.098  1.00 27.21  ? 497  ARG A NE  1 
ATOM   609  C CZ  . ARG A 1 82  ? -21.576 7.653   15.800  1.00 25.37  ? 497  ARG A CZ  1 
ATOM   610  N NH1 . ARG A 1 82  ? -21.229 8.780   15.194  1.00 24.18  ? 497  ARG A NH1 1 
ATOM   611  N NH2 . ARG A 1 82  ? -22.124 6.669   15.104  1.00 32.31  ? 497  ARG A NH2 1 
ATOM   612  N N   . SER A 1 83  ? -17.153 7.819   21.380  1.00 28.17  ? 498  SER A N   1 
ATOM   613  C CA  . SER A 1 83  ? -15.703 7.845   21.185  1.00 26.38  ? 498  SER A CA  1 
ATOM   614  C C   . SER A 1 83  ? -15.172 6.850   20.147  1.00 27.29  ? 498  SER A C   1 
ATOM   615  O O   . SER A 1 83  ? -15.797 5.825   19.870  1.00 26.70  ? 498  SER A O   1 
ATOM   616  C CB  . SER A 1 83  ? -14.994 7.632   22.517  1.00 27.19  ? 498  SER A CB  1 
ATOM   617  O OG  . SER A 1 83  ? -15.456 6.445   23.131  1.00 36.29  ? 498  SER A OG  1 
ATOM   618  N N   . ARG A 1 84  ? -13.996 7.173   19.609  1.00 26.86  ? 499  ARG A N   1 
ATOM   619  C CA  . ARG A 1 84  ? -13.302 6.415   18.553  1.00 27.00  ? 499  ARG A CA  1 
ATOM   620  C C   . ARG A 1 84  ? -11.870 6.077   18.953  1.00 26.36  ? 499  ARG A C   1 
ATOM   621  O O   . ARG A 1 84  ? -11.288 6.695   19.843  1.00 28.44  ? 499  ARG A O   1 
ATOM   622  C CB  . ARG A 1 84  ? -13.110 7.289   17.323  1.00 26.02  ? 499  ARG A CB  1 
ATOM   623  C CG  . ARG A 1 84  ? -14.058 7.253   16.211  1.00 22.66  ? 499  ARG A CG  1 
ATOM   624  C CD  . ARG A 1 84  ? -13.749 8.534   15.471  1.00 20.70  ? 499  ARG A CD  1 
ATOM   625  N NE  . ARG A 1 84  ? -14.172 8.506   14.090  1.00 28.25  ? 499  ARG A NE  1 
ATOM   626  C CZ  . ARG A 1 84  ? -14.193 9.572   13.309  1.00 24.42  ? 499  ARG A CZ  1 
ATOM   627  N NH1 . ARG A 1 84  ? -13.812 10.754  13.782  1.00 23.44  ? 499  ARG A NH1 1 
ATOM   628  N NH2 . ARG A 1 84  ? -14.599 9.446   12.055  1.00 37.25  ? 499  ARG A NH2 1 
ATOM   629  N N   . LEU A 1 85  ? -11.277 5.156   18.206  1.00 23.84  ? 500  LEU A N   1 
ATOM   630  C CA  . LEU A 1 85  ? -9.892  4.774   18.420  1.00 22.79  ? 500  LEU A CA  1 
ATOM   631  C C   . LEU A 1 85  ? -9.195  4.738   17.049  1.00 23.57  ? 500  LEU A C   1 
ATOM   632  O O   . LEU A 1 85  ? -9.723  4.165   16.093  1.00 21.10  ? 500  LEU A O   1 
ATOM   633  C CB  . LEU A 1 85  ? -9.830  3.391   19.058  1.00 24.45  ? 500  LEU A CB  1 
ATOM   634  C CG  . LEU A 1 85  ? -9.444  3.200   20.525  1.00 27.70  ? 500  LEU A CG  1 
ATOM   635  C CD1 . LEU A 1 85  ? -9.329  4.520   21.279  1.00 24.31  ? 500  LEU A CD1 1 
ATOM   636  C CD2 . LEU A 1 85  ? -10.478 2.296   21.145  1.00 27.29  ? 500  LEU A CD2 1 
ATOM   637  N N   . CYS A 1 86  ? -8.032  5.370   16.938  1.00 22.43  ? 501  CYS A N   1 
ATOM   638  C CA  . CYS A 1 86  ? -7.288  5.334   15.678  1.00 23.11  ? 501  CYS A CA  1 
ATOM   639  C C   . CYS A 1 86  ? -6.307  4.163   15.802  1.00 20.86  ? 501  CYS A C   1 
ATOM   640  O O   . CYS A 1 86  ? -5.111  4.350   16.039  1.00 23.00  ? 501  CYS A O   1 
ATOM   641  C CB  . CYS A 1 86  ? -6.531  6.648   15.447  1.00 24.50  ? 501  CYS A CB  1 
ATOM   642  S SG  . CYS A 1 86  ? -5.631  6.710   13.855  1.00 28.60  ? 501  CYS A SG  1 
ATOM   643  N N   . ASN A 1 87  ? -6.831  2.948   15.661  1.00 20.64  ? 502  ASN A N   1 
ATOM   644  C CA  . ASN A 1 87  ? -6.016  1.750   15.798  1.00 17.00  ? 502  ASN A CA  1 
ATOM   645  C C   . ASN A 1 87  ? -6.443  0.637   14.863  1.00 15.88  ? 502  ASN A C   1 
ATOM   646  O O   . ASN A 1 87  ? -6.084  -0.522  15.069  1.00 16.39  ? 502  ASN A O   1 
ATOM   647  C CB  . ASN A 1 87  ? -6.062  1.257   17.251  1.00 19.63  ? 502  ASN A CB  1 
ATOM   648  C CG  . ASN A 1 87  ? -7.444  0.772   17.668  1.00 17.05  ? 502  ASN A CG  1 
ATOM   649  O OD1 . ASN A 1 87  ? -8.427  0.923   16.939  1.00 19.71  ? 502  ASN A OD1 1 
ATOM   650  N ND2 . ASN A 1 87  ? -7.520  0.184   18.852  1.00 21.95  ? 502  ASN A ND2 1 
ATOM   651  N N   . ASN A 1 88  ? -7.203  0.993   13.831  1.00 17.56  ? 503  ASN A N   1 
ATOM   652  C CA  . ASN A 1 88  ? -7.676  0.024   12.852  1.00 18.18  ? 503  ASN A CA  1 
ATOM   653  C C   . ASN A 1 88  ? -7.292  0.410   11.412  1.00 18.57  ? 503  ASN A C   1 
ATOM   654  O O   . ASN A 1 88  ? -8.167  0.609   10.569  1.00 17.97  ? 503  ASN A O   1 
ATOM   655  C CB  . ASN A 1 88  ? -9.199  -0.111  12.957  1.00 17.61  ? 503  ASN A CB  1 
ATOM   656  C CG  . ASN A 1 88  ? -9.688  -1.487  12.557  1.00 18.17  ? 503  ASN A CG  1 
ATOM   657  O OD1 . ASN A 1 88  ? -9.446  -2.473  13.256  1.00 18.90  ? 503  ASN A OD1 1 
ATOM   658  N ND2 . ASN A 1 88  ? -10.372 -1.563  11.428  1.00 18.90  ? 503  ASN A ND2 1 
ATOM   659  N N   . PRO A 1 89  ? -5.978  0.488   11.101  1.00 21.54  ? 504  PRO A N   1 
ATOM   660  C CA  . PRO A 1 89  ? -4.812  0.246   11.959  1.00 19.89  ? 504  PRO A CA  1 
ATOM   661  C C   . PRO A 1 89  ? -4.236  1.500   12.624  1.00 19.22  ? 504  PRO A C   1 
ATOM   662  O O   . PRO A 1 89  ? -4.652  2.619   12.345  1.00 19.24  ? 504  PRO A O   1 
ATOM   663  C CB  . PRO A 1 89  ? -3.808  -0.361  10.993  1.00 16.74  ? 504  PRO A CB  1 
ATOM   664  C CG  . PRO A 1 89  ? -4.074  0.391   9.726   1.00 16.57  ? 504  PRO A CG  1 
ATOM   665  C CD  . PRO A 1 89  ? -5.537  0.836   9.738   1.00 18.32  ? 504  PRO A CD  1 
ATOM   666  N N   . THR A 1 90  ? -3.268  1.279   13.505  1.00 20.38  ? 505  THR A N   1 
ATOM   667  C CA  . THR A 1 90  ? -2.561  2.341   14.205  1.00 17.28  ? 505  THR A CA  1 
ATOM   668  C C   . THR A 1 90  ? -1.528  2.828   13.200  1.00 17.99  ? 505  THR A C   1 
ATOM   669  O O   . THR A 1 90  ? -0.901  2.010   12.527  1.00 20.32  ? 505  THR A O   1 
ATOM   670  C CB  . THR A 1 90  ? -1.768  1.782   15.414  1.00 18.29  ? 505  THR A CB  1 
ATOM   671  O OG1 . THR A 1 90  ? -2.666  1.245   16.386  1.00 20.44  ? 505  THR A OG1 1 
ATOM   672  C CG2 . THR A 1 90  ? -0.941  2.866   16.058  1.00 19.55  ? 505  THR A CG2 1 
ATOM   673  N N   . PRO A 1 91  ? -1.333  4.150   13.073  1.00 20.97  ? 506  PRO A N   1 
ATOM   674  C CA  . PRO A 1 91  ? -0.329  4.632   12.110  1.00 19.27  ? 506  PRO A CA  1 
ATOM   675  C C   . PRO A 1 91  ? 1.058   4.078   12.429  1.00 21.02  ? 506  PRO A C   1 
ATOM   676  O O   . PRO A 1 91  ? 1.444   3.995   13.591  1.00 22.70  ? 506  PRO A O   1 
ATOM   677  C CB  . PRO A 1 91  ? -0.377  6.145   12.254  1.00 16.16  ? 506  PRO A CB  1 
ATOM   678  C CG  . PRO A 1 91  ? -1.695  6.427   12.882  1.00 20.44  ? 506  PRO A CG  1 
ATOM   679  C CD  . PRO A 1 91  ? -2.019  5.257   13.754  1.00 18.10  ? 506  PRO A CD  1 
ATOM   680  N N   . GLN A 1 92  ? 1.809   3.706   11.397  1.00 20.91  ? 507  GLN A N   1 
ATOM   681  C CA  . GLN A 1 92  ? 3.142   3.150   11.593  1.00 19.11  ? 507  GLN A CA  1 
ATOM   682  C C   . GLN A 1 92  ? 4.072   3.473   10.438  1.00 20.37  ? 507  GLN A C   1 
ATOM   683  O O   . GLN A 1 92  ? 3.630   3.708   9.311   1.00 19.84  ? 507  GLN A O   1 
ATOM   684  C CB  . GLN A 1 92  ? 3.059   1.639   11.745  1.00 24.39  ? 507  GLN A CB  1 
ATOM   685  C CG  . GLN A 1 92  ? 2.826   1.164   13.160  1.00 35.47  ? 507  GLN A CG  1 
ATOM   686  C CD  . GLN A 1 92  ? 3.124   -0.309  13.301  1.00 42.36  ? 507  GLN A CD  1 
ATOM   687  O OE1 . GLN A 1 92  ? 2.270   -1.151  13.026  1.00 42.82  ? 507  GLN A OE1 1 
ATOM   688  N NE2 . GLN A 1 92  ? 4.350   -0.635  13.714  1.00 43.93  ? 507  GLN A NE2 1 
ATOM   689  N N   . PHE A 1 93  ? 5.368   3.460   10.722  1.00 22.73  ? 508  PHE A N   1 
ATOM   690  C CA  . PHE A 1 93  ? 6.379   3.754   9.719   1.00 26.15  ? 508  PHE A CA  1 
ATOM   691  C C   . PHE A 1 93  ? 6.097   5.065   8.976   1.00 25.31  ? 508  PHE A C   1 
ATOM   692  O O   . PHE A 1 93  ? 6.190   5.122   7.752   1.00 24.52  ? 508  PHE A O   1 
ATOM   693  C CB  . PHE A 1 93  ? 6.488   2.606   8.704   1.00 24.34  ? 508  PHE A CB  1 
ATOM   694  C CG  . PHE A 1 93  ? 6.535   1.235   9.329   1.00 29.15  ? 508  PHE A CG  1 
ATOM   695  C CD1 . PHE A 1 93  ? 5.688   0.221   8.882   1.00 29.56  ? 508  PHE A CD1 1 
ATOM   696  C CD2 . PHE A 1 93  ? 7.405   0.956   10.370  1.00 31.32  ? 508  PHE A CD2 1 
ATOM   697  C CE1 . PHE A 1 93  ? 5.708   -1.049  9.466   1.00 26.89  ? 508  PHE A CE1 1 
ATOM   698  C CE2 . PHE A 1 93  ? 7.429   -0.316  10.958  1.00 33.50  ? 508  PHE A CE2 1 
ATOM   699  C CZ  . PHE A 1 93  ? 6.576   -1.316  10.502  1.00 27.21  ? 508  PHE A CZ  1 
ATOM   700  N N   . GLY A 1 94  ? 5.740   6.112   9.713   1.00 22.14  ? 509  GLY A N   1 
ATOM   701  C CA  . GLY A 1 94  ? 5.492   7.391   9.077   1.00 24.11  ? 509  GLY A CA  1 
ATOM   702  C C   . GLY A 1 94  ? 4.144   7.561   8.409   1.00 27.46  ? 509  GLY A C   1 
ATOM   703  O O   . GLY A 1 94  ? 3.922   8.547   7.700   1.00 29.00  ? 509  GLY A O   1 
ATOM   704  N N   . GLY A 1 95  ? 3.243   6.604   8.620   1.00 27.49  ? 510  GLY A N   1 
ATOM   705  C CA  . GLY A 1 95  ? 1.914   6.694   8.043   1.00 21.46  ? 510  GLY A CA  1 
ATOM   706  C C   . GLY A 1 95  ? 1.185   7.898   8.610   1.00 22.54  ? 510  GLY A C   1 
ATOM   707  O O   . GLY A 1 95  ? 1.563   8.444   9.652   1.00 21.60  ? 510  GLY A O   1 
ATOM   708  N N   . LYS A 1 96  ? 0.135   8.315   7.922   1.00 20.92  ? 511  LYS A N   1 
ATOM   709  C CA  . LYS A 1 96  ? -0.642  9.458   8.347   1.00 21.48  ? 511  LYS A CA  1 
ATOM   710  C C   . LYS A 1 96  ? -1.538  9.142   9.530   1.00 22.66  ? 511  LYS A C   1 
ATOM   711  O O   . LYS A 1 96  ? -1.979  8.008   9.723   1.00 24.40  ? 511  LYS A O   1 
ATOM   712  C CB  . LYS A 1 96  ? -1.505  9.940   7.189   1.00 26.66  ? 511  LYS A CB  1 
ATOM   713  C CG  . LYS A 1 96  ? -0.738  10.695  6.145   1.00 31.30  ? 511  LYS A CG  1 
ATOM   714  C CD  . LYS A 1 96  ? -1.583  10.967  4.927   1.00 36.14  ? 511  LYS A CD  1 
ATOM   715  C CE  . LYS A 1 96  ? -0.976  12.116  4.131   1.00 41.46  ? 511  LYS A CE  1 
ATOM   716  N NZ  . LYS A 1 96  ? -1.529  12.191  2.756   1.00 50.68  ? 511  LYS A NZ  1 
ATOM   717  N N   . ASP A 1 97  ? -1.807  10.160  10.330  1.00 26.94  ? 512  ASP A N   1 
ATOM   718  C CA  . ASP A 1 97  ? -2.687  10.015  11.470  1.00 25.57  ? 512  ASP A CA  1 
ATOM   719  C C   . ASP A 1 97  ? -4.100  9.950   10.902  1.00 27.26  ? 512  ASP A C   1 
ATOM   720  O O   . ASP A 1 97  ? -4.327  10.287  9.738   1.00 27.35  ? 512  ASP A O   1 
ATOM   721  C CB  . ASP A 1 97  ? -2.544  11.231  12.382  1.00 30.82  ? 512  ASP A CB  1 
ATOM   722  C CG  . ASP A 1 97  ? -3.331  11.100  13.677  1.00 40.24  ? 512  ASP A CG  1 
ATOM   723  O OD1 . ASP A 1 97  ? -3.611  12.151  14.306  1.00 45.90  ? 512  ASP A OD1 1 
ATOM   724  O OD2 . ASP A 1 97  ? -3.664  9.959   14.073  1.00 34.78  ? 512  ASP A OD2 1 
ATOM   725  N N   . CYS A 1 98  ? -5.050  9.495   11.709  1.00 29.15  ? 513  CYS A N   1 
ATOM   726  C CA  . CYS A 1 98  ? -6.433  9.435   11.262  1.00 27.62  ? 513  CYS A CA  1 
ATOM   727  C C   . CYS A 1 98  ? -6.898  10.881  11.188  1.00 28.36  ? 513  CYS A C   1 
ATOM   728  O O   . CYS A 1 98  ? -6.393  11.754  11.906  1.00 28.90  ? 513  CYS A O   1 
ATOM   729  C CB  . CYS A 1 98  ? -7.313  8.700   12.277  1.00 26.56  ? 513  CYS A CB  1 
ATOM   730  S SG  . CYS A 1 98  ? -7.079  6.901   12.422  1.00 28.74  ? 513  CYS A SG  1 
ATOM   731  N N   . VAL A 1 99  ? -7.862  11.144  10.319  1.00 28.39  ? 514  VAL A N   1 
ATOM   732  C CA  . VAL A 1 99  ? -8.394  12.487  10.207  1.00 32.12  ? 514  VAL A CA  1 
ATOM   733  C C   . VAL A 1 99  ? -9.761  12.578  10.888  1.00 29.16  ? 514  VAL A C   1 
ATOM   734  O O   . VAL A 1 99  ? -10.689 11.842  10.568  1.00 29.08  ? 514  VAL A O   1 
ATOM   735  C CB  . VAL A 1 99  ? -8.535  12.917  8.733   1.00 34.85  ? 514  VAL A CB  1 
ATOM   736  C CG1 . VAL A 1 99  ? -9.390  14.177  8.636   1.00 33.11  ? 514  VAL A CG1 1 
ATOM   737  C CG2 . VAL A 1 99  ? -7.156  13.169  8.145   1.00 37.52  ? 514  VAL A CG2 1 
ATOM   738  N N   . GLY A 1 100 ? -9.873  13.477  11.849  1.00 29.64  ? 515  GLY A N   1 
ATOM   739  C CA  . GLY A 1 100 ? -11.134 13.627  12.527  1.00 30.60  ? 515  GLY A CA  1 
ATOM   740  C C   . GLY A 1 100 ? -10.968 13.609  14.022  1.00 34.15  ? 515  GLY A C   1 
ATOM   741  O O   . GLY A 1 100 ? -9.868  13.429  14.551  1.00 35.32  ? 515  GLY A O   1 
ATOM   742  N N   . ASP A 1 101 ? -12.097 13.787  14.693  1.00 37.84  ? 516  ASP A N   1 
ATOM   743  C CA  . ASP A 1 101 ? -12.173 13.818  16.142  1.00 40.42  ? 516  ASP A CA  1 
ATOM   744  C C   . ASP A 1 101 ? -12.251 12.423  16.734  1.00 37.13  ? 516  ASP A C   1 
ATOM   745  O O   . ASP A 1 101 ? -12.817 11.498  16.150  1.00 33.60  ? 516  ASP A O   1 
ATOM   746  C CB  . ASP A 1 101 ? -13.402 14.614  16.575  1.00 50.34  ? 516  ASP A CB  1 
ATOM   747  C CG  . ASP A 1 101 ? -14.475 14.687  15.482  1.00 64.38  ? 516  ASP A CG  1 
ATOM   748  O OD1 . ASP A 1 101 ? -14.331 14.021  14.425  1.00 67.56  ? 516  ASP A OD1 1 
ATOM   749  O OD2 . ASP A 1 101 ? -15.476 15.414  15.684  1.00 72.92  ? 516  ASP A OD2 1 
ATOM   750  N N   . VAL A 1 102 ? -11.678 12.293  17.916  1.00 35.46  ? 517  VAL A N   1 
ATOM   751  C CA  . VAL A 1 102 ? -11.666 11.038  18.630  1.00 35.30  ? 517  VAL A CA  1 
ATOM   752  C C   . VAL A 1 102 ? -13.005 10.886  19.374  1.00 35.20  ? 517  VAL A C   1 
ATOM   753  O O   . VAL A 1 102 ? -13.469 9.772   19.643  1.00 32.76  ? 517  VAL A O   1 
ATOM   754  C CB  . VAL A 1 102 ? -10.456 11.032  19.605  1.00 36.29  ? 517  VAL A CB  1 
ATOM   755  C CG1 . VAL A 1 102 ? -10.715 10.141  20.802  1.00 38.25  ? 517  VAL A CG1 1 
ATOM   756  C CG2 . VAL A 1 102 ? -9.215  10.584  18.855  1.00 34.33  ? 517  VAL A CG2 1 
ATOM   757  N N   . THR A 1 103 ? -13.636 12.017  19.676  1.00 33.59  ? 518  THR A N   1 
ATOM   758  C CA  . THR A 1 103 ? -14.907 12.030  20.394  1.00 33.75  ? 518  THR A CA  1 
ATOM   759  C C   . THR A 1 103 ? -15.956 12.810  19.620  1.00 31.61  ? 518  THR A C   1 
ATOM   760  O O   . THR A 1 103 ? -15.638 13.753  18.899  1.00 32.00  ? 518  THR A O   1 
ATOM   761  C CB  . THR A 1 103 ? -14.745 12.682  21.804  1.00 34.20  ? 518  THR A CB  1 
ATOM   762  O OG1 . THR A 1 103 ? -13.873 11.878  22.606  1.00 40.92  ? 518  THR A OG1 1 
ATOM   763  C CG2 . THR A 1 103 ? -16.089 12.801  22.515  1.00 36.02  ? 518  THR A CG2 1 
ATOM   764  N N   . GLU A 1 104 ? -17.210 12.415  19.786  1.00 29.93  ? 519  GLU A N   1 
ATOM   765  C CA  . GLU A 1 104 ? -18.320 13.076  19.123  1.00 32.17  ? 519  GLU A CA  1 
ATOM   766  C C   . GLU A 1 104 ? -19.419 13.429  20.130  1.00 34.95  ? 519  GLU A C   1 
ATOM   767  O O   . GLU A 1 104 ? -19.735 12.636  21.027  1.00 33.99  ? 519  GLU A O   1 
ATOM   768  C CB  . GLU A 1 104 ? -18.887 12.164  18.050  1.00 33.24  ? 519  GLU A CB  1 
ATOM   769  C CG  . GLU A 1 104 ? -19.720 12.872  17.038  1.00 35.40  ? 519  GLU A CG  1 
ATOM   770  C CD  . GLU A 1 104 ? -19.864 12.070  15.776  1.00 36.97  ? 519  GLU A CD  1 
ATOM   771  O OE1 . GLU A 1 104 ? -20.719 11.159  15.747  1.00 36.56  ? 519  GLU A OE1 1 
ATOM   772  O OE2 . GLU A 1 104 ? -19.121 12.350  14.811  1.00 41.60  ? 519  GLU A OE2 1 
ATOM   773  N N   . ASN A 1 105 ? -19.991 14.621  19.975  1.00 36.02  ? 520  ASN A N   1 
ATOM   774  C CA  . ASN A 1 105 ? -21.056 15.099  20.851  1.00 34.74  ? 520  ASN A CA  1 
ATOM   775  C C   . ASN A 1 105 ? -22.292 15.352  20.031  1.00 36.19  ? 520  ASN A C   1 
ATOM   776  O O   . ASN A 1 105 ? -22.208 15.561  18.826  1.00 38.94  ? 520  ASN A O   1 
ATOM   777  C CB  . ASN A 1 105 ? -20.660 16.401  21.527  1.00 36.61  ? 520  ASN A CB  1 
ATOM   778  C CG  . ASN A 1 105 ? -19.629 16.200  22.590  1.00 39.75  ? 520  ASN A CG  1 
ATOM   779  O OD1 . ASN A 1 105 ? -18.477 16.608  22.441  1.00 44.05  ? 520  ASN A OD1 1 
ATOM   780  N ND2 . ASN A 1 105 ? -20.028 15.557  23.681  1.00 45.25  ? 520  ASN A ND2 1 
ATOM   781  N N   . GLN A 1 106 ? -23.443 15.333  20.685  1.00 36.74  ? 521  GLN A N   1 
ATOM   782  C CA  . GLN A 1 106 ? -24.690 15.585  19.992  1.00 37.90  ? 521  GLN A CA  1 
ATOM   783  C C   . GLN A 1 106 ? -25.832 15.800  20.981  1.00 41.18  ? 521  GLN A C   1 
ATOM   784  O O   . GLN A 1 106 ? -25.852 15.191  22.051  1.00 41.74  ? 521  GLN A O   1 
ATOM   785  C CB  . GLN A 1 106 ? -24.986 14.430  19.021  1.00 34.81  ? 521  GLN A CB  1 
ATOM   786  C CG  . GLN A 1 106 ? -26.125 13.514  19.417  1.00 32.14  ? 521  GLN A CG  1 
ATOM   787  C CD  . GLN A 1 106 ? -26.383 12.415  18.401  1.00 30.86  ? 521  GLN A CD  1 
ATOM   788  O OE1 . GLN A 1 106 ? -26.881 11.343  18.749  1.00 33.23  ? 521  GLN A OE1 1 
ATOM   789  N NE2 . GLN A 1 106 ? -26.050 12.674  17.141  1.00 30.58  ? 521  GLN A NE2 1 
ATOM   790  N N   . ILE A 1 107 ? -26.757 16.693  20.628  1.00 45.72  ? 522  ILE A N   1 
ATOM   791  C CA  . ILE A 1 107 ? -27.922 16.989  21.467  1.00 49.40  ? 522  ILE A CA  1 
ATOM   792  C C   . ILE A 1 107 ? -28.940 15.866  21.282  1.00 50.61  ? 522  ILE A C   1 
ATOM   793  O O   . ILE A 1 107 ? -29.131 15.359  20.180  1.00 49.00  ? 522  ILE A O   1 
ATOM   794  C CB  . ILE A 1 107 ? -28.617 18.326  21.065  1.00 49.95  ? 522  ILE A CB  1 
ATOM   795  C CG1 . ILE A 1 107 ? -27.656 19.497  21.211  1.00 49.58  ? 522  ILE A CG1 1 
ATOM   796  C CG2 . ILE A 1 107 ? -29.831 18.577  21.943  1.00 50.78  ? 522  ILE A CG2 1 
ATOM   797  C CD1 . ILE A 1 107 ? -27.825 20.513  20.118  1.00 50.28  ? 522  ILE A CD1 1 
ATOM   798  N N   . CYS A 1 108 ? -29.604 15.488  22.362  1.00 55.06  ? 523  CYS A N   1 
ATOM   799  C CA  . CYS A 1 108 ? -30.590 14.425  22.280  1.00 61.28  ? 523  CYS A CA  1 
ATOM   800  C C   . CYS A 1 108 ? -31.807 14.698  23.155  1.00 64.80  ? 523  CYS A C   1 
ATOM   801  O O   . CYS A 1 108 ? -31.794 15.570  24.035  1.00 63.44  ? 523  CYS A O   1 
ATOM   802  C CB  . CYS A 1 108 ? -29.957 13.106  22.706  1.00 63.60  ? 523  CYS A CB  1 
ATOM   803  S SG  . CYS A 1 108 ? -28.882 13.290  24.168  1.00 71.35  ? 523  CYS A SG  1 
ATOM   804  N N   . ASN A 1 109 ? -32.860 13.935  22.896  1.00 68.73  ? 524  ASN A N   1 
ATOM   805  C CA  . ASN A 1 109 ? -34.094 14.052  23.648  1.00 73.42  ? 524  ASN A CA  1 
ATOM   806  C C   . ASN A 1 109 ? -34.553 15.488  23.784  1.00 78.79  ? 524  ASN A C   1 
ATOM   807  O O   . ASN A 1 109 ? -35.178 15.854  24.777  1.00 81.28  ? 524  ASN A O   1 
ATOM   808  C CB  . ASN A 1 109 ? -33.920 13.430  25.029  1.00 68.00  ? 524  ASN A CB  1 
ATOM   809  C CG  . ASN A 1 109 ? -34.327 11.986  25.053  1.00 66.23  ? 524  ASN A CG  1 
ATOM   810  O OD1 . ASN A 1 109 ? -34.806 11.453  24.050  1.00 64.34  ? 524  ASN A OD1 1 
ATOM   811  N ND2 . ASN A 1 109 ? -34.144 11.335  26.197  1.00 67.63  ? 524  ASN A ND2 1 
ATOM   812  N N   . LYS A 1 110 ? -34.223 16.307  22.797  1.00 83.76  ? 525  LYS A N   1 
ATOM   813  C CA  . LYS A 1 110 ? -34.654 17.688  22.819  1.00 89.61  ? 525  LYS A CA  1 
ATOM   814  C C   . LYS A 1 110 ? -36.088 17.645  22.275  1.00 94.22  ? 525  LYS A C   1 
ATOM   815  O O   . LYS A 1 110 ? -36.324 17.586  21.066  1.00 97.26  ? 525  LYS A O   1 
ATOM   816  C CB  . LYS A 1 110 ? -33.709 18.543  21.955  1.00 88.48  ? 525  LYS A CB  1 
ATOM   817  C CG  . LYS A 1 110 ? -34.366 19.350  20.852  1.00 91.34  ? 525  LYS A CG  1 
ATOM   818  C CD  . LYS A 1 110 ? -34.089 18.743  19.487  1.00 90.83  ? 525  LYS A CD  1 
ATOM   819  C CE  . LYS A 1 110 ? -35.137 19.179  18.478  1.00 92.28  ? 525  LYS A CE  1 
ATOM   820  N NZ  . LYS A 1 110 ? -34.527 19.437  17.149  1.00 93.89  ? 525  LYS A NZ  1 
ATOM   821  N N   . GLN A 1 111 ? -37.045 17.611  23.204  1.00 96.61  ? 526  GLN A N   1 
ATOM   822  C CA  . GLN A 1 111 ? -38.470 17.555  22.878  1.00 97.13  ? 526  GLN A CA  1 
ATOM   823  C C   . GLN A 1 111 ? -39.264 18.003  24.107  1.00 98.95  ? 526  GLN A C   1 
ATOM   824  O O   . GLN A 1 111 ? -38.684 18.333  25.135  1.00 100.00 ? 526  GLN A O   1 
ATOM   825  C CB  . GLN A 1 111 ? -38.889 16.123  22.509  1.00 97.08  ? 526  GLN A CB  1 
ATOM   826  C CG  . GLN A 1 111 ? -38.120 15.491  21.359  1.00 96.64  ? 526  GLN A CG  1 
ATOM   827  C CD  . GLN A 1 111 ? -37.854 14.005  21.563  1.00 97.79  ? 526  GLN A CD  1 
ATOM   828  O OE1 . GLN A 1 111 ? -36.984 13.427  20.909  1.00 98.58  ? 526  GLN A OE1 1 
ATOM   829  N NE2 . GLN A 1 111 ? -38.603 13.381  22.468  1.00 98.94  ? 526  GLN A NE2 1 
ATOM   830  N N   . ASP A 1 112 ? -40.591 18.018  24.001  1.00 99.90  ? 527  ASP A N   1 
ATOM   831  C CA  . ASP A 1 112 ? -41.468 18.406  25.117  1.00 100.00 ? 527  ASP A CA  1 
ATOM   832  C C   . ASP A 1 112 ? -40.900 18.070  26.509  1.00 100.00 ? 527  ASP A C   1 
ATOM   833  O O   . ASP A 1 112 ? -40.906 16.905  26.911  1.00 100.00 ? 527  ASP A O   1 
ATOM   834  C CB  . ASP A 1 112 ? -42.823 17.700  24.968  1.00 100.00 ? 527  ASP A CB  1 
ATOM   835  C CG  . ASP A 1 112 ? -42.733 16.186  25.214  1.00 100.00 ? 527  ASP A CG  1 
ATOM   836  O OD1 . ASP A 1 112 ? -42.477 15.434  24.248  1.00 100.00 ? 527  ASP A OD1 1 
ATOM   837  O OD2 . ASP A 1 112 ? -42.922 15.747  26.373  1.00 100.00 ? 527  ASP A OD2 1 
ATOM   838  N N   . CYS A 1 113 ? -40.414 19.051  27.261  1.00 99.84  ? 528  CYS A N   1 
ATOM   839  C CA  . CYS A 1 113 ? -39.899 18.691  28.573  1.00 100.00 ? 528  CYS A CA  1 
ATOM   840  C C   . CYS A 1 113 ? -40.921 18.843  29.683  1.00 100.00 ? 528  CYS A C   1 
ATOM   841  O O   . CYS A 1 113 ? -41.216 19.994  30.071  1.00 100.00 ? 528  CYS A O   1 
ATOM   842  C CB  . CYS A 1 113 ? -38.644 19.474  28.940  1.00 99.78  ? 528  CYS A CB  1 
ATOM   843  S SG  . CYS A 1 113 ? -37.978 18.981  30.577  1.00 100.00 ? 528  CYS A SG  1 
ATOM   844  O OXT . CYS A 1 113 ? -41.399 17.786  30.150  1.00 100.00 ? 528  CYS A OXT 1 
HETATM 845  C C1  . FUL B 2 .   ? 7.943   4.776   -2.201  1.00 62.38  ? 1432 FUL A C1  1 
HETATM 846  C C2  . FUL B 2 .   ? 8.915   5.246   -1.090  1.00 65.79  ? 1432 FUL A C2  1 
HETATM 847  O O2  . FUL B 2 .   ? 10.030  5.907   -1.676  1.00 70.33  ? 1432 FUL A O2  1 
HETATM 848  C C3  . FUL B 2 .   ? 8.235   6.211   -0.118  1.00 69.91  ? 1432 FUL A C3  1 
HETATM 849  O O3  . FUL B 2 .   ? 9.100   6.451   0.980   1.00 73.15  ? 1432 FUL A O3  1 
HETATM 850  C C4  . FUL B 2 .   ? 6.920   5.629   0.387   1.00 71.27  ? 1432 FUL A C4  1 
HETATM 851  O O4  . FUL B 2 .   ? 7.189   4.451   1.134   1.00 75.32  ? 1432 FUL A O4  1 
HETATM 852  C C5  . FUL B 2 .   ? 6.034   5.293   -0.810  1.00 71.10  ? 1432 FUL A C5  1 
HETATM 853  C C6  . FUL B 2 .   ? 4.691   4.705   -0.407  1.00 69.93  ? 1432 FUL A C6  1 
HETATM 854  O O5  . FUL B 2 .   ? 6.695   4.316   -1.641  1.00 69.35  ? 1432 FUL A O5  1 
HETATM 855  C C1  . FUC C 3 .   ? -36.917 12.700  32.276  1.00 95.34  ? 1489 FUC A C1  1 
HETATM 856  C C2  . FUC C 3 .   ? -38.168 12.031  31.649  1.00 95.60  ? 1489 FUC A C2  1 
HETATM 857  C C3  . FUC C 3 .   ? -39.330 12.168  32.642  1.00 96.07  ? 1489 FUC A C3  1 
HETATM 858  C C4  . FUC C 3 .   ? -39.540 13.636  33.046  1.00 96.12  ? 1489 FUC A C4  1 
HETATM 859  C C5  . FUC C 3 .   ? -38.221 14.304  33.486  1.00 95.49  ? 1489 FUC A C5  1 
HETATM 860  C C6  . FUC C 3 .   ? -38.374 15.803  33.656  1.00 95.31  ? 1489 FUC A C6  1 
HETATM 861  O O2  . FUC C 3 .   ? -37.938 10.655  31.382  1.00 93.58  ? 1489 FUC A O2  1 
HETATM 862  O O3  . FUC C 3 .   ? -40.522 11.644  32.066  1.00 96.49  ? 1489 FUC A O3  1 
HETATM 863  O O4  . FUC C 3 .   ? -40.123 14.361  31.971  1.00 97.86  ? 1489 FUC A O4  1 
HETATM 864  O O5  . FUC C 3 .   ? -37.181 14.092  32.500  1.00 94.49  ? 1489 FUC A O5  1 
HETATM 865  O O   . HOH D 4 .   ? 24.044  -6.191  -15.752 1.00 28.22  ? 1001 HOH A O   1 
HETATM 866  O O   . HOH D 4 .   ? 24.841  -4.334  -22.226 1.00 22.62  ? 1002 HOH A O   1 
HETATM 867  O O   . HOH D 4 .   ? 26.636  -6.303  -19.539 1.00 24.50  ? 1003 HOH A O   1 
HETATM 868  O O   . HOH D 4 .   ? 26.365  -5.589  -16.811 1.00 35.78  ? 1004 HOH A O   1 
HETATM 869  O O   . HOH D 4 .   ? 22.213  -20.270 -31.076 1.00 29.80  ? 1005 HOH A O   1 
HETATM 870  O O   . HOH D 4 .   ? -6.934  12.899  14.680  1.00 40.72  ? 1006 HOH A O   1 
HETATM 871  O O   . HOH D 4 .   ? 1.377   7.737   4.038   1.00 29.30  ? 1007 HOH A O   1 
HETATM 872  O O   . HOH D 4 .   ? -4.958  8.013   7.863   1.00 28.48  ? 1008 HOH A O   1 
HETATM 873  O O   . HOH D 4 .   ? -17.697 7.648   25.407  1.00 48.30  ? 1009 HOH A O   1 
HETATM 874  O O   . HOH D 4 .   ? -22.400 4.938   17.998  1.00 31.66  ? 1010 HOH A O   1 
HETATM 875  O O   . HOH D 4 .   ? 26.563  -9.102  -19.848 1.00 25.74  ? 1011 HOH A O   1 
HETATM 876  O O   . HOH D 4 .   ? 27.123  -13.207 -28.593 1.00 30.76  ? 1012 HOH A O   1 
HETATM 877  O O   . HOH D 4 .   ? 27.610  -11.554 -23.897 1.00 33.71  ? 1013 HOH A O   1 
HETATM 878  O O   . HOH D 4 .   ? 23.329  -2.735  -13.414 1.00 35.96  ? 1014 HOH A O   1 
HETATM 879  O O   . HOH D 4 .   ? 21.804  -0.695  -12.742 1.00 60.13  ? 1015 HOH A O   1 
HETATM 880  O O   . HOH D 4 .   ? 19.046  -1.944  -9.322  1.00 40.91  ? 1016 HOH A O   1 
HETATM 881  O O   . HOH D 4 .   ? 14.618  -9.031  -24.677 1.00 35.02  ? 1017 HOH A O   1 
HETATM 882  O O   . HOH D 4 .   ? 13.579  -6.524  -25.069 1.00 55.10  ? 1018 HOH A O   1 
HETATM 883  O O   . HOH D 4 .   ? 1.242   5.546   1.900   1.00 49.00  ? 1019 HOH A O   1 
HETATM 884  O O   . HOH D 4 .   ? 2.820   9.375   5.276   1.00 31.90  ? 1020 HOH A O   1 
HETATM 885  O O   . HOH D 4 .   ? 24.390  -12.288 -22.120 1.00 36.06  ? 1021 HOH A O   1 
HETATM 886  O O   . HOH D 4 .   ? 7.093   -5.433  -7.933  1.00 50.99  ? 1022 HOH A O   1 
HETATM 887  O O   . HOH D 4 .   ? 5.450   -4.827  -2.468  1.00 44.82  ? 1023 HOH A O   1 
HETATM 888  O O   . HOH D 4 .   ? 6.544   1.967   -4.053  1.00 44.88  ? 1024 HOH A O   1 
HETATM 889  O O   . HOH D 4 .   ? 6.101   -6.165  0.232   1.00 41.18  ? 1025 HOH A O   1 
HETATM 890  O O   . HOH D 4 .   ? 16.433  -19.310 -37.020 1.00 43.82  ? 1026 HOH A O   1 
HETATM 891  O O   . HOH D 4 .   ? 25.096  -6.672  -33.110 1.00 45.66  ? 1027 HOH A O   1 
HETATM 892  O O   . HOH D 4 .   ? 15.827  -11.040 -28.595 1.00 45.56  ? 1028 HOH A O   1 
HETATM 893  O O   . HOH D 4 .   ? -5.184  5.983   3.978   1.00 53.65  ? 1029 HOH A O   1 
HETATM 894  O O   . HOH D 4 .   ? -8.833  8.205   8.585   1.00 38.26  ? 1030 HOH A O   1 
HETATM 895  O O   . HOH D 4 .   ? -10.537 5.434   8.897   1.00 39.27  ? 1031 HOH A O   1 
HETATM 896  O O   . HOH D 4 .   ? -15.302 5.418   13.425  1.00 32.34  ? 1032 HOH A O   1 
HETATM 897  O O   . HOH D 4 .   ? -18.774 2.782   13.659  1.00 31.55  ? 1033 HOH A O   1 
HETATM 898  O O   . HOH D 4 .   ? -12.818 2.775   17.755  1.00 22.12  ? 1034 HOH A O   1 
HETATM 899  O O   . HOH D 4 .   ? -7.208  7.133   19.087  1.00 26.53  ? 1035 HOH A O   1 
HETATM 900  O O   . HOH D 4 .   ? -7.860  7.917   21.681  1.00 49.39  ? 1036 HOH A O   1 
HETATM 901  O O   . HOH D 4 .   ? -13.907 6.679   25.431  1.00 42.25  ? 1037 HOH A O   1 
HETATM 902  O O   . HOH D 4 .   ? -11.843 9.755   23.547  1.00 38.36  ? 1038 HOH A O   1 
HETATM 903  O O   . HOH D 4 .   ? -10.828 7.582   22.380  1.00 31.05  ? 1039 HOH A O   1 
HETATM 904  O O   . HOH D 4 .   ? -11.153 5.765   24.258  1.00 29.48  ? 1040 HOH A O   1 
HETATM 905  O O   . HOH D 4 .   ? 27.245  -17.304 -33.364 1.00 33.96  ? 1041 HOH A O   1 
HETATM 906  O O   . HOH D 4 .   ? 25.377  -1.815  -15.339 1.00 48.73  ? 1042 HOH A O   1 
HETATM 907  O O   . HOH D 4 .   ? 11.684  -0.677  -12.121 1.00 38.29  ? 1043 HOH A O   1 
HETATM 908  O O   . HOH D 4 .   ? 5.275   -0.086  -2.868  1.00 43.64  ? 1044 HOH A O   1 
HETATM 909  O O   . HOH D 4 .   ? 5.673   -2.379  -1.783  1.00 37.74  ? 1045 HOH A O   1 
HETATM 910  O O   . HOH D 4 .   ? 4.619   -8.307  -1.393  1.00 71.60  ? 1046 HOH A O   1 
HETATM 911  O O   . HOH D 4 .   ? 10.056  -9.704  -4.423  1.00 42.03  ? 1047 HOH A O   1 
HETATM 912  O O   . HOH D 4 .   ? 18.426  -5.300  -31.879 1.00 75.93  ? 1048 HOH A O   1 
HETATM 913  O O   . HOH D 4 .   ? 14.829  -14.147 -28.623 1.00 43.87  ? 1049 HOH A O   1 
HETATM 914  O O   . HOH D 4 .   ? 16.811  -8.083  -31.010 1.00 54.29  ? 1050 HOH A O   1 
HETATM 915  O O   . HOH D 4 .   ? 16.161  -21.872 -20.066 1.00 57.89  ? 1051 HOH A O   1 
HETATM 916  O O   . HOH D 4 .   ? 12.342  -14.451 -21.343 1.00 52.62  ? 1052 HOH A O   1 
HETATM 917  O O   . HOH D 4 .   ? 22.666  -12.428 -11.507 1.00 47.94  ? 1053 HOH A O   1 
HETATM 918  O O   . HOH D 4 .   ? 14.109  -14.725 -13.980 1.00 49.68  ? 1054 HOH A O   1 
HETATM 919  O O   . HOH D 4 .   ? 17.691  -6.429  -1.665  1.00 48.39  ? 1055 HOH A O   1 
HETATM 920  O O   . HOH D 4 .   ? 16.836  -3.026  -3.678  1.00 48.38  ? 1056 HOH A O   1 
HETATM 921  O O   . HOH D 4 .   ? 15.047  -3.711  4.544   1.00 50.98  ? 1057 HOH A O   1 
HETATM 922  O O   . HOH D 4 .   ? 4.310   -3.947  6.593   1.00 56.20  ? 1058 HOH A O   1 
HETATM 923  O O   . HOH D 4 .   ? 9.358   1.092   7.397   1.00 39.07  ? 1059 HOH A O   1 
HETATM 924  O O   . HOH D 4 .   ? 10.441  -4.352  4.856   1.00 39.32  ? 1060 HOH A O   1 
HETATM 925  O O   . HOH D 4 .   ? 7.679   -4.976  3.955   1.00 35.97  ? 1061 HOH A O   1 
HETATM 926  O O   . HOH D 4 .   ? 4.666   -7.341  3.781   1.00 48.26  ? 1062 HOH A O   1 
HETATM 927  O O   . HOH D 4 .   ? 5.308   -2.769  3.257   1.00 31.43  ? 1063 HOH A O   1 
HETATM 928  O O   . HOH D 4 .   ? 4.061   -3.479  0.854   1.00 40.80  ? 1064 HOH A O   1 
HETATM 929  O O   . HOH D 4 .   ? 3.850   -1.695  5.612   1.00 31.90  ? 1065 HOH A O   1 
HETATM 930  O O   . HOH D 4 .   ? 6.701   -5.307  7.029   1.00 34.85  ? 1066 HOH A O   1 
HETATM 931  O O   . HOH D 4 .   ? 8.605   -4.770  9.001   1.00 32.87  ? 1067 HOH A O   1 
HETATM 932  O O   . HOH D 4 .   ? 2.767   -6.081  5.359   1.00 32.88  ? 1068 HOH A O   1 
HETATM 933  O O   . HOH D 4 .   ? 1.574   -1.250  1.726   1.00 79.46  ? 1069 HOH A O   1 
HETATM 934  O O   . HOH D 4 .   ? -13.780 -0.141  11.622  1.00 39.06  ? 1070 HOH A O   1 
HETATM 935  O O   . HOH D 4 .   ? -6.216  4.033   6.571   1.00 36.27  ? 1071 HOH A O   1 
HETATM 936  O O   . HOH D 4 .   ? -18.485 11.640  12.357  1.00 47.43  ? 1072 HOH A O   1 
HETATM 937  O O   . HOH D 4 .   ? -22.187 7.032   11.945  1.00 62.10  ? 1073 HOH A O   1 
HETATM 938  O O   . HOH D 4 .   ? -3.294  5.824   16.986  1.00 34.93  ? 1074 HOH A O   1 
HETATM 939  O O   . HOH D 4 .   ? -2.788  8.611   16.058  1.00 30.99  ? 1075 HOH A O   1 
HETATM 940  O O   . HOH D 4 .   ? -9.114  14.213  18.694  1.00 55.07  ? 1076 HOH A O   1 
HETATM 941  O O   . HOH D 4 .   ? -6.312  10.554  15.801  1.00 36.36  ? 1077 HOH A O   1 
HETATM 942  O O   . HOH D 4 .   ? -5.564  9.620   17.980  1.00 41.60  ? 1078 HOH A O   1 
HETATM 943  O O   . HOH D 4 .   ? 1.513   5.834   15.663  1.00 31.28  ? 1079 HOH A O   1 
HETATM 944  O O   . HOH D 4 .   ? -5.071  5.118   19.639  1.00 38.72  ? 1080 HOH A O   1 
HETATM 945  O O   . HOH D 4 .   ? -0.154  -0.727  13.030  1.00 32.50  ? 1081 HOH A O   1 
HETATM 946  O O   . HOH D 4 .   ? 1.691   -2.871  14.520  1.00 25.45  ? 1082 HOH A O   1 
HETATM 947  O O   . HOH D 4 .   ? 2.604   -2.940  16.995  1.00 32.62  ? 1083 HOH A O   1 
HETATM 948  O O   . HOH D 4 .   ? 0.208   -1.217  17.458  1.00 41.59  ? 1084 HOH A O   1 
HETATM 949  O O   . HOH D 4 .   ? 2.057   0.678   17.342  1.00 37.56  ? 1085 HOH A O   1 
HETATM 950  O O   . HOH D 4 .   ? -4.765  14.266  11.474  1.00 30.97  ? 1086 HOH A O   1 
HETATM 951  O O   . HOH D 4 .   ? -3.589  12.825  9.134   1.00 24.68  ? 1087 HOH A O   1 
HETATM 952  O O   . HOH D 4 .   ? -0.866  12.671  9.766   1.00 30.86  ? 1088 HOH A O   1 
HETATM 953  O O   . HOH D 4 .   ? 29.047  -15.573 -35.233 1.00 53.68  ? 1089 HOH A O   1 
HETATM 954  O O   . HOH D 4 .   ? 29.429  -19.622 -30.997 1.00 67.37  ? 1090 HOH A O   1 
HETATM 955  O O   . HOH D 4 .   ? 10.426  2.796   -7.524  1.00 42.35  ? 1091 HOH A O   1 
HETATM 956  O O   . HOH D 4 .   ? -40.432 9.883   34.310  1.00 55.88  ? 1092 HOH A O   1 
HETATM 957  O O   . HOH D 4 .   ? 28.358  -24.373 -28.959 1.00 64.81  ? 1093 HOH A O   1 
HETATM 958  O O   . HOH D 4 .   ? -13.882 0.936   9.225   1.00 75.71  ? 1094 HOH A O   1 
HETATM 959  O O   . HOH D 4 .   ? 25.189  -16.456 -26.843 1.00 38.91  ? 1095 HOH A O   1 
HETATM 960  O O   . HOH D 4 .   ? 23.575  -22.444 -26.394 1.00 63.48  ? 1096 HOH A O   1 
HETATM 961  O O   . HOH D 4 .   ? 23.143  -4.394  -8.722  1.00 55.73  ? 1097 HOH A O   1 
HETATM 962  O O   . HOH D 4 .   ? 5.883   -6.880  -10.366 1.00 58.54  ? 1098 HOH A O   1 
HETATM 963  O O   . HOH D 4 .   ? 16.188  -23.018 -28.502 1.00 39.14  ? 1099 HOH A O   1 
HETATM 964  O O   . HOH D 4 .   ? 9.937   -7.297  -14.471 1.00 66.77  ? 1100 HOH A O   1 
HETATM 965  O O   . HOH D 4 .   ? 10.383  -4.787  -17.524 1.00 81.36  ? 1101 HOH A O   1 
HETATM 966  O O   . HOH D 4 .   ? 26.753  -12.028 -20.670 1.00 49.21  ? 1102 HOH A O   1 
HETATM 967  O O   . HOH D 4 .   ? 24.658  -4.619  -30.784 1.00 49.25  ? 1103 HOH A O   1 
HETATM 968  O O   . HOH D 4 .   ? -16.515 2.291   11.456  1.00 40.60  ? 1104 HOH A O   1 
HETATM 969  O O   . HOH D 4 .   ? 15.188  -27.490 -43.018 1.00 63.92  ? 1105 HOH A O   1 
HETATM 970  O O   . HOH D 4 .   ? 20.205  -27.458 -28.565 1.00 38.76  ? 1106 HOH A O   1 
HETATM 971  O O   . HOH D 4 .   ? 18.748  -23.109 -29.894 1.00 37.42  ? 1107 HOH A O   1 
HETATM 972  O O   . HOH D 4 .   ? -4.149  13.540  6.701   1.00 38.36  ? 1108 HOH A O   1 
HETATM 973  O O   . HOH D 4 .   ? -5.043  8.469   5.335   1.00 61.73  ? 1109 HOH A O   1 
HETATM 974  O O   . HOH D 4 .   ? -2.566  7.792   1.381   1.00 83.49  ? 1110 HOH A O   1 
HETATM 975  O O   . HOH D 4 .   ? 15.397  -21.411 -24.695 1.00 42.70  ? 1111 HOH A O   1 
HETATM 976  O O   . HOH D 4 .   ? 16.856  -12.647 -5.230  1.00 43.62  ? 1112 HOH A O   1 
HETATM 977  O O   . HOH D 4 .   ? 14.688  -13.602 -6.771  1.00 55.43  ? 1113 HOH A O   1 
HETATM 978  O O   . HOH D 4 .   ? 11.195  2.786   2.129   1.00 43.45  ? 1114 HOH A O   1 
HETATM 979  O O   . HOH D 4 .   ? 16.710  -0.037  2.531   1.00 53.57  ? 1115 HOH A O   1 
HETATM 980  O O   . HOH D 4 .   ? 15.068  -18.365 -25.292 1.00 77.48  ? 1116 HOH A O   1 
HETATM 981  O O   . HOH D 4 .   ? 15.524  -20.787 -27.264 1.00 54.89  ? 1117 HOH A O   1 
HETATM 982  O O   . HOH D 4 .   ? -13.498 5.943   8.356   1.00 65.72  ? 1118 HOH A O   1 
HETATM 983  O O   . HOH D 4 .   ? 4.751   6.338   12.206  1.00 38.05  ? 1119 HOH A O   1 
HETATM 984  O O   . HOH D 4 .   ? -19.786 5.885   24.485  1.00 49.47  ? 1120 HOH A O   1 
HETATM 985  O O   . HOH D 4 .   ? -21.354 2.539   17.496  1.00 45.36  ? 1121 HOH A O   1 
HETATM 986  O O   . HOH D 4 .   ? 26.643  -14.483 -23.043 1.00 50.06  ? 1122 HOH A O   1 
HETATM 987  O O   . HOH D 4 .   ? 24.579  -14.719 -17.785 1.00 44.88  ? 1123 HOH A O   1 
HETATM 988  O O   . HOH D 4 .   ? 23.362  -14.722 -15.519 1.00 56.28  ? 1124 HOH A O   1 
HETATM 989  O O   . HOH D 4 .   ? 25.131  1.134   -11.579 1.00 50.77  ? 1125 HOH A O   1 
HETATM 990  O O   . HOH D 4 .   ? 18.229  -7.870  -5.324  1.00 43.96  ? 1126 HOH A O   1 
HETATM 991  O O   . HOH D 4 .   ? 13.547  2.126   -5.106  1.00 52.32  ? 1127 HOH A O   1 
HETATM 992  O O   . HOH D 4 .   ? 3.573   -1.592  -5.293  1.00 54.84  ? 1128 HOH A O   1 
HETATM 993  O O   . HOH D 4 .   ? 26.989  -17.632 -29.723 1.00 57.52  ? 1129 HOH A O   1 
HETATM 994  O O   . HOH D 4 .   ? 23.135  -19.319 -24.314 1.00 71.62  ? 1130 HOH A O   1 
HETATM 995  O O   . HOH D 4 .   ? 16.166  -13.737 -32.835 1.00 39.35  ? 1131 HOH A O   1 
HETATM 996  O O   . HOH D 4 .   ? 16.363  -16.322 -31.170 1.00 44.27  ? 1132 HOH A O   1 
HETATM 997  O O   . HOH D 4 .   ? 16.005  -16.686 -28.513 1.00 47.68  ? 1133 HOH A O   1 
HETATM 998  O O   . HOH D 4 .   ? 19.467  -12.802 -40.720 1.00 45.15  ? 1134 HOH A O   1 
HETATM 999  O O   . HOH D 4 .   ? 16.323  -10.991 -37.348 1.00 53.25  ? 1135 HOH A O   1 
HETATM 1000 O O   . HOH D 4 .   ? 15.103  -13.405 -2.021  1.00 58.44  ? 1136 HOH A O   1 
HETATM 1001 O O   . HOH D 4 .   ? 8.826   -7.765  3.736   1.00 53.17  ? 1137 HOH A O   1 
HETATM 1002 O O   . HOH D 4 .   ? 12.026  -3.574  -11.738 1.00 42.76  ? 1138 HOH A O   1 
HETATM 1003 O O   . HOH D 4 .   ? 15.571  -3.826  -29.769 1.00 69.55  ? 1139 HOH A O   1 
HETATM 1004 O O   . HOH D 4 .   ? 13.751  -4.301  -27.753 1.00 67.80  ? 1140 HOH A O   1 
HETATM 1005 O O   . HOH D 4 .   ? -29.616 7.165   21.554  1.00 70.54  ? 1141 HOH A O   1 
HETATM 1006 O O   . HOH D 4 .   ? -28.353 9.112   17.420  1.00 63.41  ? 1142 HOH A O   1 
HETATM 1007 O O   . HOH D 4 .   ? -27.493 18.670  29.211  1.00 55.80  ? 1143 HOH A O   1 
HETATM 1008 O O   . HOH D 4 .   ? -2.579  7.153   21.060  1.00 57.82  ? 1144 HOH A O   1 
HETATM 1009 O O   . HOH D 4 .   ? -10.244 17.357  11.912  1.00 47.69  ? 1145 HOH A O   1 
HETATM 1010 O O   . HOH D 4 .   ? -18.764 17.140  18.584  1.00 61.51  ? 1146 HOH A O   1 
HETATM 1011 O O   . HOH D 4 .   ? -8.974  16.707  14.796  1.00 54.02  ? 1147 HOH A O   1 
HETATM 1012 O O   . HOH D 4 .   ? -12.004 16.846  16.369  1.00 42.40  ? 1148 HOH A O   1 
HETATM 1013 O O   . HOH D 4 .   ? 1.413   -0.474  4.247   1.00 46.43  ? 1149 HOH A O   1 
HETATM 1014 O O   . HOH D 4 .   ? -39.918 12.363  29.472  1.00 78.97  ? 1150 HOH A O   1 
HETATM 1015 O O   . HOH D 4 .   ? -33.567 18.952  14.947  1.00 77.66  ? 1151 HOH A O   1 
HETATM 1016 O O   . HOH D 4 .   ? -43.327 16.512  29.076  1.00 79.36  ? 1152 HOH A O   1 
HETATM 1017 O O   . HOH D 4 .   ? -34.367 18.821  29.688  1.00 47.62  ? 1153 HOH A O   1 
HETATM 1018 O O   . HOH D 4 .   ? -43.462 14.077  29.576  1.00 59.45  ? 1154 HOH A O   1 
# 
